data_2WH8
#
_entry.id   2WH8
#
_cell.length_a   53.713
_cell.length_b   84.900
_cell.length_c   90.158
_cell.angle_alpha   96.56
_cell.angle_beta   90.02
_cell.angle_gamma   108.43
#
_symmetry.space_group_name_H-M   'P 1'
#
loop_
_entity.id
_entity.type
_entity.pdbx_description
1 polymer 'PUTATIVE CYTOCHROME P450 130'
2 non-polymer 'PROTOPORPHYRIN IX CONTAINING FE'
3 non-polymer 5-AMINO-2-{4-[(4-AMINOPHENYL)SULFANYL]PHENYL}-1H-ISOINDOLE-1,3(2H)-DIONE
4 water water
#
_entity_poly.entity_id   1
_entity_poly.type   'polypeptide(L)'
_entity_poly.pdbx_seq_one_letter_code
;MHHHHHHTSVMSHEFQLATAETWPNPWPMYRALRDHDPVHHVVPPQRPEYDYYVLSRHADVWSAARDHQTFSSAQGLTVN
YGELEMIGLHDTPPMVMQDPPVHTEFRKLVSRGFTPRQVETVEPTVRKFVVERLEKLRANGGGDIVTELFKPLPSMVVAH
YLGVPEEDWTQFDGWTQAIVAANAVDGATTGALDAVGSMMAYFTGLIERRRTEPADDAISHLVAAGVGADGDTAGTLSIL
AFTFTMVTGGNDTVTGMLGGSMPLLHRRPDQRRLLLDDPEGIPDAVEELLRLTSPVQGLARTTTRDVTIGDTTIPAGRRV
LLLYGSANRDERQYGPDAAELDVTRCPRNILTFSHGAHHCLGAAAARMQCRVALTELLARCPDFEVAESRIVWSGGSYVR
RPLSVPFRVTSSR
;
_entity_poly.pdbx_strand_id   A,B,C,D
#
# COMPACT_ATOMS: atom_id res chain seq x y z
N SER A 12 32.85 31.24 24.62
CA SER A 12 31.44 30.74 24.63
C SER A 12 31.30 29.22 24.39
N HIS A 13 30.31 28.63 25.05
CA HIS A 13 29.91 27.24 24.87
C HIS A 13 28.62 27.21 24.10
N GLU A 14 28.11 28.39 23.79
CA GLU A 14 26.85 28.50 23.05
C GLU A 14 27.06 27.98 21.61
N PHE A 15 26.07 27.29 21.03
CA PHE A 15 26.20 26.86 19.62
C PHE A 15 26.29 28.03 18.71
N GLN A 16 27.26 27.97 17.81
CA GLN A 16 27.34 28.95 16.77
C GLN A 16 28.11 28.26 15.63
N LEU A 17 27.81 28.68 14.43
CA LEU A 17 28.60 28.22 13.28
C LEU A 17 29.92 28.93 13.36
N ALA A 18 30.99 28.17 13.13
CA ALA A 18 32.37 28.65 13.31
C ALA A 18 32.73 29.80 12.41
N THR A 19 33.66 30.60 12.90
CA THR A 19 34.24 31.66 12.11
C THR A 19 35.75 31.51 12.36
N ALA A 20 36.55 32.30 11.65
CA ALA A 20 38.01 32.23 11.85
C ALA A 20 38.38 32.50 13.30
N GLU A 21 37.55 33.30 13.97
CA GLU A 21 37.79 33.60 15.37
C GLU A 21 37.51 32.45 16.33
N THR A 22 36.64 31.52 15.91
CA THR A 22 36.24 30.45 16.81
C THR A 22 36.85 29.10 16.44
N TRP A 23 37.41 29.00 15.24
CA TRP A 23 38.08 27.76 14.86
C TRP A 23 39.24 27.32 15.78
N PRO A 24 39.89 28.29 16.48
CA PRO A 24 41.00 27.85 17.28
C PRO A 24 40.61 26.79 18.27
N ASN A 25 39.41 26.95 18.89
CA ASN A 25 38.99 26.11 19.99
C ASN A 25 37.45 25.93 20.03
N PRO A 26 36.90 25.14 19.10
CA PRO A 26 35.47 24.85 19.10
C PRO A 26 35.10 23.70 20.03
N TRP A 27 36.12 23.03 20.55
CA TRP A 27 35.93 21.76 21.25
C TRP A 27 35.04 21.85 22.52
N PRO A 28 35.11 22.99 23.27
CA PRO A 28 34.29 22.97 24.49
C PRO A 28 32.83 23.02 24.10
N MET A 29 32.55 23.76 23.04
CA MET A 29 31.18 23.97 22.63
C MET A 29 30.65 22.64 22.13
N TYR A 30 31.46 21.88 21.40
CA TYR A 30 31.04 20.52 20.97
C TYR A 30 30.69 19.73 22.21
N ARG A 31 31.49 19.89 23.26
CA ARG A 31 31.31 19.06 24.46
C ARG A 31 30.03 19.42 25.19
N ALA A 32 29.77 20.72 25.33
CA ALA A 32 28.49 21.23 25.88
C ALA A 32 27.27 20.69 25.11
N LEU A 33 27.35 20.69 23.77
CA LEU A 33 26.33 20.02 22.96
C LEU A 33 26.16 18.53 23.26
N ARG A 34 27.26 17.81 23.27
CA ARG A 34 27.22 16.34 23.41
C ARG A 34 26.72 15.87 24.74
N ASP A 35 26.97 16.71 25.75
CA ASP A 35 26.57 16.35 27.12
C ASP A 35 25.18 16.82 27.43
N HIS A 36 24.83 18.02 26.98
CA HIS A 36 23.60 18.61 27.44
C HIS A 36 22.51 18.76 26.41
N ASP A 37 22.85 18.62 25.11
CA ASP A 37 21.86 18.82 24.08
C ASP A 37 22.35 18.19 22.78
N PRO A 38 22.45 16.86 22.77
CA PRO A 38 23.01 16.14 21.63
C PRO A 38 22.14 16.19 20.37
N VAL A 39 20.83 16.36 20.53
CA VAL A 39 19.98 16.69 19.38
C VAL A 39 19.52 18.12 19.48
N HIS A 40 20.43 19.03 19.11
CA HIS A 40 20.29 20.42 19.43
C HIS A 40 19.48 21.21 18.37
N HIS A 41 18.44 21.90 18.83
CA HIS A 41 17.61 22.68 17.97
C HIS A 41 18.12 24.12 17.88
N VAL A 42 18.64 24.47 16.72
CA VAL A 42 18.94 25.84 16.41
C VAL A 42 17.80 26.63 15.80
N VAL A 43 17.39 27.67 16.51
CA VAL A 43 16.39 28.53 16.01
C VAL A 43 17.07 29.85 15.92
N PRO A 44 17.49 30.23 14.69
CA PRO A 44 18.15 31.50 14.45
C PRO A 44 17.25 32.68 14.82
N PRO A 45 17.67 33.49 15.83
CA PRO A 45 16.73 34.53 16.25
C PRO A 45 16.15 35.35 15.12
N GLN A 46 17.01 35.84 14.22
CA GLN A 46 16.56 36.63 13.09
C GLN A 46 15.79 35.82 12.02
N ARG A 47 15.94 34.51 11.98
CA ARG A 47 15.16 33.75 10.99
C ARG A 47 14.71 32.41 11.56
N PRO A 48 13.73 32.45 12.47
CA PRO A 48 13.32 31.23 13.15
C PRO A 48 12.81 30.11 12.21
N GLU A 49 12.23 30.51 11.08
CA GLU A 49 11.77 29.61 9.98
C GLU A 49 12.89 28.71 9.45
N TYR A 50 14.13 29.19 9.58
CA TYR A 50 15.30 28.46 9.09
C TYR A 50 15.92 27.68 10.19
N ASP A 51 15.10 27.25 11.14
CA ASP A 51 15.60 26.43 12.19
C ASP A 51 16.16 25.17 11.60
N TYR A 52 17.05 24.59 12.36
CA TYR A 52 17.64 23.36 12.00
C TYR A 52 18.15 22.70 13.22
N TYR A 53 18.66 21.49 13.02
CA TYR A 53 19.14 20.66 14.08
C TYR A 53 20.61 20.42 13.95
N VAL A 54 21.21 20.01 15.05
CA VAL A 54 22.63 19.74 15.14
C VAL A 54 22.95 18.41 15.87
N LEU A 55 23.74 17.54 15.24
CA LEU A 55 24.16 16.27 15.82
C LEU A 55 25.65 16.16 16.18
N SER A 56 25.93 15.96 17.47
CA SER A 56 27.28 16.08 18.00
C SER A 56 27.80 14.74 18.46
N ARG A 57 26.90 13.81 18.71
CA ARG A 57 27.41 12.57 19.23
C ARG A 57 27.77 11.59 18.14
N HIS A 58 28.79 10.79 18.43
CA HIS A 58 29.36 9.85 17.49
C HIS A 58 28.32 8.89 16.94
N ALA A 59 27.57 8.26 17.82
CA ALA A 59 26.64 7.26 17.37
C ALA A 59 25.54 7.88 16.49
N ASP A 60 25.11 9.10 16.81
CA ASP A 60 24.02 9.70 16.06
C ASP A 60 24.58 10.07 14.66
N VAL A 61 25.73 10.73 14.66
CA VAL A 61 26.42 11.05 13.39
C VAL A 61 26.76 9.85 12.50
N TRP A 62 27.31 8.80 13.07
CA TRP A 62 27.63 7.62 12.32
C TRP A 62 26.37 7.04 11.65
N SER A 63 25.32 6.80 12.43
CA SER A 63 24.11 6.21 11.83
C SER A 63 23.40 7.14 10.80
N ALA A 64 23.42 8.44 11.07
CA ALA A 64 22.81 9.40 10.18
C ALA A 64 23.55 9.46 8.84
N ALA A 65 24.90 9.49 8.89
CA ALA A 65 25.76 9.52 7.69
C ALA A 65 25.47 8.29 6.82
N ARG A 66 25.35 7.14 7.46
CA ARG A 66 25.04 5.92 6.75
C ARG A 66 23.64 5.88 6.17
N ASP A 67 22.67 6.39 6.91
CA ASP A 67 21.23 6.34 6.51
C ASP A 67 20.86 7.45 5.50
N HIS A 68 21.31 7.30 4.25
CA HIS A 68 21.00 8.30 3.21
C HIS A 68 19.52 8.40 2.88
N GLN A 69 18.75 7.33 3.16
CA GLN A 69 17.31 7.36 2.88
C GLN A 69 16.59 8.40 3.73
N THR A 70 16.99 8.49 5.00
CA THR A 70 16.37 9.38 5.95
C THR A 70 17.10 10.70 5.91
N PHE A 71 18.41 10.64 5.75
CA PHE A 71 19.22 11.89 5.78
C PHE A 71 19.79 12.17 4.38
N SER A 72 19.04 12.94 3.63
CA SER A 72 19.34 13.13 2.22
C SER A 72 20.43 14.19 2.02
N SER A 73 21.24 13.95 0.99
CA SER A 73 22.20 14.98 0.50
C SER A 73 21.70 15.89 -0.63
N ALA A 74 20.47 15.62 -1.10
CA ALA A 74 19.99 16.10 -2.38
C ALA A 74 19.55 17.56 -2.35
N GLN A 75 19.46 18.13 -1.14
CA GLN A 75 19.06 19.54 -1.03
C GLN A 75 20.22 20.49 -0.71
N GLY A 76 21.39 19.92 -0.54
CA GLY A 76 22.58 20.69 -0.16
C GLY A 76 23.24 20.18 1.11
N LEU A 77 24.37 20.80 1.47
CA LEU A 77 25.17 20.25 2.51
C LEU A 77 25.43 21.31 3.58
N THR A 78 24.81 22.47 3.47
CA THR A 78 24.92 23.44 4.55
C THR A 78 23.62 23.52 5.34
N VAL A 79 23.58 24.38 6.35
CA VAL A 79 22.33 24.65 7.05
C VAL A 79 21.43 25.69 6.38
N ASN A 80 21.83 26.21 5.22
CA ASN A 80 21.12 27.27 4.55
C ASN A 80 20.08 26.72 3.61
N TYR A 81 18.82 26.84 4.02
CA TYR A 81 17.70 26.37 3.17
C TYR A 81 17.71 27.13 1.85
N GLY A 82 17.26 26.48 0.77
CA GLY A 82 17.32 27.13 -0.56
C GLY A 82 18.68 27.09 -1.30
N GLU A 83 19.71 26.53 -0.66
CA GLU A 83 21.09 26.38 -1.19
C GLU A 83 21.16 26.00 -2.67
N LEU A 84 20.52 24.89 -3.02
CA LEU A 84 20.76 24.33 -4.35
C LEU A 84 20.28 25.36 -5.42
N GLU A 85 19.06 25.85 -5.19
CA GLU A 85 18.38 26.74 -6.08
C GLU A 85 19.15 28.02 -6.10
N MET A 86 19.47 28.54 -4.92
CA MET A 86 20.14 29.81 -4.75
C MET A 86 21.47 29.97 -5.49
N ILE A 87 22.27 28.91 -5.51
CA ILE A 87 23.53 28.90 -6.22
C ILE A 87 23.46 28.33 -7.66
N GLY A 88 22.36 27.69 -8.01
CA GLY A 88 22.11 27.33 -9.41
C GLY A 88 22.55 25.93 -9.76
N LEU A 89 22.31 25.01 -8.82
CA LEU A 89 22.85 23.66 -8.95
C LEU A 89 21.76 22.57 -9.09
N HIS A 90 20.53 22.98 -9.33
CA HIS A 90 19.46 21.95 -9.41
C HIS A 90 19.68 20.92 -10.54
N ASP A 91 19.90 21.42 -11.75
CA ASP A 91 19.74 20.59 -12.94
C ASP A 91 20.85 19.56 -13.06
N THR A 92 22.06 19.94 -12.64
CA THR A 92 23.19 19.04 -12.70
C THR A 92 24.02 19.26 -11.41
N PRO A 93 23.54 18.67 -10.30
CA PRO A 93 24.29 18.78 -9.03
C PRO A 93 25.52 17.88 -8.96
N PRO A 94 26.47 18.26 -8.11
CA PRO A 94 27.67 17.48 -7.89
C PRO A 94 27.28 16.19 -7.22
N MET A 95 28.17 15.22 -7.31
CA MET A 95 27.87 13.88 -6.78
C MET A 95 27.65 13.88 -5.28
N VAL A 96 28.25 14.83 -4.60
N VAL A 96 28.27 14.82 -4.57
CA VAL A 96 28.08 14.91 -3.14
CA VAL A 96 28.05 14.92 -3.10
C VAL A 96 26.73 15.51 -2.74
C VAL A 96 26.64 15.37 -2.74
N MET A 97 25.92 15.87 -3.74
CA MET A 97 24.53 16.34 -3.52
C MET A 97 23.56 15.47 -4.30
N GLN A 98 23.94 14.21 -4.51
CA GLN A 98 23.06 13.22 -5.17
C GLN A 98 22.83 12.09 -4.14
N ASP A 99 21.62 11.54 -4.13
CA ASP A 99 21.37 10.34 -3.32
C ASP A 99 21.34 9.15 -4.24
N PRO A 100 21.51 7.94 -3.69
CA PRO A 100 21.27 6.74 -4.50
C PRO A 100 19.78 6.65 -4.75
N PRO A 101 19.38 6.13 -5.92
CA PRO A 101 20.16 5.41 -6.94
C PRO A 101 20.92 6.33 -7.89
N VAL A 102 20.52 7.59 -8.02
CA VAL A 102 21.24 8.42 -8.98
C VAL A 102 22.79 8.49 -8.71
N HIS A 103 23.15 8.69 -7.47
CA HIS A 103 24.56 8.83 -7.08
C HIS A 103 25.37 7.53 -7.40
N THR A 104 24.67 6.39 -7.38
CA THR A 104 25.30 5.09 -7.49
C THR A 104 26.07 4.84 -8.77
N GLU A 105 25.46 5.10 -9.95
CA GLU A 105 26.11 4.73 -11.19
C GLU A 105 27.32 5.62 -11.43
N PHE A 106 27.16 6.92 -11.17
CA PHE A 106 28.25 7.90 -11.37
C PHE A 106 29.41 7.50 -10.46
N ARG A 107 29.11 7.31 -9.18
CA ARG A 107 30.15 6.90 -8.22
C ARG A 107 30.85 5.65 -8.73
N LYS A 108 30.07 4.69 -9.25
CA LYS A 108 30.68 3.46 -9.78
C LYS A 108 31.70 3.74 -10.88
N LEU A 109 31.38 4.65 -11.78
CA LEU A 109 32.29 4.96 -12.92
C LEU A 109 33.51 5.73 -12.43
N VAL A 110 33.33 6.78 -11.64
CA VAL A 110 34.46 7.54 -11.23
C VAL A 110 35.41 6.79 -10.27
N SER A 111 34.87 5.85 -9.53
N SER A 111 34.87 5.85 -9.52
CA SER A 111 35.68 5.09 -8.58
CA SER A 111 35.68 5.12 -8.56
C SER A 111 36.80 4.33 -9.26
C SER A 111 36.78 4.30 -9.25
N ARG A 112 36.63 4.06 -10.54
CA ARG A 112 37.67 3.38 -11.28
C ARG A 112 38.95 4.18 -11.32
N GLY A 113 38.86 5.49 -11.11
CA GLY A 113 40.05 6.34 -11.05
C GLY A 113 40.62 6.46 -9.64
N PHE A 114 40.08 5.73 -8.65
CA PHE A 114 40.56 5.83 -7.27
C PHE A 114 40.96 4.43 -6.78
N THR A 115 42.10 3.99 -7.26
CA THR A 115 42.60 2.65 -6.93
C THR A 115 43.97 2.78 -6.29
N PRO A 116 44.49 1.67 -5.76
CA PRO A 116 45.83 1.71 -5.20
C PRO A 116 46.85 2.21 -6.22
N ARG A 117 46.77 1.80 -7.47
CA ARG A 117 47.80 2.29 -8.41
C ARG A 117 47.80 3.84 -8.53
N GLN A 118 46.66 4.51 -8.47
CA GLN A 118 46.68 5.96 -8.65
C GLN A 118 47.32 6.67 -7.48
N VAL A 119 47.13 6.16 -6.29
CA VAL A 119 47.78 6.81 -5.15
C VAL A 119 49.30 6.48 -5.18
N GLU A 120 49.65 5.23 -5.59
CA GLU A 120 51.08 4.84 -5.67
C GLU A 120 51.92 5.64 -6.68
N THR A 121 51.36 5.89 -7.86
CA THR A 121 52.08 6.56 -8.92
C THR A 121 52.37 8.03 -8.65
N VAL A 122 51.63 8.69 -7.75
CA VAL A 122 51.91 10.11 -7.50
C VAL A 122 52.80 10.32 -6.24
N GLU A 123 52.91 9.28 -5.43
CA GLU A 123 53.60 9.43 -4.16
C GLU A 123 55.05 9.97 -4.27
N PRO A 124 55.85 9.47 -5.25
CA PRO A 124 57.23 10.02 -5.36
C PRO A 124 57.19 11.50 -5.74
N THR A 125 56.16 11.91 -6.50
CA THR A 125 56.04 13.32 -6.89
C THR A 125 55.74 14.17 -5.67
N VAL A 126 54.83 13.68 -4.84
CA VAL A 126 54.46 14.30 -3.54
C VAL A 126 55.69 14.42 -2.64
N ARG A 127 56.44 13.34 -2.52
CA ARG A 127 57.64 13.38 -1.64
C ARG A 127 58.72 14.39 -2.10
N LYS A 128 58.94 14.47 -3.41
CA LYS A 128 59.95 15.35 -3.96
C LYS A 128 59.61 16.81 -3.64
N PHE A 129 58.35 17.14 -3.79
CA PHE A 129 57.90 18.51 -3.55
C PHE A 129 58.01 18.85 -2.07
N VAL A 130 57.57 17.93 -1.22
CA VAL A 130 57.67 18.13 0.25
C VAL A 130 59.13 18.38 0.63
N VAL A 131 60.00 17.51 0.13
CA VAL A 131 61.46 17.60 0.42
C VAL A 131 61.99 18.95 0.00
N GLU A 132 61.62 19.39 -1.21
CA GLU A 132 62.12 20.65 -1.76
C GLU A 132 61.72 21.81 -0.86
N ARG A 133 60.44 21.84 -0.48
CA ARG A 133 59.91 22.99 0.28
C ARG A 133 60.39 22.95 1.74
N LEU A 134 60.53 21.75 2.30
CA LEU A 134 61.03 21.61 3.66
C LEU A 134 62.50 22.03 3.73
N GLU A 135 63.26 21.70 2.68
CA GLU A 135 64.66 22.12 2.68
C GLU A 135 64.77 23.63 2.50
N LYS A 136 63.80 24.20 1.78
CA LYS A 136 63.83 25.62 1.53
C LYS A 136 63.58 26.31 2.87
N LEU A 137 62.57 25.82 3.60
CA LEU A 137 62.22 26.34 4.92
C LEU A 137 63.40 26.23 5.90
N ARG A 138 63.98 25.04 5.91
CA ARG A 138 65.10 24.76 6.79
C ARG A 138 66.20 25.79 6.53
N ALA A 139 66.51 26.03 5.26
CA ALA A 139 67.62 26.89 4.83
C ALA A 139 67.38 28.33 5.27
N ASN A 140 66.13 28.78 5.16
CA ASN A 140 65.77 30.11 5.63
C ASN A 140 65.53 30.16 7.14
N GLY A 141 65.70 29.05 7.84
CA GLY A 141 65.37 28.96 9.26
C GLY A 141 63.87 28.96 9.58
N GLY A 142 63.04 28.70 8.56
CA GLY A 142 61.60 28.63 8.74
C GLY A 142 60.87 29.52 7.74
N GLY A 143 59.61 29.79 8.04
CA GLY A 143 58.74 30.52 7.11
C GLY A 143 57.32 30.07 7.39
N ASP A 144 56.41 30.28 6.44
CA ASP A 144 55.03 29.86 6.64
C ASP A 144 54.83 28.48 6.00
N ILE A 145 54.67 27.44 6.81
CA ILE A 145 54.65 26.09 6.24
C ILE A 145 53.33 25.87 5.44
N VAL A 146 52.31 26.70 5.71
CA VAL A 146 51.09 26.61 4.88
C VAL A 146 51.40 27.26 3.53
N THR A 147 51.86 28.50 3.55
CA THR A 147 52.09 29.14 2.29
C THR A 147 53.12 28.39 1.42
N GLU A 148 54.19 27.86 2.05
CA GLU A 148 55.31 27.28 1.26
C GLU A 148 55.11 25.83 0.92
N LEU A 149 54.12 25.19 1.54
CA LEU A 149 54.01 23.74 1.35
C LEU A 149 52.58 23.22 1.44
N PHE A 150 51.90 23.46 2.55
CA PHE A 150 50.62 22.78 2.82
C PHE A 150 49.51 23.29 1.91
N LYS A 151 49.59 24.55 1.49
CA LYS A 151 48.68 25.08 0.48
C LYS A 151 48.89 24.49 -0.94
N PRO A 152 50.09 24.65 -1.53
CA PRO A 152 50.28 24.20 -2.90
C PRO A 152 50.27 22.66 -3.10
N LEU A 153 50.72 21.95 -2.09
CA LEU A 153 50.85 20.49 -2.23
C LEU A 153 49.61 19.73 -2.76
N PRO A 154 48.46 19.84 -2.08
CA PRO A 154 47.24 19.07 -2.46
C PRO A 154 46.81 19.32 -3.91
N SER A 155 47.12 20.49 -4.49
CA SER A 155 46.66 20.77 -5.84
C SER A 155 47.24 19.79 -6.85
N MET A 156 48.49 19.39 -6.61
CA MET A 156 49.21 18.53 -7.54
C MET A 156 48.56 17.14 -7.51
N VAL A 157 48.13 16.73 -6.33
CA VAL A 157 47.46 15.42 -6.20
C VAL A 157 46.09 15.43 -6.87
N VAL A 158 45.31 16.47 -6.62
CA VAL A 158 44.04 16.60 -7.37
C VAL A 158 44.28 16.60 -8.90
N ALA A 159 45.31 17.34 -9.33
CA ALA A 159 45.65 17.43 -10.78
C ALA A 159 45.89 16.01 -11.32
N HIS A 160 46.67 15.23 -10.57
CA HIS A 160 46.92 13.84 -10.89
C HIS A 160 45.63 13.05 -11.06
N TYR A 161 44.74 13.14 -10.09
CA TYR A 161 43.49 12.36 -10.12
C TYR A 161 42.52 12.78 -11.22
N LEU A 162 42.71 13.98 -11.72
CA LEU A 162 41.95 14.52 -12.87
C LEU A 162 42.63 14.29 -14.25
N GLY A 163 43.76 13.58 -14.23
CA GLY A 163 44.60 13.36 -15.45
C GLY A 163 45.10 14.63 -16.15
N VAL A 164 45.36 15.67 -15.38
CA VAL A 164 45.95 16.89 -15.96
C VAL A 164 47.44 16.58 -16.20
N PRO A 165 47.94 16.80 -17.44
CA PRO A 165 49.41 16.66 -17.74
C PRO A 165 50.25 17.55 -16.82
N GLU A 166 51.37 17.03 -16.33
CA GLU A 166 52.18 17.71 -15.35
C GLU A 166 52.60 19.09 -15.78
N GLU A 167 52.77 19.26 -17.09
CA GLU A 167 53.22 20.53 -17.65
C GLU A 167 52.22 21.64 -17.41
N ASP A 168 50.94 21.27 -17.17
CA ASP A 168 49.86 22.21 -16.88
C ASP A 168 49.54 22.44 -15.40
N TRP A 169 50.33 21.88 -14.52
CA TRP A 169 50.01 21.91 -13.11
C TRP A 169 50.14 23.29 -12.54
N THR A 170 51.11 24.09 -12.97
CA THR A 170 51.25 25.40 -12.38
C THR A 170 50.05 26.28 -12.72
N GLN A 171 49.64 26.23 -13.97
CA GLN A 171 48.44 26.92 -14.44
C GLN A 171 47.20 26.44 -13.67
N PHE A 172 47.07 25.11 -13.58
CA PHE A 172 46.00 24.49 -12.84
C PHE A 172 45.97 24.89 -11.36
N ASP A 173 47.13 24.93 -10.69
CA ASP A 173 47.17 25.39 -9.31
C ASP A 173 46.79 26.85 -9.16
N GLY A 174 47.19 27.68 -10.10
CA GLY A 174 46.69 29.05 -10.00
C GLY A 174 45.18 29.14 -9.96
N TRP A 175 44.53 28.45 -10.90
CA TRP A 175 43.06 28.45 -10.89
C TRP A 175 42.53 27.91 -9.58
N THR A 176 43.08 26.78 -9.15
CA THR A 176 42.68 26.16 -7.92
C THR A 176 42.72 27.12 -6.72
N GLN A 177 43.84 27.79 -6.53
CA GLN A 177 43.96 28.67 -5.35
C GLN A 177 42.88 29.77 -5.35
N ALA A 178 42.53 30.29 -6.53
CA ALA A 178 41.58 31.38 -6.60
C ALA A 178 40.21 30.86 -6.19
N ILE A 179 39.85 29.68 -6.72
CA ILE A 179 38.58 29.02 -6.42
C ILE A 179 38.46 28.69 -4.94
N VAL A 180 39.52 28.10 -4.39
CA VAL A 180 39.49 27.65 -2.99
C VAL A 180 39.26 28.83 -2.05
N ALA A 181 39.91 29.95 -2.34
CA ALA A 181 39.76 31.13 -1.50
C ALA A 181 38.34 31.70 -1.63
N ALA A 182 37.86 31.79 -2.86
CA ALA A 182 36.51 32.30 -3.09
C ALA A 182 35.45 31.44 -2.38
N ASN A 183 35.60 30.13 -2.44
CA ASN A 183 34.63 29.25 -1.82
C ASN A 183 34.75 29.17 -0.28
N ALA A 184 35.62 30.00 0.32
CA ALA A 184 35.76 30.08 1.79
C ALA A 184 34.42 30.28 2.49
N GLY A 191 33.35 35.29 -7.03
CA GLY A 191 34.62 35.39 -6.37
C GLY A 191 35.79 34.88 -7.20
N ALA A 192 35.53 34.04 -8.20
CA ALA A 192 36.66 33.39 -8.88
C ALA A 192 36.43 33.29 -10.35
N LEU A 193 35.80 34.31 -10.96
CA LEU A 193 35.18 34.16 -12.25
C LEU A 193 36.21 33.73 -13.30
N ASP A 194 37.40 34.36 -13.30
CA ASP A 194 38.42 34.01 -14.30
C ASP A 194 38.86 32.59 -14.11
N ALA A 195 39.08 32.21 -12.84
CA ALA A 195 39.62 30.86 -12.56
C ALA A 195 38.61 29.79 -12.95
N VAL A 196 37.34 30.07 -12.68
CA VAL A 196 36.24 29.19 -13.06
C VAL A 196 36.20 29.05 -14.55
N GLY A 197 36.25 30.18 -15.25
CA GLY A 197 36.21 30.12 -16.68
C GLY A 197 37.38 29.39 -17.28
N SER A 198 38.60 29.62 -16.76
CA SER A 198 39.76 28.91 -17.30
C SER A 198 39.57 27.42 -17.13
N MET A 199 39.15 27.02 -15.95
CA MET A 199 39.03 25.57 -15.64
C MET A 199 37.98 24.91 -16.54
N MET A 200 36.87 25.59 -16.73
N MET A 200 36.87 25.60 -16.69
CA MET A 200 35.80 25.03 -17.55
CA MET A 200 35.78 25.17 -17.54
C MET A 200 36.23 25.01 -19.03
C MET A 200 36.35 24.97 -18.94
N ALA A 201 36.98 26.03 -19.47
CA ALA A 201 37.54 25.96 -20.84
C ALA A 201 38.56 24.79 -20.97
N TYR A 202 39.44 24.71 -19.98
CA TYR A 202 40.55 23.73 -20.02
C TYR A 202 39.98 22.30 -19.99
N PHE A 203 39.09 22.06 -19.03
CA PHE A 203 38.57 20.67 -18.88
C PHE A 203 37.67 20.27 -20.02
N THR A 204 36.95 21.24 -20.59
CA THR A 204 36.14 20.90 -21.77
C THR A 204 37.05 20.32 -22.85
N GLY A 205 38.20 20.96 -23.02
CA GLY A 205 39.20 20.48 -23.96
C GLY A 205 39.79 19.13 -23.56
N LEU A 206 40.09 18.97 -22.27
CA LEU A 206 40.76 17.72 -21.83
C LEU A 206 39.79 16.55 -21.95
N ILE A 207 38.52 16.78 -21.63
CA ILE A 207 37.47 15.77 -21.81
C ILE A 207 37.40 15.29 -23.27
N GLU A 208 37.45 16.24 -24.21
N GLU A 208 37.45 16.25 -24.20
CA GLU A 208 37.43 15.89 -25.63
CA GLU A 208 37.45 15.94 -25.63
C GLU A 208 38.65 15.03 -25.98
C GLU A 208 38.64 15.04 -25.97
N ARG A 209 39.81 15.42 -25.46
CA ARG A 209 41.04 14.67 -25.67
C ARG A 209 40.98 13.24 -25.17
N ARG A 210 40.36 13.05 -24.03
CA ARG A 210 40.30 11.71 -23.45
C ARG A 210 39.43 10.73 -24.26
N ARG A 211 38.63 11.25 -25.17
CA ARG A 211 37.85 10.34 -26.05
C ARG A 211 38.80 9.43 -26.86
N THR A 212 39.88 10.00 -27.34
CA THR A 212 40.80 9.20 -28.16
C THR A 212 42.11 8.86 -27.46
N GLU A 213 42.42 9.56 -26.38
CA GLU A 213 43.64 9.25 -25.66
C GLU A 213 43.36 9.01 -24.19
N PRO A 214 42.70 7.87 -23.86
CA PRO A 214 42.28 7.61 -22.50
C PRO A 214 43.46 7.29 -21.60
N ALA A 215 43.38 7.72 -20.34
CA ALA A 215 44.35 7.31 -19.34
C ALA A 215 43.62 6.54 -18.24
N ASP A 216 44.22 6.42 -17.06
CA ASP A 216 43.64 5.59 -16.01
C ASP A 216 42.87 6.44 -15.01
N ASP A 217 42.74 7.72 -15.31
CA ASP A 217 42.22 8.64 -14.31
C ASP A 217 40.68 8.70 -14.31
N ALA A 218 40.12 9.44 -13.35
CA ALA A 218 38.70 9.44 -13.16
C ALA A 218 38.00 10.07 -14.35
N ILE A 219 38.54 11.17 -14.90
CA ILE A 219 37.95 11.75 -16.10
C ILE A 219 37.96 10.79 -17.29
N SER A 220 39.10 10.21 -17.56
CA SER A 220 39.23 9.22 -18.65
C SER A 220 38.20 8.14 -18.45
N HIS A 221 38.05 7.68 -17.21
CA HIS A 221 37.05 6.64 -16.95
C HIS A 221 35.63 7.06 -17.22
N LEU A 222 35.28 8.27 -16.84
CA LEU A 222 33.96 8.75 -17.18
C LEU A 222 33.75 8.78 -18.70
N VAL A 223 34.74 9.33 -19.41
CA VAL A 223 34.61 9.46 -20.85
C VAL A 223 34.62 8.09 -21.50
N ALA A 224 35.55 7.23 -21.07
CA ALA A 224 35.61 5.87 -21.61
C ALA A 224 34.28 5.10 -21.41
N ALA A 225 33.65 5.30 -20.26
CA ALA A 225 32.40 4.61 -19.95
C ALA A 225 31.25 5.32 -20.64
N GLY A 226 31.54 6.35 -21.40
CA GLY A 226 30.52 6.95 -22.27
C GLY A 226 29.83 8.26 -21.87
N VAL A 227 30.25 8.80 -20.74
CA VAL A 227 29.63 10.05 -20.30
C VAL A 227 29.98 11.29 -21.12
N GLY A 228 28.97 12.03 -21.58
CA GLY A 228 29.25 13.27 -22.32
C GLY A 228 29.27 13.17 -23.85
N ALA A 229 29.32 11.94 -24.34
CA ALA A 229 29.19 11.69 -25.78
C ALA A 229 28.30 12.73 -26.51
N ASP A 230 28.69 13.11 -27.73
CA ASP A 230 27.72 13.67 -28.65
C ASP A 230 27.28 15.09 -28.35
N GLY A 231 28.21 16.03 -28.22
CA GLY A 231 27.83 17.42 -27.91
C GLY A 231 26.64 17.41 -26.96
N ASP A 232 26.74 16.63 -25.88
CA ASP A 232 25.56 16.36 -25.07
C ASP A 232 25.84 15.51 -23.86
N THR A 233 26.44 16.06 -22.81
CA THR A 233 26.62 17.48 -22.60
C THR A 233 26.07 17.82 -21.23
N ALA A 234 25.08 17.01 -20.82
CA ALA A 234 24.65 16.98 -19.44
C ALA A 234 25.73 16.12 -18.85
N GLY A 235 26.12 15.09 -19.60
CA GLY A 235 27.26 14.28 -19.31
C GLY A 235 28.50 15.15 -19.15
N THR A 236 28.66 16.14 -20.02
CA THR A 236 29.87 16.97 -19.97
C THR A 236 29.81 17.84 -18.73
N LEU A 237 28.66 18.43 -18.48
CA LEU A 237 28.51 19.30 -17.31
C LEU A 237 28.73 18.43 -16.10
N SER A 238 28.21 17.20 -16.12
CA SER A 238 28.49 16.30 -14.95
C SER A 238 30.02 16.04 -14.71
N ILE A 239 30.83 15.86 -15.76
CA ILE A 239 32.27 15.70 -15.57
C ILE A 239 32.86 17.04 -15.07
N LEU A 240 32.39 18.18 -15.60
CA LEU A 240 32.90 19.46 -15.11
C LEU A 240 32.52 19.67 -13.65
N ALA A 241 31.30 19.28 -13.28
CA ALA A 241 30.85 19.40 -11.88
C ALA A 241 31.78 18.54 -11.01
N PHE A 242 32.16 17.38 -11.51
CA PHE A 242 33.07 16.53 -10.73
C PHE A 242 34.45 17.19 -10.55
N THR A 243 34.95 17.85 -11.59
CA THR A 243 36.21 18.56 -11.52
C THR A 243 36.12 19.59 -10.42
N PHE A 244 35.00 20.30 -10.35
CA PHE A 244 34.86 21.29 -9.30
C PHE A 244 34.73 20.65 -7.90
N THR A 245 34.04 19.51 -7.82
CA THR A 245 33.97 18.77 -6.57
C THR A 245 35.38 18.43 -6.11
N MET A 246 36.18 17.92 -7.03
CA MET A 246 37.62 17.62 -6.74
C MET A 246 38.43 18.82 -6.28
N VAL A 247 38.29 19.96 -6.98
CA VAL A 247 39.04 21.12 -6.61
C VAL A 247 38.54 21.73 -5.30
N THR A 248 37.23 21.89 -5.14
CA THR A 248 36.66 22.52 -3.93
C THR A 248 36.73 21.66 -2.65
N GLY A 249 36.85 20.34 -2.80
CA GLY A 249 36.83 19.40 -1.65
C GLY A 249 38.19 18.75 -1.34
N GLY A 250 39.13 18.85 -2.29
CA GLY A 250 40.37 18.07 -2.27
C GLY A 250 41.63 18.85 -1.80
N ASN A 251 41.46 20.16 -1.64
CA ASN A 251 42.60 21.04 -1.37
C ASN A 251 42.57 21.55 0.03
N ASP A 252 41.62 22.46 0.34
CA ASP A 252 41.57 23.12 1.69
C ASP A 252 41.51 22.10 2.84
N THR A 253 40.88 20.97 2.57
CA THR A 253 40.75 19.86 3.54
C THR A 253 42.15 19.27 3.90
N VAL A 254 42.91 18.89 2.87
CA VAL A 254 44.30 18.41 3.06
C VAL A 254 45.14 19.47 3.79
N THR A 255 45.00 20.73 3.38
CA THR A 255 45.76 21.79 4.05
C THR A 255 45.37 21.86 5.53
N GLY A 256 44.08 21.66 5.86
CA GLY A 256 43.61 21.66 7.27
C GLY A 256 44.21 20.47 8.03
N MET A 257 44.25 19.30 7.40
CA MET A 257 44.90 18.12 7.97
C MET A 257 46.37 18.43 8.31
N LEU A 258 47.11 18.89 7.29
CA LEU A 258 48.56 19.07 7.41
C LEU A 258 48.81 20.18 8.43
N GLY A 259 48.18 21.34 8.22
CA GLY A 259 48.42 22.51 9.09
C GLY A 259 47.89 22.34 10.53
N GLY A 260 46.68 21.79 10.68
CA GLY A 260 46.12 21.47 11.97
C GLY A 260 46.97 20.46 12.79
N SER A 261 47.75 19.62 12.12
CA SER A 261 48.56 18.60 12.77
C SER A 261 49.77 19.28 13.45
N MET A 262 50.18 20.45 12.96
CA MET A 262 51.43 21.04 13.43
C MET A 262 51.40 21.39 14.95
N PRO A 263 50.39 22.17 15.39
CA PRO A 263 50.29 22.46 16.85
C PRO A 263 50.14 21.15 17.67
N LEU A 264 49.41 20.16 17.13
CA LEU A 264 49.17 18.93 17.91
C LEU A 264 50.49 18.21 18.16
N LEU A 265 51.32 18.12 17.13
CA LEU A 265 52.61 17.44 17.23
C LEU A 265 53.56 18.30 18.06
N HIS A 266 53.51 19.60 17.83
CA HIS A 266 54.41 20.48 18.57
C HIS A 266 54.25 20.39 20.09
N ARG A 267 53.03 20.25 20.55
CA ARG A 267 52.82 20.34 21.96
C ARG A 267 53.04 19.00 22.66
N ARG A 268 53.34 17.99 21.87
CA ARG A 268 53.42 16.63 22.43
C ARG A 268 54.76 15.98 22.06
N PRO A 269 55.84 16.49 22.66
CA PRO A 269 57.08 15.85 22.24
C PRO A 269 57.10 14.34 22.60
N ASP A 270 56.32 13.86 23.58
CA ASP A 270 56.31 12.38 23.80
C ASP A 270 55.79 11.57 22.62
N GLN A 271 54.80 12.16 21.98
CA GLN A 271 54.13 11.54 20.82
C GLN A 271 55.10 11.63 19.63
N ARG A 272 55.72 12.78 19.39
CA ARG A 272 56.78 12.80 18.35
C ARG A 272 57.86 11.75 18.67
N ARG A 273 58.22 11.58 19.95
CA ARG A 273 59.23 10.56 20.27
C ARG A 273 58.81 9.17 19.78
N LEU A 274 57.57 8.76 20.07
CA LEU A 274 57.16 7.42 19.63
C LEU A 274 57.50 7.27 18.15
N LEU A 275 57.20 8.31 17.37
CA LEU A 275 57.30 8.20 15.92
C LEU A 275 58.72 8.40 15.41
N LEU A 276 59.51 9.16 16.14
CA LEU A 276 60.94 9.29 15.84
C LEU A 276 61.71 7.96 16.07
N ASP A 277 61.32 7.25 17.13
CA ASP A 277 61.90 5.93 17.47
C ASP A 277 61.32 4.81 16.64
N ASP A 278 60.09 4.99 16.18
CA ASP A 278 59.42 3.94 15.41
C ASP A 278 58.54 4.59 14.34
N PRO A 279 59.17 4.85 13.20
CA PRO A 279 58.49 5.51 12.10
C PRO A 279 57.35 4.66 11.51
N GLU A 280 57.27 3.37 11.88
CA GLU A 280 56.24 2.54 11.30
C GLU A 280 54.93 2.81 12.00
N GLY A 281 54.99 3.63 13.04
CA GLY A 281 53.77 4.01 13.72
C GLY A 281 53.17 5.18 13.00
N ILE A 282 53.81 5.65 11.94
CA ILE A 282 53.32 6.85 11.26
C ILE A 282 51.94 6.68 10.54
N PRO A 283 51.77 5.59 9.77
CA PRO A 283 50.41 5.26 9.33
C PRO A 283 49.38 5.39 10.43
N ASP A 284 49.61 4.75 11.59
CA ASP A 284 48.59 4.85 12.64
C ASP A 284 48.49 6.27 13.15
N ALA A 285 49.62 6.97 13.14
CA ALA A 285 49.66 8.31 13.68
C ALA A 285 48.77 9.18 12.80
N VAL A 286 48.82 8.90 11.50
CA VAL A 286 47.99 9.64 10.51
C VAL A 286 46.48 9.54 10.85
N GLU A 287 46.01 8.34 11.24
CA GLU A 287 44.59 8.21 11.57
C GLU A 287 44.20 9.06 12.76
N GLU A 288 45.07 9.12 13.76
CA GLU A 288 44.78 9.88 14.98
C GLU A 288 44.72 11.36 14.63
N LEU A 289 45.65 11.79 13.81
CA LEU A 289 45.68 13.18 13.32
C LEU A 289 44.43 13.52 12.49
N LEU A 290 43.98 12.58 11.67
CA LEU A 290 42.75 12.78 10.92
C LEU A 290 41.56 12.89 11.85
N ARG A 291 41.58 12.07 12.91
CA ARG A 291 40.58 12.16 13.94
C ARG A 291 40.47 13.55 14.61
N LEU A 292 41.61 14.07 15.08
CA LEU A 292 41.59 15.28 15.85
C LEU A 292 41.50 16.48 14.95
N THR A 293 42.05 16.40 13.73
CA THR A 293 41.93 17.60 12.85
C THR A 293 40.54 17.69 12.15
N SER A 294 40.01 16.53 11.82
CA SER A 294 38.69 16.38 11.14
C SER A 294 38.39 17.60 10.24
N PRO A 295 39.22 17.80 9.19
CA PRO A 295 39.13 19.12 8.49
C PRO A 295 37.72 19.47 8.04
N VAL A 296 36.95 18.48 7.55
CA VAL A 296 35.52 18.67 7.39
C VAL A 296 34.91 18.42 8.77
N GLN A 297 34.70 19.51 9.47
CA GLN A 297 34.22 19.47 10.83
C GLN A 297 32.68 19.19 10.90
N GLY A 298 31.93 19.63 9.90
CA GLY A 298 30.51 19.29 9.80
C GLY A 298 29.97 19.46 8.39
N LEU A 299 29.02 18.62 8.02
CA LEU A 299 28.25 18.86 6.81
C LEU A 299 26.79 18.53 7.11
N ALA A 300 25.87 19.14 6.38
CA ALA A 300 24.44 18.91 6.67
C ALA A 300 23.79 17.84 5.79
N ARG A 301 22.66 17.35 6.29
CA ARG A 301 21.72 16.54 5.54
C ARG A 301 20.30 17.11 5.69
N THR A 302 19.35 16.63 4.87
CA THR A 302 17.97 17.08 5.01
C THR A 302 17.11 15.83 5.30
N THR A 303 16.44 15.82 6.45
CA THR A 303 15.47 14.75 6.71
C THR A 303 14.37 14.62 5.65
N THR A 304 14.13 13.37 5.25
CA THR A 304 13.09 13.00 4.27
C THR A 304 11.83 12.44 4.96
N ARG A 305 11.92 12.25 6.27
CA ARG A 305 10.77 11.88 7.12
C ARG A 305 11.07 12.32 8.54
N ASP A 306 10.05 12.33 9.40
CA ASP A 306 10.30 12.49 10.83
C ASP A 306 11.29 11.42 11.29
N VAL A 307 12.20 11.79 12.19
CA VAL A 307 13.11 10.81 12.74
C VAL A 307 13.35 11.18 14.21
N THR A 308 13.29 10.17 15.04
CA THR A 308 13.41 10.37 16.48
C THR A 308 14.75 9.82 16.95
N ILE A 309 15.55 10.70 17.53
CA ILE A 309 16.77 10.23 18.16
C ILE A 309 16.70 10.64 19.64
N GLY A 310 16.52 9.64 20.51
CA GLY A 310 16.18 9.86 21.93
C GLY A 310 14.84 10.54 22.18
N ASP A 311 14.92 11.77 22.67
CA ASP A 311 13.74 12.48 23.18
C ASP A 311 13.36 13.57 22.23
N THR A 312 14.04 13.61 21.07
CA THR A 312 13.80 14.67 20.12
C THR A 312 13.32 14.01 18.86
N THR A 313 12.29 14.57 18.28
CA THR A 313 11.85 14.08 17.00
C THR A 313 12.18 15.18 16.09
N ILE A 314 13.04 14.91 15.11
CA ILE A 314 13.34 15.95 14.12
C ILE A 314 12.29 15.84 13.02
N PRO A 315 11.56 16.93 12.70
CA PRO A 315 10.51 16.87 11.68
C PRO A 315 11.10 16.57 10.29
N ALA A 316 10.31 15.89 9.46
CA ALA A 316 10.64 15.82 8.05
C ALA A 316 10.91 17.21 7.45
N GLY A 317 11.92 17.27 6.58
CA GLY A 317 12.18 18.49 5.83
C GLY A 317 13.09 19.48 6.55
N ARG A 318 13.72 19.07 7.62
CA ARG A 318 14.63 20.05 8.28
C ARG A 318 16.07 19.68 7.99
N ARG A 319 16.94 20.69 7.99
CA ARG A 319 18.37 20.39 7.89
C ARG A 319 18.92 19.90 9.21
N VAL A 320 19.82 18.95 9.09
CA VAL A 320 20.60 18.44 10.20
C VAL A 320 22.10 18.52 9.95
N LEU A 321 22.78 19.27 10.83
CA LEU A 321 24.22 19.38 10.78
C LEU A 321 24.93 18.17 11.47
N LEU A 322 25.65 17.37 10.68
CA LEU A 322 26.42 16.25 11.22
C LEU A 322 27.81 16.71 11.62
N LEU A 323 28.03 16.92 12.92
CA LEU A 323 29.30 17.44 13.39
C LEU A 323 30.31 16.30 13.43
N TYR A 324 30.90 15.97 12.26
CA TYR A 324 31.95 14.98 12.18
C TYR A 324 33.07 15.34 13.18
N GLY A 325 33.36 16.62 13.32
CA GLY A 325 34.44 17.06 14.20
C GLY A 325 34.17 16.74 15.67
N SER A 326 32.89 16.70 16.04
CA SER A 326 32.49 16.41 17.43
C SER A 326 32.46 14.89 17.59
N ALA A 327 31.87 14.23 16.61
CA ALA A 327 31.78 12.79 16.64
C ALA A 327 33.15 12.16 16.82
N ASN A 328 34.15 12.72 16.14
CA ASN A 328 35.52 12.26 16.26
C ASN A 328 36.14 12.53 17.65
N ARG A 329 35.52 13.39 18.43
CA ARG A 329 36.02 13.76 19.78
C ARG A 329 35.04 13.26 20.86
N ASP A 330 34.04 12.50 20.47
CA ASP A 330 33.03 12.05 21.40
C ASP A 330 33.67 11.08 22.41
N GLU A 331 33.75 11.55 23.64
CA GLU A 331 34.16 10.70 24.73
C GLU A 331 33.41 9.34 24.87
N ARG A 332 32.13 9.28 24.48
CA ARG A 332 31.39 8.01 24.52
C ARG A 332 32.02 7.01 23.57
N GLN A 333 32.67 7.50 22.52
CA GLN A 333 33.24 6.55 21.56
C GLN A 333 34.74 6.41 21.78
N TYR A 334 35.38 7.53 22.11
CA TYR A 334 36.84 7.53 22.28
C TYR A 334 37.35 7.66 23.74
N GLY A 335 36.46 7.71 24.73
CA GLY A 335 36.97 7.68 26.13
C GLY A 335 37.23 9.07 26.65
N PRO A 336 37.53 9.20 27.97
CA PRO A 336 37.62 10.50 28.63
C PRO A 336 38.76 11.37 28.14
N ASP A 337 39.76 10.74 27.55
CA ASP A 337 40.92 11.43 26.94
C ASP A 337 40.72 11.67 25.44
N ALA A 338 39.47 11.61 24.98
CA ALA A 338 39.18 11.76 23.55
C ALA A 338 39.86 12.99 23.02
N ALA A 339 40.07 14.00 23.88
CA ALA A 339 40.58 15.28 23.43
C ALA A 339 42.09 15.34 23.13
N GLU A 340 42.82 14.29 23.48
CA GLU A 340 44.30 14.34 23.51
C GLU A 340 44.87 13.48 22.40
N LEU A 341 46.04 13.89 21.89
CA LEU A 341 46.78 13.09 20.92
C LEU A 341 47.32 11.80 21.50
N ASP A 342 46.92 10.69 20.91
CA ASP A 342 47.53 9.47 21.23
C ASP A 342 47.78 8.72 19.95
N VAL A 343 49.01 8.75 19.46
CA VAL A 343 49.32 8.22 18.12
C VAL A 343 49.20 6.69 18.06
N THR A 344 49.03 6.08 19.23
CA THR A 344 48.77 4.64 19.29
C THR A 344 47.28 4.29 19.46
N ARG A 345 46.40 5.30 19.51
CA ARG A 345 44.97 5.02 19.68
C ARG A 345 44.46 3.97 18.67
N CYS A 346 44.82 4.11 17.39
CA CYS A 346 44.16 3.31 16.37
C CYS A 346 42.64 3.54 16.46
N PRO A 347 42.21 4.79 16.24
CA PRO A 347 40.82 5.05 16.55
C PRO A 347 39.94 4.20 15.63
N ARG A 348 38.74 3.89 16.07
CA ARG A 348 37.83 3.11 15.22
C ARG A 348 36.76 3.99 14.72
N ASN A 349 36.40 3.74 13.46
CA ASN A 349 35.24 4.31 12.87
C ASN A 349 35.34 5.80 12.95
N ILE A 350 36.47 6.36 12.57
CA ILE A 350 36.52 7.82 12.53
C ILE A 350 35.55 8.32 11.46
N LEU A 351 35.15 9.59 11.60
CA LEU A 351 34.16 10.21 10.72
C LEU A 351 34.80 11.24 9.81
N THR A 352 36.12 11.29 9.78
CA THR A 352 36.82 12.32 8.98
C THR A 352 36.45 12.34 7.49
N PHE A 353 36.31 11.14 6.94
CA PHE A 353 35.87 10.93 5.56
C PHE A 353 34.40 10.54 5.43
N SER A 354 33.60 10.91 6.42
CA SER A 354 32.15 10.51 6.52
C SER A 354 32.00 8.99 6.57
N HIS A 355 30.81 8.48 6.25
CA HIS A 355 30.58 7.08 6.31
C HIS A 355 29.37 6.79 5.44
N GLY A 356 29.41 5.65 4.73
CA GLY A 356 28.30 5.25 3.85
C GLY A 356 28.52 5.63 2.40
N ALA A 357 27.42 5.93 1.71
CA ALA A 357 27.47 6.10 0.23
C ALA A 357 28.52 7.11 -0.22
N HIS A 358 28.70 8.17 0.57
CA HIS A 358 29.54 9.31 0.13
C HIS A 358 30.95 9.27 0.72
N HIS A 359 31.31 8.15 1.36
CA HIS A 359 32.64 8.05 1.96
C HIS A 359 33.73 8.60 0.99
N CYS A 360 34.55 9.53 1.49
CA CYS A 360 35.52 10.26 0.63
C CYS A 360 36.27 9.34 -0.32
N LEU A 361 36.10 9.54 -1.61
CA LEU A 361 36.92 8.81 -2.62
C LEU A 361 38.43 9.11 -2.51
N GLY A 362 38.77 10.28 -1.97
CA GLY A 362 40.16 10.75 -1.81
C GLY A 362 40.85 10.29 -0.53
N ALA A 363 40.19 9.45 0.26
CA ALA A 363 40.68 9.06 1.60
C ALA A 363 42.15 8.56 1.56
N ALA A 364 42.46 7.68 0.59
CA ALA A 364 43.82 7.13 0.46
C ALA A 364 44.85 8.18 0.04
N ALA A 365 44.43 9.08 -0.87
CA ALA A 365 45.26 10.18 -1.32
C ALA A 365 45.57 11.15 -0.17
N ALA A 366 44.56 11.50 0.61
CA ALA A 366 44.73 12.36 1.77
C ALA A 366 45.65 11.69 2.79
N ARG A 367 45.42 10.40 3.05
CA ARG A 367 46.27 9.66 3.99
C ARG A 367 47.75 9.64 3.53
N MET A 368 47.95 9.39 2.23
CA MET A 368 49.30 9.41 1.68
C MET A 368 49.99 10.76 1.87
N GLN A 369 49.29 11.85 1.57
CA GLN A 369 49.94 13.16 1.72
C GLN A 369 50.32 13.37 3.19
N CYS A 370 49.45 12.98 4.11
CA CYS A 370 49.74 13.11 5.56
C CYS A 370 50.97 12.28 5.91
N ARG A 371 50.99 11.04 5.44
CA ARG A 371 52.10 10.13 5.76
C ARG A 371 53.45 10.67 5.26
N VAL A 372 53.50 11.13 4.00
CA VAL A 372 54.75 11.65 3.40
C VAL A 372 55.17 12.92 4.14
N ALA A 373 54.25 13.87 4.30
CA ALA A 373 54.62 15.11 5.00
C ALA A 373 55.15 14.80 6.39
N LEU A 374 54.46 13.91 7.11
CA LEU A 374 54.87 13.67 8.50
C LEU A 374 56.26 13.01 8.57
N THR A 375 56.46 12.00 7.72
CA THR A 375 57.73 11.28 7.62
C THR A 375 58.84 12.27 7.41
N GLU A 376 58.69 13.15 6.42
CA GLU A 376 59.75 14.12 6.06
C GLU A 376 59.89 15.27 7.06
N LEU A 377 58.80 15.68 7.71
CA LEU A 377 58.92 16.66 8.79
C LEU A 377 59.85 16.15 9.92
N LEU A 378 59.57 14.91 10.33
CA LEU A 378 60.30 14.24 11.41
C LEU A 378 61.75 13.92 10.98
N ALA A 379 61.94 13.59 9.71
CA ALA A 379 63.28 13.29 9.22
C ALA A 379 64.15 14.52 9.03
N ARG A 380 63.55 15.64 8.67
CA ARG A 380 64.31 16.80 8.22
C ARG A 380 64.19 18.00 9.18
N CYS A 381 63.02 18.16 9.80
CA CYS A 381 62.76 19.32 10.65
C CYS A 381 62.29 18.88 12.03
N PRO A 382 63.01 17.94 12.64
CA PRO A 382 62.50 17.44 13.91
C PRO A 382 62.45 18.49 15.02
N ASP A 383 63.43 19.40 15.07
CA ASP A 383 63.34 20.51 16.02
C ASP A 383 62.64 21.69 15.36
N PHE A 384 61.33 21.76 15.51
CA PHE A 384 60.55 22.81 14.85
C PHE A 384 59.62 23.45 15.89
N GLU A 385 59.25 24.71 15.66
CA GLU A 385 58.34 25.38 16.57
C GLU A 385 57.21 26.00 15.79
N VAL A 386 56.05 25.96 16.42
CA VAL A 386 54.88 26.62 15.93
C VAL A 386 54.24 27.27 17.16
N ALA A 387 53.65 28.44 16.94
CA ALA A 387 52.91 29.13 17.97
C ALA A 387 51.45 29.11 17.57
N GLU A 388 50.69 28.35 18.33
CA GLU A 388 49.27 28.23 18.07
C GLU A 388 48.59 29.60 17.98
N SER A 389 48.97 30.50 18.89
CA SER A 389 48.43 31.86 18.93
C SER A 389 48.71 32.70 17.70
N ARG A 390 49.68 32.28 16.89
CA ARG A 390 49.95 32.97 15.64
C ARG A 390 49.39 32.28 14.39
N ILE A 391 48.73 31.12 14.57
CA ILE A 391 47.95 30.52 13.47
C ILE A 391 46.74 31.37 13.09
N VAL A 392 46.51 31.55 11.79
CA VAL A 392 45.36 32.28 11.29
C VAL A 392 44.50 31.27 10.57
N TRP A 393 43.22 31.24 10.94
CA TRP A 393 42.30 30.21 10.46
C TRP A 393 41.51 30.79 9.31
N SER A 394 41.21 29.96 8.31
CA SER A 394 40.32 30.36 7.27
C SER A 394 38.92 30.57 7.82
N GLY A 395 38.22 31.53 7.23
CA GLY A 395 36.81 31.68 7.44
C GLY A 395 36.09 30.48 6.88
N GLY A 396 34.80 30.43 7.18
CA GLY A 396 33.91 29.36 6.69
C GLY A 396 33.53 28.39 7.77
N SER A 397 32.28 27.94 7.77
CA SER A 397 31.78 27.19 8.92
C SER A 397 31.84 25.65 8.86
N TYR A 398 32.31 25.09 7.75
CA TYR A 398 32.30 23.64 7.58
C TYR A 398 33.66 22.95 7.59
N VAL A 399 34.65 23.60 6.98
CA VAL A 399 36.01 23.09 6.96
C VAL A 399 36.90 24.00 7.85
N ARG A 400 37.68 23.34 8.67
CA ARG A 400 38.57 24.02 9.61
C ARG A 400 39.99 23.85 9.06
N ARG A 401 40.56 24.92 8.53
CA ARG A 401 41.93 24.85 7.98
C ARG A 401 42.68 26.18 8.19
N PRO A 402 43.98 26.11 8.51
CA PRO A 402 44.79 27.35 8.62
C PRO A 402 45.17 27.99 7.26
N LEU A 403 45.12 29.31 7.24
CA LEU A 403 45.69 30.16 6.18
C LEU A 403 47.19 30.40 6.38
N SER A 404 47.61 30.37 7.62
N SER A 404 47.60 30.39 7.63
CA SER A 404 49.01 30.57 7.91
CA SER A 404 48.97 30.66 8.00
C SER A 404 49.36 29.87 9.21
C SER A 404 49.33 29.84 9.23
N VAL A 405 50.49 29.20 9.19
CA VAL A 405 51.08 28.55 10.33
C VAL A 405 52.55 28.95 10.30
N PRO A 406 52.88 30.00 11.05
CA PRO A 406 54.30 30.37 11.14
C PRO A 406 55.16 29.20 11.73
N PHE A 407 56.33 28.96 11.16
CA PHE A 407 57.06 27.73 11.40
C PHE A 407 58.54 28.08 11.54
N ARG A 408 59.15 27.71 12.64
CA ARG A 408 60.57 28.01 12.80
C ARG A 408 61.28 26.68 12.93
N VAL A 409 62.45 26.59 12.30
CA VAL A 409 63.33 25.40 12.41
C VAL A 409 64.73 25.83 12.81
N SER B 12 3.11 -2.13 33.69
CA SER B 12 1.66 -2.41 33.87
C SER B 12 1.44 -3.91 33.61
N HIS B 13 0.49 -4.47 34.31
CA HIS B 13 0.10 -5.86 34.10
C HIS B 13 -1.21 -5.90 33.31
N GLU B 14 -1.76 -4.73 32.99
CA GLU B 14 -3.00 -4.65 32.21
C GLU B 14 -2.75 -5.08 30.75
N PHE B 15 -3.66 -5.88 30.19
CA PHE B 15 -3.50 -6.26 28.77
C PHE B 15 -3.47 -5.02 27.87
N GLN B 16 -2.51 -4.99 26.94
CA GLN B 16 -2.42 -3.94 25.92
C GLN B 16 -1.64 -4.51 24.72
N LEU B 17 -2.00 -4.10 23.52
CA LEU B 17 -1.23 -4.46 22.33
C LEU B 17 0.15 -3.86 22.47
N ALA B 18 1.21 -4.64 22.21
CA ALA B 18 2.56 -4.18 22.48
C ALA B 18 2.97 -3.03 21.58
N THR B 19 3.91 -2.23 22.07
CA THR B 19 4.58 -1.25 21.25
C THR B 19 6.09 -1.40 21.53
N ALA B 20 6.90 -0.69 20.76
CA ALA B 20 8.34 -0.72 20.99
C ALA B 20 8.64 -0.39 22.45
N GLU B 21 7.81 0.44 23.06
CA GLU B 21 8.04 0.81 24.46
C GLU B 21 7.74 -0.35 25.42
N THR B 22 6.87 -1.27 25.03
CA THR B 22 6.49 -2.33 25.94
C THR B 22 7.02 -3.70 25.58
N TRP B 23 7.67 -3.84 24.44
CA TRP B 23 8.31 -5.12 24.09
C TRP B 23 9.43 -5.61 25.01
N PRO B 24 10.08 -4.70 25.78
CA PRO B 24 11.22 -5.24 26.53
C PRO B 24 10.77 -6.27 27.58
N ASN B 25 9.56 -6.09 28.15
CA ASN B 25 9.12 -6.96 29.24
C ASN B 25 7.60 -7.22 29.30
N PRO B 26 7.04 -7.99 28.34
CA PRO B 26 5.60 -8.24 28.38
C PRO B 26 5.25 -9.39 29.32
N TRP B 27 6.26 -10.03 29.88
CA TRP B 27 6.04 -11.33 30.52
C TRP B 27 5.16 -11.28 31.80
N PRO B 28 5.31 -10.20 32.63
CA PRO B 28 4.44 -10.04 33.81
C PRO B 28 2.99 -9.92 33.37
N MET B 29 2.72 -9.18 32.31
N MET B 29 2.75 -9.17 32.30
CA MET B 29 1.33 -9.09 31.88
CA MET B 29 1.40 -9.03 31.71
C MET B 29 0.84 -10.45 31.33
C MET B 29 0.87 -10.41 31.31
N TYR B 30 1.66 -11.17 30.57
CA TYR B 30 1.22 -12.52 30.15
C TYR B 30 0.89 -13.39 31.40
N ARG B 31 1.74 -13.31 32.43
CA ARG B 31 1.56 -14.13 33.64
C ARG B 31 0.25 -13.77 34.30
N ALA B 32 -0.05 -12.46 34.41
CA ALA B 32 -1.33 -11.97 35.00
C ALA B 32 -2.53 -12.54 34.25
N LEU B 33 -2.48 -12.57 32.92
CA LEU B 33 -3.54 -13.20 32.12
C LEU B 33 -3.68 -14.68 32.40
N ARG B 34 -2.59 -15.43 32.34
CA ARG B 34 -2.66 -16.89 32.51
C ARG B 34 -3.23 -17.24 33.87
N ASP B 35 -2.89 -16.40 34.86
CA ASP B 35 -3.24 -16.80 36.23
C ASP B 35 -4.66 -16.39 36.61
N HIS B 36 -5.04 -15.22 36.11
CA HIS B 36 -6.25 -14.57 36.53
C HIS B 36 -7.35 -14.39 35.48
N ASP B 37 -7.04 -14.51 34.18
CA ASP B 37 -8.08 -14.29 33.16
C ASP B 37 -7.61 -14.91 31.87
N PRO B 38 -7.56 -16.28 31.82
CA PRO B 38 -6.93 -16.96 30.69
C PRO B 38 -7.70 -16.86 29.40
N VAL B 39 -8.99 -16.53 29.54
CA VAL B 39 -9.85 -16.27 28.34
C VAL B 39 -10.33 -14.83 28.47
N HIS B 40 -9.46 -13.88 28.08
CA HIS B 40 -9.62 -12.50 28.52
C HIS B 40 -10.36 -11.72 27.46
N HIS B 41 -11.39 -11.00 27.92
CA HIS B 41 -12.22 -10.18 27.06
C HIS B 41 -11.69 -8.75 27.00
N VAL B 42 -11.30 -8.33 25.78
CA VAL B 42 -10.85 -6.98 25.54
C VAL B 42 -12.00 -6.16 24.94
N VAL B 43 -12.39 -5.10 25.62
CA VAL B 43 -13.43 -4.21 25.08
C VAL B 43 -12.82 -2.80 24.92
N PRO B 44 -12.40 -2.46 23.72
CA PRO B 44 -11.70 -1.21 23.55
C PRO B 44 -12.62 -0.01 23.91
N PRO B 45 -12.18 0.83 24.86
CA PRO B 45 -13.14 1.81 25.34
C PRO B 45 -13.71 2.72 24.25
N GLN B 46 -12.88 3.15 23.33
CA GLN B 46 -13.34 4.01 22.23
C GLN B 46 -14.09 3.21 21.14
N ARG B 47 -13.95 1.90 21.13
CA ARG B 47 -14.67 1.15 20.08
C ARG B 47 -15.12 -0.21 20.59
N PRO B 48 -16.13 -0.21 21.49
CA PRO B 48 -16.60 -1.44 22.14
C PRO B 48 -17.14 -2.45 21.14
N GLU B 49 -17.59 -1.99 19.96
CA GLU B 49 -18.08 -2.88 18.87
C GLU B 49 -16.97 -3.81 18.37
N TYR B 50 -15.71 -3.42 18.61
CA TYR B 50 -14.55 -4.20 18.16
C TYR B 50 -13.90 -4.97 19.31
N ASP B 51 -14.73 -5.47 20.23
CA ASP B 51 -14.26 -6.32 21.34
C ASP B 51 -13.66 -7.63 20.78
N TYR B 52 -12.70 -8.18 21.49
CA TYR B 52 -12.11 -9.45 21.07
C TYR B 52 -11.65 -10.19 22.32
N TYR B 53 -11.12 -11.39 22.14
CA TYR B 53 -10.63 -12.16 23.25
C TYR B 53 -9.15 -12.47 23.09
N VAL B 54 -8.52 -12.85 24.21
CA VAL B 54 -7.11 -13.20 24.21
C VAL B 54 -6.92 -14.54 24.96
N LEU B 55 -6.20 -15.47 24.36
CA LEU B 55 -5.85 -16.76 25.00
C LEU B 55 -4.35 -16.73 25.33
N SER B 56 -3.99 -17.07 26.59
CA SER B 56 -2.68 -16.93 27.11
C SER B 56 -2.13 -18.27 27.63
N ARG B 57 -2.99 -19.27 27.84
CA ARG B 57 -2.48 -20.55 28.30
C ARG B 57 -2.05 -21.52 27.24
N HIS B 58 -1.02 -22.31 27.56
CA HIS B 58 -0.53 -23.26 26.59
C HIS B 58 -1.63 -24.18 26.04
N ALA B 59 -2.44 -24.80 26.92
CA ALA B 59 -3.39 -25.80 26.47
C ALA B 59 -4.41 -25.17 25.53
N ASP B 60 -4.82 -23.94 25.86
CA ASP B 60 -5.93 -23.31 25.13
C ASP B 60 -5.42 -22.85 23.76
N VAL B 61 -4.21 -22.28 23.73
CA VAL B 61 -3.59 -21.85 22.47
C VAL B 61 -3.29 -23.02 21.56
N TRP B 62 -2.79 -24.09 22.14
CA TRP B 62 -2.42 -25.22 21.35
C TRP B 62 -3.64 -25.79 20.69
N SER B 63 -4.68 -26.06 21.47
CA SER B 63 -5.90 -26.54 20.83
C SER B 63 -6.60 -25.59 19.87
N ALA B 64 -6.58 -24.28 20.13
CA ALA B 64 -7.25 -23.35 19.24
C ALA B 64 -6.49 -23.24 17.90
N ALA B 65 -5.15 -23.24 17.95
CA ALA B 65 -4.31 -23.22 16.70
C ALA B 65 -4.59 -24.43 15.85
N ARG B 66 -4.74 -25.57 16.51
CA ARG B 66 -5.06 -26.81 15.77
C ARG B 66 -6.46 -26.75 15.13
N ASP B 67 -7.43 -26.20 15.87
CA ASP B 67 -8.85 -26.28 15.46
C ASP B 67 -9.20 -25.19 14.45
N HIS B 68 -8.73 -25.36 13.21
CA HIS B 68 -9.02 -24.34 12.16
C HIS B 68 -10.51 -24.23 11.85
N GLN B 69 -11.29 -25.29 12.11
CA GLN B 69 -12.73 -25.25 11.82
C GLN B 69 -13.42 -24.22 12.68
N THR B 70 -13.04 -24.17 13.96
CA THR B 70 -13.63 -23.28 14.92
C THR B 70 -12.90 -21.95 14.91
N PHE B 71 -11.59 -22.01 14.77
CA PHE B 71 -10.74 -20.79 14.80
C PHE B 71 -10.16 -20.46 13.43
N SER B 72 -10.89 -19.65 12.68
CA SER B 72 -10.58 -19.51 11.25
C SER B 72 -9.54 -18.43 11.02
N SER B 73 -8.71 -18.65 9.99
CA SER B 73 -7.70 -17.66 9.56
C SER B 73 -8.15 -16.72 8.44
N ALA B 74 -9.36 -16.98 7.94
CA ALA B 74 -9.82 -16.45 6.67
C ALA B 74 -10.27 -14.99 6.68
N GLN B 75 -10.45 -14.42 7.86
CA GLN B 75 -10.80 -12.99 7.95
C GLN B 75 -9.60 -12.10 8.29
N GLY B 76 -8.45 -12.72 8.48
CA GLY B 76 -7.19 -12.00 8.81
C GLY B 76 -6.59 -12.47 10.14
N LEU B 77 -5.46 -11.89 10.51
CA LEU B 77 -4.69 -12.42 11.63
C LEU B 77 -4.37 -11.40 12.71
N THR B 78 -4.92 -10.19 12.56
CA THR B 78 -4.88 -9.19 13.64
C THR B 78 -6.19 -9.14 14.44
N VAL B 79 -6.24 -8.30 15.46
CA VAL B 79 -7.47 -8.12 16.19
C VAL B 79 -8.38 -7.06 15.55
N ASN B 80 -7.96 -6.53 14.41
CA ASN B 80 -8.71 -5.48 13.72
C ASN B 80 -9.78 -6.02 12.80
N TYR B 81 -11.04 -5.83 13.15
CA TYR B 81 -12.12 -6.29 12.27
C TYR B 81 -12.08 -5.50 10.93
N GLY B 82 -12.55 -6.12 9.86
CA GLY B 82 -12.52 -5.48 8.52
C GLY B 82 -11.16 -5.61 7.79
N GLU B 83 -10.16 -6.22 8.46
CA GLU B 83 -8.78 -6.41 7.90
C GLU B 83 -8.73 -6.86 6.45
N LEU B 84 -9.37 -7.98 6.14
CA LEU B 84 -9.19 -8.56 4.81
C LEU B 84 -9.57 -7.52 3.75
N GLU B 85 -10.72 -6.87 3.94
CA GLU B 85 -11.31 -6.03 2.91
C GLU B 85 -10.58 -4.68 2.93
N MET B 86 -10.34 -4.16 4.12
CA MET B 86 -9.59 -2.90 4.27
C MET B 86 -8.15 -2.93 3.65
N ILE B 87 -7.43 -4.05 3.76
CA ILE B 87 -6.10 -4.20 3.14
C ILE B 87 -6.22 -4.60 1.64
N GLY B 88 -7.32 -5.20 1.23
CA GLY B 88 -7.51 -5.54 -0.17
C GLY B 88 -7.07 -6.94 -0.47
N LEU B 89 -7.37 -7.84 0.45
CA LEU B 89 -6.84 -9.19 0.30
C LEU B 89 -7.95 -10.23 0.08
N HIS B 90 -9.15 -9.78 -0.16
CA HIS B 90 -10.26 -10.79 -0.21
C HIS B 90 -10.09 -11.80 -1.37
N ASP B 91 -9.87 -11.29 -2.57
CA ASP B 91 -9.98 -12.12 -3.73
C ASP B 91 -8.90 -13.19 -3.81
N THR B 92 -7.68 -12.82 -3.45
CA THR B 92 -6.52 -13.71 -3.55
C THR B 92 -5.74 -13.52 -2.28
N PRO B 93 -6.22 -14.11 -1.18
CA PRO B 93 -5.46 -13.95 0.10
C PRO B 93 -4.21 -14.80 0.14
N PRO B 94 -3.25 -14.41 0.97
CA PRO B 94 -2.05 -15.24 1.20
C PRO B 94 -2.50 -16.54 1.90
N MET B 95 -1.65 -17.55 1.81
CA MET B 95 -2.01 -18.84 2.34
C MET B 95 -2.26 -18.81 3.86
N VAL B 96 -1.60 -17.89 4.58
CA VAL B 96 -1.85 -17.77 6.04
C VAL B 96 -3.23 -17.25 6.39
N MET B 97 -3.95 -16.74 5.36
CA MET B 97 -5.34 -16.34 5.52
C MET B 97 -6.30 -17.20 4.74
N GLN B 98 -5.95 -18.48 4.55
CA GLN B 98 -6.87 -19.43 3.91
C GLN B 98 -7.11 -20.54 4.91
N ASP B 99 -8.31 -21.10 4.92
CA ASP B 99 -8.60 -22.27 5.75
C ASP B 99 -8.65 -23.46 4.81
N PRO B 100 -8.46 -24.68 5.37
CA PRO B 100 -8.72 -25.88 4.58
C PRO B 100 -10.21 -25.86 4.28
N PRO B 101 -10.63 -26.35 3.12
CA PRO B 101 -9.89 -27.14 2.12
C PRO B 101 -9.06 -26.30 1.15
N VAL B 102 -9.42 -25.02 0.97
CA VAL B 102 -8.73 -24.19 0.00
C VAL B 102 -7.20 -24.07 0.30
N HIS B 103 -6.88 -23.93 1.56
CA HIS B 103 -5.46 -23.87 1.99
C HIS B 103 -4.67 -25.17 1.66
N THR B 104 -5.39 -26.29 1.71
CA THR B 104 -4.77 -27.61 1.61
C THR B 104 -4.03 -27.85 0.32
N GLU B 105 -4.67 -27.61 -0.85
CA GLU B 105 -4.00 -27.86 -2.12
C GLU B 105 -2.79 -26.93 -2.32
N PHE B 106 -2.97 -25.63 -2.03
CA PHE B 106 -1.85 -24.70 -2.24
C PHE B 106 -0.66 -25.11 -1.36
N ARG B 107 -0.93 -25.38 -0.09
CA ARG B 107 0.14 -25.80 0.81
C ARG B 107 0.84 -27.11 0.32
N LYS B 108 0.06 -28.01 -0.28
CA LYS B 108 0.65 -29.28 -0.75
C LYS B 108 1.70 -28.97 -1.84
N LEU B 109 1.37 -28.02 -2.72
CA LEU B 109 2.23 -27.63 -3.84
C LEU B 109 3.48 -26.92 -3.33
N VAL B 110 3.36 -25.90 -2.48
CA VAL B 110 4.58 -25.25 -2.04
C VAL B 110 5.45 -26.08 -1.10
N SER B 111 4.84 -26.99 -0.36
N SER B 111 4.87 -26.99 -0.35
CA SER B 111 5.58 -27.83 0.60
CA SER B 111 5.66 -27.75 0.61
C SER B 111 6.69 -28.63 -0.05
C SER B 111 6.73 -28.61 -0.07
N ARG B 112 6.53 -28.93 -1.33
CA ARG B 112 7.51 -29.64 -2.12
C ARG B 112 8.81 -28.83 -2.17
N GLY B 113 8.73 -27.53 -1.91
CA GLY B 113 9.96 -26.72 -1.79
C GLY B 113 10.57 -26.58 -0.41
N PHE B 114 10.03 -27.28 0.59
CA PHE B 114 10.56 -27.23 1.93
C PHE B 114 10.95 -28.64 2.39
N THR B 115 12.10 -29.11 1.91
CA THR B 115 12.57 -30.48 2.20
C THR B 115 13.90 -30.39 2.93
N PRO B 116 14.33 -31.51 3.55
CA PRO B 116 15.67 -31.45 4.13
C PRO B 116 16.72 -30.98 3.12
N ARG B 117 16.63 -31.41 1.87
CA ARG B 117 17.55 -30.91 0.84
C ARG B 117 17.66 -29.37 0.79
N GLN B 118 16.54 -28.63 0.82
CA GLN B 118 16.63 -27.16 0.69
C GLN B 118 17.31 -26.52 1.86
N VAL B 119 17.12 -27.06 3.03
CA VAL B 119 17.75 -26.40 4.14
C VAL B 119 19.27 -26.72 4.12
N GLU B 120 19.59 -27.95 3.73
CA GLU B 120 20.99 -28.42 3.65
C GLU B 120 21.84 -27.66 2.62
N THR B 121 21.22 -27.31 1.48
CA THR B 121 21.93 -26.63 0.39
C THR B 121 22.32 -25.19 0.67
N VAL B 122 21.58 -24.51 1.53
CA VAL B 122 21.91 -23.14 1.82
C VAL B 122 22.76 -23.03 3.09
N GLU B 123 22.85 -24.12 3.86
CA GLU B 123 23.58 -23.99 5.15
C GLU B 123 25.02 -23.46 5.07
N PRO B 124 25.85 -23.97 4.12
CA PRO B 124 27.22 -23.42 3.90
C PRO B 124 27.21 -21.96 3.59
N THR B 125 26.22 -21.51 2.84
CA THR B 125 26.19 -20.10 2.52
C THR B 125 25.88 -19.24 3.75
N VAL B 126 24.97 -19.74 4.61
CA VAL B 126 24.57 -19.02 5.82
C VAL B 126 25.78 -18.90 6.74
N ARG B 127 26.47 -20.03 6.91
CA ARG B 127 27.67 -20.07 7.77
C ARG B 127 28.79 -19.10 7.35
N LYS B 128 29.10 -19.10 6.06
CA LYS B 128 30.09 -18.20 5.50
C LYS B 128 29.77 -16.75 5.82
N PHE B 129 28.51 -16.34 5.61
CA PHE B 129 28.06 -14.99 5.94
C PHE B 129 28.15 -14.64 7.42
N VAL B 130 27.71 -15.55 8.27
CA VAL B 130 27.77 -15.30 9.71
C VAL B 130 29.24 -15.01 10.15
N VAL B 131 30.15 -15.88 9.72
CA VAL B 131 31.59 -15.69 10.00
C VAL B 131 32.09 -14.33 9.55
N GLU B 132 31.81 -14.01 8.29
CA GLU B 132 32.23 -12.74 7.72
C GLU B 132 31.78 -11.56 8.57
N ARG B 133 30.57 -11.64 9.12
CA ARG B 133 30.10 -10.47 9.85
C ARG B 133 30.58 -10.49 11.30
N LEU B 134 30.62 -11.67 11.90
CA LEU B 134 31.22 -11.79 13.23
C LEU B 134 32.70 -11.37 13.20
N GLU B 135 33.43 -11.74 12.14
CA GLU B 135 34.81 -11.24 12.02
C GLU B 135 34.91 -9.72 11.76
N LYS B 136 33.96 -9.14 11.02
CA LYS B 136 33.98 -7.70 10.87
C LYS B 136 33.75 -7.05 12.22
N LEU B 137 32.74 -7.52 12.97
CA LEU B 137 32.41 -7.01 14.29
C LEU B 137 33.60 -7.12 15.28
N ARG B 138 34.21 -8.30 15.34
CA ARG B 138 35.40 -8.52 16.17
C ARG B 138 36.54 -7.53 15.88
N ALA B 139 36.84 -7.36 14.60
CA ALA B 139 37.88 -6.47 14.14
C ALA B 139 37.66 -5.05 14.67
N ASN B 140 36.39 -4.66 14.81
CA ASN B 140 36.10 -3.28 15.22
C ASN B 140 35.78 -3.16 16.69
N GLY B 141 35.93 -4.26 17.42
CA GLY B 141 35.56 -4.30 18.82
C GLY B 141 34.07 -4.26 19.10
N GLY B 142 33.29 -4.59 18.07
CA GLY B 142 31.82 -4.68 18.17
C GLY B 142 31.14 -3.87 17.09
N GLY B 143 29.87 -3.55 17.31
CA GLY B 143 29.04 -2.88 16.32
C GLY B 143 27.58 -3.25 16.66
N ASP B 144 26.66 -3.00 15.76
CA ASP B 144 25.26 -3.42 15.98
C ASP B 144 25.06 -4.83 15.38
N ILE B 145 24.84 -5.83 16.21
CA ILE B 145 24.80 -7.18 15.68
C ILE B 145 23.54 -7.47 14.84
N VAL B 146 22.54 -6.62 15.03
CA VAL B 146 21.33 -6.67 14.20
C VAL B 146 21.64 -6.09 12.83
N THR B 147 22.01 -4.80 12.76
CA THR B 147 22.26 -4.16 11.46
C THR B 147 23.39 -4.88 10.66
N GLU B 148 24.40 -5.37 11.36
CA GLU B 148 25.52 -6.04 10.67
C GLU B 148 25.38 -7.53 10.34
N LEU B 149 24.46 -8.24 11.00
CA LEU B 149 24.33 -9.69 10.79
C LEU B 149 22.89 -10.20 10.84
N PHE B 150 22.17 -9.93 11.92
CA PHE B 150 20.88 -10.61 12.13
C PHE B 150 19.75 -10.08 11.26
N LYS B 151 19.83 -8.80 10.89
CA LYS B 151 18.98 -8.22 9.87
C LYS B 151 19.20 -8.86 8.50
N PRO B 152 20.42 -8.71 7.90
CA PRO B 152 20.62 -9.18 6.51
C PRO B 152 20.58 -10.69 6.28
N LEU B 153 21.02 -11.49 7.26
CA LEU B 153 21.11 -12.94 7.11
C LEU B 153 19.84 -13.66 6.60
N PRO B 154 18.69 -13.45 7.25
CA PRO B 154 17.49 -14.26 6.89
C PRO B 154 17.04 -13.97 5.47
N SER B 155 17.32 -12.78 4.97
CA SER B 155 16.90 -12.44 3.62
C SER B 155 17.52 -13.39 2.56
N MET B 156 18.79 -13.77 2.76
CA MET B 156 19.45 -14.70 1.84
C MET B 156 18.74 -16.05 1.87
N VAL B 157 18.30 -16.46 3.06
CA VAL B 157 17.63 -17.74 3.17
C VAL B 157 16.28 -17.75 2.46
N VAL B 158 15.52 -16.68 2.66
CA VAL B 158 14.26 -16.51 1.91
C VAL B 158 14.50 -16.51 0.39
N ALA B 159 15.52 -15.76 -0.08
CA ALA B 159 15.91 -15.76 -1.52
C ALA B 159 16.11 -17.18 -2.05
N HIS B 160 16.87 -17.99 -1.31
CA HIS B 160 17.12 -19.38 -1.66
C HIS B 160 15.80 -20.15 -1.79
N TYR B 161 14.91 -19.97 -0.80
CA TYR B 161 13.61 -20.69 -0.82
C TYR B 161 12.69 -20.27 -1.94
N LEU B 162 12.89 -19.05 -2.41
CA LEU B 162 12.14 -18.55 -3.57
C LEU B 162 12.80 -18.80 -4.94
N GLY B 163 13.95 -19.50 -4.94
CA GLY B 163 14.68 -19.74 -6.20
C GLY B 163 15.26 -18.49 -6.83
N VAL B 164 15.58 -17.48 -6.03
CA VAL B 164 16.21 -16.25 -6.56
C VAL B 164 17.70 -16.59 -6.76
N PRO B 165 18.19 -16.41 -8.00
CA PRO B 165 19.63 -16.67 -8.25
C PRO B 165 20.54 -15.76 -7.41
N GLU B 166 21.58 -16.36 -6.89
CA GLU B 166 22.44 -15.71 -5.91
C GLU B 166 22.91 -14.32 -6.39
N GLU B 167 22.98 -14.12 -7.70
CA GLU B 167 23.49 -12.84 -8.26
C GLU B 167 22.49 -11.70 -8.04
N ASP B 168 21.23 -12.07 -7.77
CA ASP B 168 20.18 -11.08 -7.54
C ASP B 168 19.89 -10.81 -6.07
N TRP B 169 20.62 -11.51 -5.21
CA TRP B 169 20.34 -11.45 -3.79
C TRP B 169 20.49 -10.07 -3.19
N THR B 170 21.46 -9.31 -3.68
CA THR B 170 21.68 -8.00 -3.13
C THR B 170 20.51 -7.06 -3.45
N GLN B 171 20.05 -7.08 -4.70
CA GLN B 171 18.91 -6.27 -5.11
C GLN B 171 17.62 -6.73 -4.37
N PHE B 172 17.46 -8.05 -4.30
CA PHE B 172 16.32 -8.65 -3.59
C PHE B 172 16.33 -8.26 -2.10
N ASP B 173 17.51 -8.24 -1.46
CA ASP B 173 17.64 -7.79 -0.04
C ASP B 173 17.30 -6.31 0.11
N GLY B 174 17.66 -5.51 -0.87
CA GLY B 174 17.22 -4.13 -0.88
C GLY B 174 15.71 -4.00 -0.82
N TRP B 175 15.01 -4.71 -1.71
CA TRP B 175 13.53 -4.66 -1.70
C TRP B 175 13.00 -5.22 -0.38
N THR B 176 13.58 -6.31 0.09
CA THR B 176 13.11 -6.92 1.32
C THR B 176 13.15 -5.97 2.52
N GLN B 177 14.28 -5.32 2.74
CA GLN B 177 14.44 -4.44 3.90
C GLN B 177 13.39 -3.30 3.89
N ALA B 178 13.08 -2.77 2.71
CA ALA B 178 12.09 -1.70 2.59
C ALA B 178 10.69 -2.19 2.97
N ILE B 179 10.34 -3.39 2.48
CA ILE B 179 9.04 -3.98 2.73
C ILE B 179 8.90 -4.30 4.23
N VAL B 180 9.89 -4.99 4.80
CA VAL B 180 9.83 -5.37 6.20
C VAL B 180 9.66 -4.15 7.10
N ALA B 181 10.33 -3.06 6.78
CA ALA B 181 10.18 -1.81 7.59
C ALA B 181 8.76 -1.25 7.47
N ALA B 182 8.25 -1.23 6.24
CA ALA B 182 6.90 -0.79 5.96
C ALA B 182 5.84 -1.62 6.71
N ASN B 183 6.08 -2.93 6.82
CA ASN B 183 5.10 -3.82 7.41
C ASN B 183 5.07 -3.67 8.93
N ALA B 184 5.99 -2.86 9.46
CA ALA B 184 6.05 -2.55 10.89
C ALA B 184 4.74 -1.92 11.35
N GLY B 191 3.77 2.62 1.87
CA GLY B 191 4.89 2.22 2.71
C GLY B 191 6.15 1.87 1.94
N ALA B 192 6.05 0.91 1.03
CA ALA B 192 7.23 0.49 0.27
C ALA B 192 6.91 0.36 -1.22
N LEU B 193 6.26 1.38 -1.78
CA LEU B 193 5.68 1.24 -3.11
C LEU B 193 6.76 0.86 -4.14
N ASP B 194 7.92 1.49 -4.08
CA ASP B 194 8.89 1.15 -5.11
C ASP B 194 9.38 -0.26 -4.95
N ALA B 195 9.65 -0.66 -3.70
CA ALA B 195 10.22 -1.98 -3.46
C ALA B 195 9.20 -3.06 -3.84
N VAL B 196 7.91 -2.78 -3.57
CA VAL B 196 6.80 -3.70 -3.91
C VAL B 196 6.72 -3.85 -5.44
N GLY B 197 6.73 -2.71 -6.13
CA GLY B 197 6.72 -2.71 -7.58
C GLY B 197 7.86 -3.52 -8.14
N SER B 198 9.08 -3.24 -7.66
CA SER B 198 10.24 -3.92 -8.15
C SER B 198 10.13 -5.44 -7.97
N MET B 199 9.73 -5.83 -6.77
CA MET B 199 9.68 -7.25 -6.43
C MET B 199 8.60 -7.93 -7.26
N MET B 200 7.49 -7.24 -7.47
N MET B 200 7.47 -7.24 -7.46
CA MET B 200 6.42 -7.81 -8.27
CA MET B 200 6.39 -7.80 -8.30
C MET B 200 6.90 -8.00 -9.70
C MET B 200 6.87 -7.98 -9.72
N ALA B 201 7.56 -6.98 -10.25
CA ALA B 201 8.07 -7.07 -11.63
C ALA B 201 9.07 -8.21 -11.78
N TYR B 202 10.00 -8.28 -10.83
CA TYR B 202 11.08 -9.27 -10.85
C TYR B 202 10.45 -10.66 -10.78
N PHE B 203 9.55 -10.85 -9.82
CA PHE B 203 8.93 -12.19 -9.65
C PHE B 203 8.04 -12.63 -10.82
N THR B 204 7.33 -11.68 -11.41
CA THR B 204 6.51 -12.00 -12.57
C THR B 204 7.45 -12.60 -13.64
N GLY B 205 8.64 -12.00 -13.81
CA GLY B 205 9.63 -12.53 -14.76
C GLY B 205 10.24 -13.91 -14.36
N LEU B 206 10.49 -14.10 -13.07
CA LEU B 206 11.09 -15.37 -12.60
C LEU B 206 10.06 -16.48 -12.77
N ILE B 207 8.81 -16.17 -12.48
CA ILE B 207 7.72 -17.12 -12.70
C ILE B 207 7.63 -17.57 -14.16
N GLU B 208 7.70 -16.62 -15.07
CA GLU B 208 7.78 -16.97 -16.50
C GLU B 208 8.94 -17.90 -16.79
N ARG B 209 10.12 -17.59 -16.24
CA ARG B 209 11.36 -18.34 -16.46
C ARG B 209 11.29 -19.77 -15.94
N ARG B 210 10.65 -19.94 -14.78
CA ARG B 210 10.54 -21.29 -14.22
C ARG B 210 9.65 -22.22 -15.06
N ARG B 211 8.90 -21.66 -16.00
CA ARG B 211 8.10 -22.49 -16.90
C ARG B 211 8.97 -23.42 -17.72
N THR B 212 10.10 -22.90 -18.16
CA THR B 212 11.01 -23.66 -19.02
C THR B 212 12.28 -24.12 -18.28
N GLU B 213 12.59 -23.50 -17.13
CA GLU B 213 13.75 -23.88 -16.34
C GLU B 213 13.35 -24.12 -14.92
N PRO B 214 12.75 -25.27 -14.66
CA PRO B 214 12.33 -25.61 -13.31
C PRO B 214 13.51 -25.80 -12.39
N ALA B 215 13.34 -25.46 -11.11
CA ALA B 215 14.34 -25.74 -10.13
C ALA B 215 13.60 -26.46 -8.98
N ASP B 216 14.22 -26.56 -7.81
CA ASP B 216 13.63 -27.42 -6.77
C ASP B 216 12.81 -26.59 -5.78
N ASP B 217 12.77 -25.30 -6.04
CA ASP B 217 12.19 -24.40 -5.06
C ASP B 217 10.67 -24.32 -5.04
N ALA B 218 10.13 -23.63 -4.03
CA ALA B 218 8.69 -23.55 -3.89
C ALA B 218 8.05 -22.91 -5.14
N ILE B 219 8.67 -21.84 -5.67
CA ILE B 219 8.08 -21.16 -6.83
C ILE B 219 8.07 -22.07 -8.05
N SER B 220 9.21 -22.69 -8.32
CA SER B 220 9.29 -23.64 -9.43
C SER B 220 8.17 -24.64 -9.29
N HIS B 221 7.92 -25.13 -8.07
CA HIS B 221 6.84 -26.13 -7.86
C HIS B 221 5.44 -25.67 -8.15
N LEU B 222 5.11 -24.44 -7.77
CA LEU B 222 3.80 -23.89 -8.16
C LEU B 222 3.65 -23.78 -9.69
N VAL B 223 4.69 -23.23 -10.33
CA VAL B 223 4.63 -23.01 -11.77
C VAL B 223 4.48 -24.33 -12.50
N ALA B 224 5.24 -25.32 -12.08
CA ALA B 224 5.14 -26.59 -12.72
C ALA B 224 3.73 -27.19 -12.64
N ALA B 225 2.95 -26.77 -11.65
CA ALA B 225 1.70 -27.44 -11.39
C ALA B 225 0.62 -26.70 -12.12
N GLY B 226 1.03 -25.76 -12.96
CA GLY B 226 0.12 -25.01 -13.79
C GLY B 226 -0.39 -23.69 -13.24
N VAL B 227 0.15 -23.25 -12.12
CA VAL B 227 -0.39 -22.05 -11.48
C VAL B 227 -0.03 -20.85 -12.29
N GLY B 228 -1.01 -20.05 -12.70
CA GLY B 228 -0.73 -18.76 -13.36
C GLY B 228 -0.57 -18.86 -14.87
N ALA B 229 -0.61 -20.09 -15.36
CA ALA B 229 -0.46 -20.38 -16.78
C ALA B 229 -1.53 -19.65 -17.57
N ASP B 230 -1.23 -19.36 -18.84
CA ASP B 230 -2.24 -18.89 -19.77
C ASP B 230 -2.87 -17.57 -19.36
N GLY B 231 -2.06 -16.57 -19.05
CA GLY B 231 -2.60 -15.26 -18.63
C GLY B 231 -3.53 -15.31 -17.40
N ASP B 232 -3.36 -16.30 -16.53
CA ASP B 232 -4.25 -16.40 -15.38
C ASP B 232 -3.74 -15.44 -14.36
N THR B 233 -4.16 -14.17 -14.42
CA THR B 233 -3.53 -13.16 -13.52
C THR B 233 -3.72 -13.57 -12.05
N ALA B 234 -4.90 -14.11 -11.75
CA ALA B 234 -5.21 -14.58 -10.40
C ALA B 234 -4.19 -15.66 -9.92
N GLY B 235 -3.89 -16.62 -10.79
CA GLY B 235 -2.93 -17.69 -10.42
C GLY B 235 -1.54 -17.06 -10.18
N THR B 236 -1.20 -16.07 -11.00
CA THR B 236 0.08 -15.39 -10.87
C THR B 236 0.10 -14.67 -9.55
N LEU B 237 -0.98 -13.95 -9.30
CA LEU B 237 -1.13 -13.24 -8.04
C LEU B 237 -0.97 -14.17 -6.85
N SER B 238 -1.50 -15.40 -6.90
CA SER B 238 -1.29 -16.30 -5.76
C SER B 238 0.22 -16.64 -5.51
N ILE B 239 1.00 -16.78 -6.58
CA ILE B 239 2.45 -16.99 -6.42
C ILE B 239 3.09 -15.73 -5.86
N LEU B 240 2.68 -14.56 -6.37
CA LEU B 240 3.20 -13.33 -5.79
C LEU B 240 2.82 -13.17 -4.32
N ALA B 241 1.60 -13.54 -3.96
CA ALA B 241 1.14 -13.39 -2.60
C ALA B 241 2.02 -14.34 -1.73
N PHE B 242 2.36 -15.52 -2.26
CA PHE B 242 3.27 -16.41 -1.55
C PHE B 242 4.64 -15.75 -1.36
N THR B 243 5.14 -15.07 -2.39
CA THR B 243 6.43 -14.40 -2.31
C THR B 243 6.40 -13.38 -1.19
N PHE B 244 5.32 -12.62 -1.11
CA PHE B 244 5.19 -11.68 -0.01
C PHE B 244 5.02 -12.28 1.40
N THR B 245 4.29 -13.37 1.50
CA THR B 245 4.24 -14.15 2.75
C THR B 245 5.65 -14.51 3.21
N MET B 246 6.42 -15.04 2.27
CA MET B 246 7.82 -15.44 2.55
C MET B 246 8.67 -14.25 3.02
N VAL B 247 8.61 -13.14 2.30
CA VAL B 247 9.36 -11.97 2.64
C VAL B 247 8.89 -11.34 3.95
N THR B 248 7.59 -11.21 4.14
CA THR B 248 7.06 -10.51 5.35
C THR B 248 7.06 -11.38 6.63
N GLY B 249 7.08 -12.70 6.46
CA GLY B 249 7.12 -13.66 7.59
C GLY B 249 8.46 -14.32 7.90
N GLY B 250 9.42 -14.26 6.95
CA GLY B 250 10.62 -15.10 7.01
C GLY B 250 11.84 -14.29 7.45
N ASN B 251 11.68 -12.98 7.58
CA ASN B 251 12.82 -12.07 7.86
C ASN B 251 12.83 -11.53 9.27
N ASP B 252 11.87 -10.66 9.57
CA ASP B 252 11.87 -10.04 10.93
C ASP B 252 11.79 -11.04 12.09
N THR B 253 11.10 -12.15 11.83
CA THR B 253 10.96 -13.25 12.78
C THR B 253 12.34 -13.89 13.13
N VAL B 254 13.13 -14.22 12.11
CA VAL B 254 14.45 -14.77 12.36
C VAL B 254 15.33 -13.74 13.09
N THR B 255 15.16 -12.46 12.74
CA THR B 255 15.94 -11.43 13.38
C THR B 255 15.55 -11.33 14.85
N GLY B 256 14.27 -11.56 15.18
CA GLY B 256 13.84 -11.48 16.56
C GLY B 256 14.37 -12.67 17.33
N MET B 257 14.40 -13.85 16.69
CA MET B 257 14.99 -15.04 17.29
C MET B 257 16.45 -14.79 17.66
N LEU B 258 17.24 -14.42 16.67
CA LEU B 258 18.67 -14.21 16.84
C LEU B 258 19.00 -13.06 17.81
N GLY B 259 18.42 -11.90 17.53
CA GLY B 259 18.65 -10.71 18.36
C GLY B 259 18.10 -10.85 19.78
N GLY B 260 16.91 -11.44 19.90
CA GLY B 260 16.27 -11.65 21.22
C GLY B 260 17.01 -12.68 22.07
N SER B 261 17.78 -13.55 21.44
CA SER B 261 18.53 -14.56 22.20
C SER B 261 19.74 -13.91 22.86
N MET B 262 20.22 -12.80 22.32
CA MET B 262 21.48 -12.22 22.80
C MET B 262 21.45 -11.85 24.32
N PRO B 263 20.41 -11.10 24.75
CA PRO B 263 20.36 -10.78 26.20
C PRO B 263 20.13 -12.04 27.05
N LEU B 264 19.29 -12.96 26.56
CA LEU B 264 19.08 -14.25 27.26
C LEU B 264 20.41 -14.97 27.56
N LEU B 265 21.30 -15.06 26.58
CA LEU B 265 22.52 -15.80 26.73
C LEU B 265 23.52 -14.95 27.46
N HIS B 266 23.52 -13.67 27.19
CA HIS B 266 24.43 -12.76 27.89
C HIS B 266 24.24 -12.83 29.41
N ARG B 267 23.03 -12.98 29.88
CA ARG B 267 22.87 -12.87 31.31
C ARG B 267 22.99 -14.22 32.05
N ARG B 268 23.30 -15.28 31.30
CA ARG B 268 23.43 -16.63 31.85
C ARG B 268 24.72 -17.33 31.42
N PRO B 269 25.87 -16.89 32.00
CA PRO B 269 27.10 -17.55 31.59
C PRO B 269 27.08 -19.04 31.90
N ASP B 270 26.30 -19.48 32.88
CA ASP B 270 26.26 -20.91 33.16
C ASP B 270 25.69 -21.63 31.96
N GLN B 271 24.77 -20.99 31.28
CA GLN B 271 24.06 -21.65 30.19
C GLN B 271 25.00 -21.58 28.99
N ARG B 272 25.67 -20.45 28.78
CA ARG B 272 26.68 -20.45 27.70
C ARG B 272 27.72 -21.51 28.00
N ARG B 273 28.17 -21.63 29.26
CA ARG B 273 29.18 -22.61 29.57
C ARG B 273 28.80 -24.02 29.12
N LEU B 274 27.55 -24.42 29.33
CA LEU B 274 27.08 -25.73 28.88
C LEU B 274 27.40 -25.91 27.42
N LEU B 275 27.17 -24.85 26.64
CA LEU B 275 27.30 -24.92 25.18
C LEU B 275 28.73 -24.69 24.70
N LEU B 276 29.46 -23.85 25.41
CA LEU B 276 30.92 -23.74 25.22
C LEU B 276 31.67 -25.09 25.41
N ASP B 277 31.27 -25.87 26.41
CA ASP B 277 31.89 -27.20 26.72
C ASP B 277 31.30 -28.37 25.95
N ASP B 278 30.10 -28.16 25.42
CA ASP B 278 29.45 -29.17 24.63
C ASP B 278 28.58 -28.50 23.57
N PRO B 279 29.21 -28.12 22.47
CA PRO B 279 28.44 -27.56 21.35
C PRO B 279 27.34 -28.50 20.79
N GLU B 280 27.38 -29.80 21.09
CA GLU B 280 26.34 -30.69 20.56
C GLU B 280 25.02 -30.45 21.27
N GLY B 281 25.07 -29.67 22.34
CA GLY B 281 23.88 -29.18 23.01
C GLY B 281 23.12 -28.05 22.29
N ILE B 282 23.72 -27.48 21.25
CA ILE B 282 23.20 -26.31 20.59
C ILE B 282 21.79 -26.52 19.95
N PRO B 283 21.55 -27.68 19.31
CA PRO B 283 20.19 -27.84 18.76
C PRO B 283 19.14 -27.76 19.86
N ASP B 284 19.38 -28.44 20.99
CA ASP B 284 18.44 -28.40 22.07
C ASP B 284 18.30 -26.99 22.57
N ALA B 285 19.41 -26.26 22.61
CA ALA B 285 19.41 -24.88 23.06
C ALA B 285 18.54 -24.04 22.15
N VAL B 286 18.61 -24.32 20.85
CA VAL B 286 17.87 -23.53 19.89
C VAL B 286 16.37 -23.65 20.17
N GLU B 287 15.90 -24.85 20.54
CA GLU B 287 14.47 -25.02 20.85
C GLU B 287 14.08 -24.12 22.05
N GLU B 288 14.94 -24.10 23.06
CA GLU B 288 14.68 -23.28 24.26
C GLU B 288 14.68 -21.78 23.94
N LEU B 289 15.59 -21.37 23.07
CA LEU B 289 15.62 -19.99 22.67
C LEU B 289 14.40 -19.57 21.82
N LEU B 290 13.97 -20.47 20.97
CA LEU B 290 12.74 -20.29 20.21
C LEU B 290 11.56 -20.19 21.15
N ARG B 291 11.55 -20.98 22.23
CA ARG B 291 10.46 -20.86 23.21
C ARG B 291 10.41 -19.46 23.82
N LEU B 292 11.57 -19.02 24.30
CA LEU B 292 11.58 -17.80 25.11
C LEU B 292 11.47 -16.57 24.22
N THR B 293 12.02 -16.62 23.01
CA THR B 293 11.89 -15.43 22.15
C THR B 293 10.54 -15.34 21.41
N SER B 294 10.05 -16.51 20.99
CA SER B 294 8.74 -16.62 20.32
C SER B 294 8.43 -15.37 19.43
N PRO B 295 9.19 -15.21 18.34
CA PRO B 295 9.21 -13.91 17.66
C PRO B 295 7.82 -13.53 17.20
N VAL B 296 7.02 -14.49 16.70
CA VAL B 296 5.61 -14.21 16.52
C VAL B 296 4.99 -14.43 17.90
N GLN B 297 4.81 -13.31 18.61
CA GLN B 297 4.30 -13.33 19.97
C GLN B 297 2.77 -13.67 20.06
N GLY B 298 2.01 -13.21 19.07
CA GLY B 298 0.59 -13.58 18.95
C GLY B 298 0.06 -13.41 17.53
N LEU B 299 -0.94 -14.19 17.16
CA LEU B 299 -1.70 -13.94 15.92
C LEU B 299 -3.15 -14.27 16.20
N ALA B 300 -4.02 -13.62 15.43
CA ALA B 300 -5.44 -13.77 15.71
C ALA B 300 -6.10 -14.83 14.82
N ARG B 301 -7.28 -15.25 15.30
CA ARG B 301 -8.24 -16.06 14.51
C ARG B 301 -9.61 -15.47 14.70
N THR B 302 -10.56 -15.92 13.87
CA THR B 302 -11.97 -15.52 14.03
C THR B 302 -12.80 -16.76 14.32
N THR B 303 -13.59 -16.74 15.39
CA THR B 303 -14.46 -17.89 15.72
C THR B 303 -15.53 -18.02 14.66
N THR B 304 -15.75 -19.27 14.21
CA THR B 304 -16.85 -19.61 13.26
C THR B 304 -18.15 -20.12 13.93
N ARG B 305 -18.12 -20.29 15.27
CA ARG B 305 -19.27 -20.70 16.12
C ARG B 305 -18.90 -20.34 17.55
N ASP B 306 -19.88 -20.43 18.45
CA ASP B 306 -19.63 -20.11 19.85
C ASP B 306 -18.66 -21.20 20.32
N VAL B 307 -17.74 -20.86 21.19
CA VAL B 307 -16.82 -21.88 21.73
C VAL B 307 -16.61 -21.57 23.22
N THR B 308 -16.68 -22.60 24.03
CA THR B 308 -16.61 -22.39 25.47
C THR B 308 -15.31 -22.97 25.95
N ILE B 309 -14.54 -22.13 26.61
CA ILE B 309 -13.30 -22.55 27.17
C ILE B 309 -13.35 -22.25 28.66
N GLY B 310 -13.34 -23.30 29.48
CA GLY B 310 -13.59 -23.12 30.92
C GLY B 310 -14.93 -22.49 31.20
N ASP B 311 -14.90 -21.38 31.92
CA ASP B 311 -16.12 -20.68 32.34
C ASP B 311 -16.47 -19.52 31.39
N THR B 312 -15.83 -19.52 30.22
CA THR B 312 -16.01 -18.40 29.31
C THR B 312 -16.49 -18.86 27.94
N THR B 313 -17.58 -18.30 27.47
CA THR B 313 -18.04 -18.64 26.11
C THR B 313 -17.70 -17.48 25.18
N ILE B 314 -16.96 -17.79 24.13
CA ILE B 314 -16.61 -16.76 23.16
C ILE B 314 -17.67 -16.86 22.03
N PRO B 315 -18.37 -15.76 21.71
CA PRO B 315 -19.40 -15.85 20.68
C PRO B 315 -18.79 -16.09 19.31
N ALA B 316 -19.57 -16.73 18.47
CA ALA B 316 -19.32 -16.77 17.01
C ALA B 316 -19.04 -15.38 16.44
N GLY B 317 -18.11 -15.29 15.49
CA GLY B 317 -17.84 -14.04 14.85
C GLY B 317 -16.90 -13.07 15.55
N ARG B 318 -16.27 -13.51 16.62
CA ARG B 318 -15.29 -12.61 17.31
C ARG B 318 -13.85 -13.02 17.06
N ARG B 319 -12.96 -12.03 17.07
CA ARG B 319 -11.56 -12.35 16.95
C ARG B 319 -11.00 -12.83 18.27
N VAL B 320 -10.09 -13.76 18.15
CA VAL B 320 -9.36 -14.29 19.33
C VAL B 320 -7.85 -14.24 19.08
N LEU B 321 -7.12 -13.50 19.95
CA LEU B 321 -5.67 -13.44 19.85
C LEU B 321 -5.00 -14.65 20.56
N LEU B 322 -4.28 -15.44 19.76
CA LEU B 322 -3.55 -16.57 20.29
C LEU B 322 -2.17 -16.10 20.68
N LEU B 323 -1.93 -15.97 21.99
CA LEU B 323 -0.64 -15.51 22.49
C LEU B 323 0.36 -16.66 22.54
N TYR B 324 0.94 -16.99 21.38
CA TYR B 324 2.02 -17.98 21.30
C TYR B 324 3.11 -17.68 22.31
N GLY B 325 3.42 -16.39 22.43
CA GLY B 325 4.50 -15.91 23.37
C GLY B 325 4.22 -16.27 24.84
N SER B 326 2.95 -16.30 25.21
CA SER B 326 2.55 -16.58 26.60
C SER B 326 2.41 -18.08 26.81
N ALA B 327 1.79 -18.75 25.82
CA ALA B 327 1.70 -20.23 25.81
C ALA B 327 3.07 -20.81 25.99
N ASN B 328 4.06 -20.23 25.31
CA ASN B 328 5.46 -20.72 25.39
C ASN B 328 6.09 -20.54 26.78
N ARG B 329 5.48 -19.70 27.59
CA ARG B 329 5.99 -19.41 28.93
C ARG B 329 5.03 -19.85 30.02
N ASP B 330 4.12 -20.76 29.69
CA ASP B 330 3.08 -21.20 30.65
C ASP B 330 3.73 -22.21 31.65
N GLU B 331 3.77 -21.79 32.91
CA GLU B 331 4.22 -22.68 33.99
C GLU B 331 3.45 -23.99 34.06
N ARG B 332 2.21 -23.99 33.54
CA ARG B 332 1.43 -25.21 33.48
C ARG B 332 1.99 -26.22 32.54
N GLN B 333 2.73 -25.78 31.55
CA GLN B 333 3.30 -26.70 30.55
C GLN B 333 4.78 -26.91 30.83
N TYR B 334 5.45 -25.85 31.18
CA TYR B 334 6.91 -25.87 31.31
C TYR B 334 7.44 -25.79 32.75
N GLY B 335 6.56 -25.69 33.73
CA GLY B 335 7.06 -25.74 35.13
C GLY B 335 7.31 -24.35 35.71
N PRO B 336 7.56 -24.27 37.03
CA PRO B 336 7.58 -22.95 37.66
C PRO B 336 8.75 -22.08 37.24
N ASP B 337 9.70 -22.70 36.55
CA ASP B 337 10.86 -22.03 35.98
C ASP B 337 10.69 -21.71 34.50
N ALA B 338 9.43 -21.76 34.01
CA ALA B 338 9.12 -21.42 32.60
C ALA B 338 9.80 -20.13 32.14
N ALA B 339 9.95 -19.15 33.04
CA ALA B 339 10.47 -17.87 32.63
C ALA B 339 11.96 -17.86 32.36
N GLU B 340 12.66 -18.91 32.75
CA GLU B 340 14.11 -18.90 32.78
C GLU B 340 14.71 -19.71 31.62
N LEU B 341 15.92 -19.34 31.21
CA LEU B 341 16.62 -20.13 30.19
C LEU B 341 17.18 -21.41 30.75
N ASP B 342 16.80 -22.55 30.19
CA ASP B 342 17.43 -23.81 30.53
C ASP B 342 17.67 -24.51 29.24
N VAL B 343 18.91 -24.44 28.76
CA VAL B 343 19.23 -25.03 27.46
C VAL B 343 19.13 -26.54 27.38
N THR B 344 18.96 -27.17 28.54
CA THR B 344 18.76 -28.59 28.61
C THR B 344 17.31 -28.99 28.76
N ARG B 345 16.40 -28.01 28.74
CA ARG B 345 15.01 -28.30 29.01
C ARG B 345 14.40 -29.26 28.00
N CYS B 346 14.83 -29.18 26.76
CA CYS B 346 14.18 -29.91 25.67
C CYS B 346 12.65 -29.69 25.63
N PRO B 347 12.22 -28.42 25.56
CA PRO B 347 10.78 -28.12 25.67
C PRO B 347 9.99 -28.82 24.56
N ARG B 348 8.86 -29.39 24.91
CA ARG B 348 8.00 -30.02 23.92
C ARG B 348 6.79 -29.14 23.63
N ASN B 349 6.25 -29.36 22.43
CA ASN B 349 5.05 -28.68 21.97
C ASN B 349 5.13 -27.15 22.10
N ILE B 350 6.27 -26.58 21.71
CA ILE B 350 6.37 -25.11 21.70
C ILE B 350 5.42 -24.56 20.66
N LEU B 351 5.02 -23.31 20.87
CA LEU B 351 4.05 -22.65 19.95
C LEU B 351 4.72 -21.66 18.99
N THR B 352 6.05 -21.61 18.97
CA THR B 352 6.77 -20.62 18.14
C THR B 352 6.44 -20.63 16.66
N PHE B 353 6.17 -21.81 16.14
CA PHE B 353 5.80 -21.99 14.76
C PHE B 353 4.33 -22.35 14.58
N SER B 354 3.49 -21.99 15.56
CA SER B 354 2.07 -22.42 15.62
C SER B 354 1.92 -23.94 15.67
N HIS B 355 0.75 -24.44 15.30
CA HIS B 355 0.53 -25.86 15.41
C HIS B 355 -0.69 -26.09 14.51
N GLY B 356 -0.68 -27.19 13.78
CA GLY B 356 -1.79 -27.61 12.93
C GLY B 356 -1.56 -27.21 11.48
N ALA B 357 -2.65 -26.85 10.79
CA ALA B 357 -2.60 -26.69 9.33
C ALA B 357 -1.54 -25.70 8.86
N HIS B 358 -1.37 -24.62 9.62
CA HIS B 358 -0.48 -23.51 9.20
C HIS B 358 0.92 -23.61 9.82
N HIS B 359 1.24 -24.72 10.49
CA HIS B 359 2.57 -24.84 11.10
C HIS B 359 3.65 -24.30 10.17
N CYS B 360 4.51 -23.42 10.69
CA CYS B 360 5.50 -22.72 9.86
C CYS B 360 6.23 -23.67 8.89
N LEU B 361 6.09 -23.41 7.58
CA LEU B 361 6.87 -24.13 6.55
C LEU B 361 8.37 -23.91 6.68
N GLY B 362 8.72 -22.76 7.24
CA GLY B 362 10.11 -22.32 7.47
C GLY B 362 10.78 -22.85 8.73
N ALA B 363 10.06 -23.65 9.53
CA ALA B 363 10.59 -24.03 10.87
C ALA B 363 12.04 -24.58 10.80
N ALA B 364 12.31 -25.53 9.89
CA ALA B 364 13.69 -26.10 9.74
C ALA B 364 14.70 -25.02 9.31
N ALA B 365 14.32 -24.16 8.37
CA ALA B 365 15.23 -23.09 7.97
C ALA B 365 15.58 -22.13 9.11
N ALA B 366 14.58 -21.80 9.92
CA ALA B 366 14.76 -20.88 11.08
C ALA B 366 15.67 -21.55 12.07
N ARG B 367 15.35 -22.81 12.37
CA ARG B 367 16.15 -23.61 13.29
C ARG B 367 17.62 -23.71 12.83
N MET B 368 17.81 -24.03 11.55
CA MET B 368 19.19 -24.02 10.97
C MET B 368 19.91 -22.68 11.17
N GLN B 369 19.28 -21.55 10.86
CA GLN B 369 19.94 -20.25 11.13
C GLN B 369 20.34 -19.96 12.58
N CYS B 370 19.42 -20.25 13.52
CA CYS B 370 19.73 -20.13 14.91
C CYS B 370 20.92 -21.02 15.27
N ARG B 371 20.89 -22.26 14.81
CA ARG B 371 22.00 -23.20 15.12
C ARG B 371 23.32 -22.66 14.64
N VAL B 372 23.35 -22.27 13.38
CA VAL B 372 24.59 -21.77 12.79
C VAL B 372 25.07 -20.50 13.52
N ALA B 373 24.17 -19.58 13.81
CA ALA B 373 24.60 -18.33 14.43
C ALA B 373 25.12 -18.56 15.85
N LEU B 374 24.44 -19.43 16.59
CA LEU B 374 24.80 -19.66 18.00
C LEU B 374 26.15 -20.39 18.02
N THR B 375 26.30 -21.37 17.15
CA THR B 375 27.57 -22.08 17.00
C THR B 375 28.76 -21.11 16.79
N GLU B 376 28.67 -20.22 15.81
CA GLU B 376 29.78 -19.28 15.53
C GLU B 376 29.95 -18.16 16.56
N LEU B 377 28.84 -17.69 17.11
CA LEU B 377 28.91 -16.69 18.14
C LEU B 377 29.74 -17.21 19.34
N LEU B 378 29.49 -18.46 19.72
CA LEU B 378 30.18 -19.09 20.85
C LEU B 378 31.64 -19.36 20.50
N ALA B 379 31.89 -19.72 19.23
CA ALA B 379 33.27 -19.96 18.76
C ALA B 379 34.12 -18.71 18.50
N ARG B 380 33.49 -17.58 18.21
CA ARG B 380 34.26 -16.40 17.83
C ARG B 380 34.16 -15.21 18.80
N CYS B 381 33.09 -15.14 19.60
CA CYS B 381 32.92 -14.09 20.61
C CYS B 381 32.14 -14.58 21.81
N PRO B 382 32.66 -15.62 22.48
CA PRO B 382 32.03 -16.28 23.64
C PRO B 382 31.69 -15.30 24.76
N ASP B 383 32.49 -14.22 24.81
CA ASP B 383 32.43 -13.22 25.86
C ASP B 383 31.78 -11.89 25.44
N PHE B 384 30.95 -11.89 24.39
CA PHE B 384 30.27 -10.65 23.97
C PHE B 384 29.52 -9.90 25.09
N GLU B 385 29.23 -8.62 24.87
CA GLU B 385 28.42 -7.86 25.81
C GLU B 385 27.27 -7.17 25.11
N VAL B 386 26.07 -7.33 25.65
CA VAL B 386 24.96 -6.52 25.16
C VAL B 386 24.36 -5.77 26.33
N ALA B 387 23.92 -4.53 26.10
CA ALA B 387 23.14 -3.81 27.07
C ALA B 387 21.68 -3.85 26.67
N GLU B 388 20.86 -4.59 27.44
CA GLU B 388 19.41 -4.65 27.20
C GLU B 388 18.81 -3.26 27.22
N SER B 389 19.28 -2.49 28.19
CA SER B 389 19.05 -1.08 28.29
C SER B 389 19.18 -0.40 26.91
N ARG B 390 20.12 -0.87 26.09
CA ARG B 390 20.40 -0.16 24.82
C ARG B 390 19.77 -0.83 23.59
N ILE B 391 19.13 -1.98 23.79
CA ILE B 391 18.34 -2.61 22.70
C ILE B 391 17.15 -1.76 22.27
N VAL B 392 16.94 -1.61 20.96
CA VAL B 392 15.77 -0.88 20.49
C VAL B 392 14.88 -1.91 19.82
N TRP B 393 13.61 -1.93 20.21
CA TRP B 393 12.67 -2.93 19.73
C TRP B 393 11.87 -2.31 18.58
N SER B 394 11.54 -3.13 17.60
CA SER B 394 10.66 -2.65 16.55
C SER B 394 9.25 -2.42 17.06
N GLY B 395 8.57 -1.46 16.41
CA GLY B 395 7.15 -1.30 16.53
C GLY B 395 6.41 -2.50 16.00
N GLY B 396 5.13 -2.54 16.36
CA GLY B 396 4.17 -3.55 15.85
C GLY B 396 3.81 -4.51 16.95
N SER B 397 2.54 -4.95 16.97
CA SER B 397 2.00 -5.66 18.14
C SER B 397 2.07 -7.19 18.07
N TYR B 398 2.52 -7.74 16.93
CA TYR B 398 2.50 -9.22 16.73
C TYR B 398 3.86 -9.92 16.74
N VAL B 399 4.86 -9.27 16.14
CA VAL B 399 6.20 -9.77 16.13
C VAL B 399 7.10 -8.94 17.04
N ARG B 400 7.87 -9.63 17.85
CA ARG B 400 8.80 -8.99 18.80
C ARG B 400 10.22 -9.20 18.26
N ARG B 401 10.85 -8.14 17.80
CA ARG B 401 12.19 -8.21 17.24
C ARG B 401 12.96 -6.91 17.43
N PRO B 402 14.27 -7.00 17.73
CA PRO B 402 15.07 -5.76 17.92
C PRO B 402 15.45 -5.14 16.60
N LEU B 403 15.45 -3.81 16.56
CA LEU B 403 15.97 -3.04 15.43
C LEU B 403 17.47 -2.85 15.59
N SER B 404 17.91 -3.00 16.83
CA SER B 404 19.26 -2.58 17.22
C SER B 404 19.64 -3.34 18.47
N VAL B 405 20.76 -4.04 18.38
CA VAL B 405 21.34 -4.68 19.53
C VAL B 405 22.83 -4.30 19.56
N PRO B 406 23.16 -3.11 20.13
CA PRO B 406 24.58 -2.74 20.30
C PRO B 406 25.37 -3.92 20.92
N PHE B 407 26.55 -4.22 20.37
CA PHE B 407 27.25 -5.48 20.65
C PHE B 407 28.74 -5.21 20.86
N ARG B 408 29.30 -5.73 21.94
CA ARG B 408 30.75 -5.55 22.20
C ARG B 408 31.46 -6.87 22.24
N VAL B 409 32.67 -6.85 21.70
CA VAL B 409 33.57 -7.98 21.71
C VAL B 409 35.00 -7.49 22.03
N SER C 12 -15.56 27.02 9.26
CA SER C 12 -16.66 27.19 8.25
C SER C 12 -16.29 28.17 7.13
N HIS C 13 -15.80 29.36 7.49
CA HIS C 13 -14.99 30.15 6.55
C HIS C 13 -13.51 29.86 6.86
N GLU C 14 -13.29 29.12 7.93
CA GLU C 14 -11.94 28.83 8.41
C GLU C 14 -11.25 27.87 7.40
N PHE C 15 -9.99 28.13 7.07
CA PHE C 15 -9.33 27.25 6.11
C PHE C 15 -9.20 25.89 6.75
N GLN C 16 -9.45 24.86 5.95
CA GLN C 16 -9.26 23.50 6.43
C GLN C 16 -9.20 22.63 5.20
N LEU C 17 -8.56 21.49 5.34
CA LEU C 17 -8.44 20.58 4.21
C LEU C 17 -9.81 19.90 4.13
N ALA C 18 -10.36 19.80 2.93
CA ALA C 18 -11.70 19.28 2.70
C ALA C 18 -11.89 17.86 3.16
N THR C 19 -13.12 17.55 3.55
CA THR C 19 -13.53 16.20 3.85
C THR C 19 -14.83 15.99 3.05
N ALA C 20 -15.35 14.78 3.10
CA ALA C 20 -16.61 14.52 2.38
C ALA C 20 -17.70 15.50 2.83
N GLU C 21 -17.57 15.97 4.08
CA GLU C 21 -18.58 16.83 4.67
C GLU C 21 -18.49 18.27 4.23
N THR C 22 -17.29 18.71 3.84
CA THR C 22 -17.08 20.09 3.40
C THR C 22 -16.95 20.26 1.87
N TRP C 23 -16.86 19.14 1.12
CA TRP C 23 -16.85 19.27 -0.32
C TRP C 23 -18.11 19.90 -0.94
N PRO C 24 -19.29 19.75 -0.28
CA PRO C 24 -20.45 20.28 -0.95
C PRO C 24 -20.28 21.74 -1.27
N ASN C 25 -19.60 22.48 -0.38
CA ASN C 25 -19.60 23.92 -0.51
C ASN C 25 -18.35 24.64 0.00
N PRO C 26 -17.20 24.33 -0.60
CA PRO C 26 -15.94 24.94 -0.14
C PRO C 26 -15.80 26.41 -0.57
N TRP C 27 -16.66 26.87 -1.45
CA TRP C 27 -16.44 28.12 -2.17
C TRP C 27 -16.39 29.34 -1.23
N PRO C 28 -17.16 29.32 -0.12
CA PRO C 28 -17.08 30.58 0.66
C PRO C 28 -15.70 30.70 1.29
N MET C 29 -15.18 29.56 1.74
CA MET C 29 -13.87 29.49 2.39
C MET C 29 -12.76 29.90 1.41
N TYR C 30 -12.84 29.49 0.13
CA TYR C 30 -11.90 30.00 -0.94
C TYR C 30 -11.97 31.52 -0.99
N ARG C 31 -13.18 32.05 -0.91
CA ARG C 31 -13.44 33.50 -0.94
C ARG C 31 -12.80 34.25 0.24
N ALA C 32 -13.02 33.75 1.45
CA ALA C 32 -12.40 34.32 2.65
C ALA C 32 -10.88 34.39 2.43
N LEU C 33 -10.31 33.32 1.86
CA LEU C 33 -8.89 33.32 1.50
C LEU C 33 -8.48 34.36 0.49
N ARG C 34 -9.12 34.35 -0.67
CA ARG C 34 -8.72 35.22 -1.75
C ARG C 34 -8.74 36.67 -1.31
N ASP C 35 -9.74 37.00 -0.49
CA ASP C 35 -10.01 38.41 -0.17
C ASP C 35 -9.16 38.91 0.99
N HIS C 36 -9.04 38.11 2.02
CA HIS C 36 -8.40 38.61 3.21
C HIS C 36 -7.09 37.94 3.55
N ASP C 37 -6.70 36.93 2.75
CA ASP C 37 -5.46 36.23 3.00
C ASP C 37 -4.99 35.39 1.80
N PRO C 38 -4.69 36.03 0.64
CA PRO C 38 -4.41 35.27 -0.61
C PRO C 38 -3.09 34.47 -0.58
N VAL C 39 -2.19 34.81 0.32
CA VAL C 39 -1.04 33.99 0.57
C VAL C 39 -1.10 33.60 2.01
N HIS C 40 -1.86 32.54 2.29
CA HIS C 40 -2.29 32.17 3.61
C HIS C 40 -1.36 31.19 4.33
N HIS C 41 -0.94 31.54 5.53
CA HIS C 41 -0.12 30.67 6.32
C HIS C 41 -1.02 29.79 7.13
N VAL C 42 -0.87 28.49 6.91
CA VAL C 42 -1.50 27.50 7.74
C VAL C 42 -0.51 26.94 8.73
N VAL C 43 -0.82 27.12 10.02
CA VAL C 43 -0.05 26.51 11.07
C VAL C 43 -0.84 25.51 11.88
N PRO C 44 -0.65 24.21 11.63
CA PRO C 44 -1.45 23.18 12.31
C PRO C 44 -1.25 23.14 13.81
N PRO C 45 -2.34 23.40 14.59
CA PRO C 45 -2.13 23.52 16.01
C PRO C 45 -1.32 22.38 16.62
N GLN C 46 -1.69 21.13 16.34
CA GLN C 46 -0.96 20.03 16.93
C GLN C 46 0.33 19.65 16.19
N ARG C 47 0.63 20.31 15.08
CA ARG C 47 1.94 20.08 14.46
C ARG C 47 2.40 21.35 13.79
N PRO C 48 2.78 22.36 14.61
CA PRO C 48 3.17 23.66 14.04
C PRO C 48 4.43 23.63 13.12
N GLU C 49 5.30 22.65 13.33
CA GLU C 49 6.43 22.36 12.43
C GLU C 49 6.00 22.07 10.99
N TYR C 50 4.76 21.66 10.78
CA TYR C 50 4.24 21.30 9.44
C TYR C 50 3.45 22.42 8.80
N ASP C 51 3.77 23.66 9.16
CA ASP C 51 3.10 24.78 8.59
C ASP C 51 3.32 24.78 7.08
N TYR C 52 2.39 25.37 6.37
CA TYR C 52 2.49 25.50 4.97
C TYR C 52 1.71 26.69 4.56
N TYR C 53 1.71 26.96 3.28
CA TYR C 53 1.06 28.10 2.75
C TYR C 53 0.05 27.63 1.75
N VAL C 54 -0.89 28.52 1.46
CA VAL C 54 -2.00 28.26 0.56
C VAL C 54 -2.20 29.46 -0.39
N LEU C 55 -2.15 29.19 -1.69
CA LEU C 55 -2.42 30.20 -2.71
C LEU C 55 -3.80 30.03 -3.36
N SER C 56 -4.65 31.07 -3.22
CA SER C 56 -6.03 31.02 -3.67
C SER C 56 -6.27 31.89 -4.91
N ARG C 57 -5.43 32.87 -5.14
CA ARG C 57 -5.73 33.72 -6.26
C ARG C 57 -5.24 33.14 -7.56
N HIS C 58 -6.02 33.39 -8.60
CA HIS C 58 -5.69 32.93 -9.93
C HIS C 58 -4.26 33.28 -10.35
N ALA C 59 -3.88 34.52 -10.10
CA ALA C 59 -2.64 35.03 -10.64
C ALA C 59 -1.47 34.34 -9.95
N ASP C 60 -1.57 34.16 -8.63
CA ASP C 60 -0.52 33.56 -7.85
C ASP C 60 -0.43 32.04 -8.20
N VAL C 61 -1.58 31.38 -8.37
CA VAL C 61 -1.56 29.96 -8.69
C VAL C 61 -1.03 29.69 -10.08
N TRP C 62 -1.46 30.51 -11.03
CA TRP C 62 -0.97 30.43 -12.38
C TRP C 62 0.56 30.56 -12.41
N SER C 63 1.08 31.63 -11.80
CA SER C 63 2.52 31.84 -11.74
C SER C 63 3.32 30.69 -11.06
N ALA C 64 2.81 30.22 -9.92
CA ALA C 64 3.45 29.18 -9.14
C ALA C 64 3.51 27.86 -9.90
N ALA C 65 2.38 27.47 -10.51
CA ALA C 65 2.34 26.22 -11.30
C ALA C 65 3.34 26.25 -12.47
N ARG C 66 3.46 27.39 -13.14
CA ARG C 66 4.41 27.51 -14.25
C ARG C 66 5.86 27.46 -13.81
N ASP C 67 6.14 28.06 -12.65
CA ASP C 67 7.51 28.24 -12.15
C ASP C 67 7.95 26.99 -11.36
N HIS C 68 8.25 25.93 -12.13
CA HIS C 68 8.72 24.68 -11.52
C HIS C 68 10.05 24.80 -10.77
N GLN C 69 10.89 25.76 -11.16
CA GLN C 69 12.16 26.00 -10.51
C GLN C 69 12.02 26.41 -9.07
N THR C 70 11.02 27.25 -8.81
CA THR C 70 10.79 27.74 -7.48
C THR C 70 9.83 26.85 -6.76
N PHE C 71 8.85 26.33 -7.51
CA PHE C 71 7.80 25.48 -6.91
C PHE C 71 7.93 24.06 -7.45
N SER C 72 8.69 23.29 -6.71
CA SER C 72 9.12 21.93 -7.11
C SER C 72 8.03 20.92 -6.81
N SER C 73 7.90 19.91 -7.70
CA SER C 73 7.00 18.77 -7.45
C SER C 73 7.72 17.56 -6.87
N ALA C 74 9.03 17.70 -6.71
CA ALA C 74 9.91 16.57 -6.43
C ALA C 74 9.81 16.01 -5.02
N GLN C 75 9.15 16.74 -4.10
CA GLN C 75 8.98 16.26 -2.73
C GLN C 75 7.57 15.65 -2.42
N GLY C 76 6.72 15.61 -3.43
CA GLY C 76 5.32 15.19 -3.27
C GLY C 76 4.33 16.33 -3.53
N LEU C 77 3.05 15.96 -3.55
CA LEU C 77 2.04 16.87 -3.99
C LEU C 77 0.96 17.15 -2.95
N THR C 78 1.17 16.72 -1.72
CA THR C 78 0.24 17.00 -0.66
C THR C 78 0.88 17.96 0.31
N VAL C 79 0.14 18.37 1.35
CA VAL C 79 0.76 19.23 2.36
C VAL C 79 1.52 18.47 3.46
N ASN C 80 1.57 17.15 3.34
CA ASN C 80 2.22 16.29 4.30
C ASN C 80 3.70 16.12 4.06
N TYR C 81 4.51 16.85 4.82
CA TYR C 81 5.97 16.70 4.74
C TYR C 81 6.33 15.22 4.95
N GLY C 82 7.37 14.73 4.27
CA GLY C 82 7.77 13.33 4.49
C GLY C 82 7.12 12.33 3.50
N GLU C 83 6.20 12.86 2.71
CA GLU C 83 5.31 12.11 1.78
C GLU C 83 6.04 11.01 0.99
N LEU C 84 7.05 11.43 0.26
CA LEU C 84 7.75 10.57 -0.73
C LEU C 84 8.37 9.36 0.00
N GLU C 85 9.10 9.67 1.08
CA GLU C 85 9.82 8.69 1.85
C GLU C 85 8.80 7.81 2.54
N MET C 86 7.78 8.45 3.11
CA MET C 86 6.75 7.77 3.90
C MET C 86 6.05 6.66 3.13
N ILE C 87 5.75 6.90 1.87
CA ILE C 87 5.09 5.90 1.05
C ILE C 87 6.01 5.05 0.15
N GLY C 88 7.29 5.41 0.11
CA GLY C 88 8.31 4.57 -0.54
C GLY C 88 8.50 4.84 -2.00
N LEU C 89 8.46 6.12 -2.38
CA LEU C 89 8.56 6.52 -3.80
C LEU C 89 9.82 7.33 -4.18
N HIS C 90 10.85 7.25 -3.35
CA HIS C 90 12.06 8.07 -3.70
C HIS C 90 12.77 7.59 -4.99
N ASP C 91 13.00 6.30 -5.07
CA ASP C 91 13.96 5.80 -6.03
C ASP C 91 13.45 5.88 -7.47
N THR C 92 12.14 5.63 -7.64
CA THR C 92 11.46 5.70 -8.91
C THR C 92 10.10 6.43 -8.73
N PRO C 93 10.15 7.76 -8.62
CA PRO C 93 8.89 8.49 -8.46
C PRO C 93 8.15 8.65 -9.77
N PRO C 94 6.82 8.81 -9.66
CA PRO C 94 5.95 8.99 -10.81
C PRO C 94 6.31 10.32 -11.46
N MET C 95 5.87 10.51 -12.70
CA MET C 95 6.31 11.64 -13.47
C MET C 95 5.77 12.94 -12.88
N VAL C 96 4.65 12.86 -12.20
CA VAL C 96 4.05 14.07 -11.64
C VAL C 96 4.83 14.52 -10.37
N MET C 97 5.79 13.71 -9.93
CA MET C 97 6.68 14.10 -8.81
C MET C 97 8.13 14.22 -9.27
N GLN C 98 8.30 14.56 -10.54
CA GLN C 98 9.64 14.82 -11.11
C GLN C 98 9.67 16.24 -11.61
N ASP C 99 10.84 16.87 -11.49
CA ASP C 99 11.01 18.23 -12.05
C ASP C 99 11.89 18.07 -13.29
N PRO C 100 11.81 19.04 -14.20
CA PRO C 100 12.71 19.16 -15.34
C PRO C 100 14.08 19.41 -14.78
N PRO C 101 15.15 18.86 -15.40
CA PRO C 101 15.18 18.14 -16.67
C PRO C 101 14.84 16.66 -16.62
N VAL C 102 14.89 16.03 -15.43
CA VAL C 102 14.51 14.61 -15.38
C VAL C 102 13.09 14.33 -15.99
N HIS C 103 12.13 15.13 -15.56
CA HIS C 103 10.75 14.98 -16.02
C HIS C 103 10.62 15.11 -17.55
N THR C 104 11.50 15.90 -18.17
CA THR C 104 11.40 16.27 -19.58
C THR C 104 11.50 15.11 -20.55
N GLU C 105 12.50 14.20 -20.41
CA GLU C 105 12.68 13.17 -21.42
C GLU C 105 11.53 12.17 -21.36
N PHE C 106 11.15 11.79 -20.13
CA PHE C 106 10.08 10.78 -19.93
C PHE C 106 8.81 11.38 -20.53
N ARG C 107 8.55 12.64 -20.19
CA ARG C 107 7.33 13.26 -20.73
C ARG C 107 7.33 13.27 -22.26
N LYS C 108 8.50 13.58 -22.85
CA LYS C 108 8.59 13.59 -24.32
C LYS C 108 8.16 12.25 -24.89
N LEU C 109 8.64 11.19 -24.24
CA LEU C 109 8.42 9.84 -24.76
C LEU C 109 6.97 9.45 -24.59
N VAL C 110 6.40 9.69 -23.40
CA VAL C 110 5.06 9.21 -23.21
C VAL C 110 4.04 10.06 -23.97
N SER C 111 4.41 11.31 -24.20
CA SER C 111 3.57 12.22 -24.96
C SER C 111 3.14 11.69 -26.35
N ARG C 112 3.97 10.83 -26.94
CA ARG C 112 3.69 10.25 -28.22
C ARG C 112 2.44 9.40 -28.21
N GLY C 113 2.01 8.93 -27.03
CA GLY C 113 0.71 8.25 -26.88
C GLY C 113 -0.49 9.17 -26.64
N PHE C 114 -0.30 10.50 -26.62
CA PHE C 114 -1.40 11.41 -26.34
C PHE C 114 -1.52 12.37 -27.52
N THR C 115 -2.05 11.82 -28.60
CA THR C 115 -2.25 12.58 -29.83
C THR C 115 -3.74 12.63 -30.20
N PRO C 116 -4.10 13.53 -31.13
CA PRO C 116 -5.47 13.55 -31.61
C PRO C 116 -5.97 12.16 -31.99
N ARG C 117 -5.15 11.37 -32.64
CA ARG C 117 -5.64 10.09 -33.05
C ARG C 117 -6.10 9.21 -31.87
N GLN C 118 -5.39 9.26 -30.74
N GLN C 118 -5.39 9.27 -30.74
CA GLN C 118 -5.73 8.36 -29.62
CA GLN C 118 -5.72 8.36 -29.68
C GLN C 118 -7.05 8.74 -29.04
C GLN C 118 -7.01 8.75 -29.00
N VAL C 119 -7.36 10.02 -29.05
CA VAL C 119 -8.61 10.45 -28.43
C VAL C 119 -9.77 10.11 -29.42
N GLU C 120 -9.49 10.25 -30.72
CA GLU C 120 -10.48 9.98 -31.78
C GLU C 120 -10.89 8.50 -31.87
N THR C 121 -9.95 7.60 -31.68
CA THR C 121 -10.26 6.21 -31.89
C THR C 121 -11.07 5.59 -30.77
N VAL C 122 -11.03 6.20 -29.58
CA VAL C 122 -11.83 5.64 -28.46
C VAL C 122 -13.22 6.30 -28.32
N GLU C 123 -13.41 7.45 -28.95
CA GLU C 123 -14.64 8.17 -28.76
C GLU C 123 -15.91 7.35 -29.11
N PRO C 124 -15.90 6.59 -30.23
CA PRO C 124 -17.16 5.83 -30.45
C PRO C 124 -17.43 4.82 -29.36
N THR C 125 -16.36 4.28 -28.79
CA THR C 125 -16.49 3.32 -27.73
C THR C 125 -17.08 3.97 -26.48
N VAL C 126 -16.59 5.15 -26.15
CA VAL C 126 -17.15 5.99 -25.06
C VAL C 126 -18.62 6.27 -25.31
N ARG C 127 -18.94 6.65 -26.55
CA ARG C 127 -20.35 7.04 -26.82
C ARG C 127 -21.31 5.86 -26.67
N LYS C 128 -20.90 4.68 -27.13
CA LYS C 128 -21.73 3.48 -27.07
C LYS C 128 -22.02 3.10 -25.62
N PHE C 129 -21.02 3.28 -24.76
CA PHE C 129 -21.19 2.88 -23.36
C PHE C 129 -22.12 3.87 -22.66
N VAL C 130 -21.88 5.16 -22.90
CA VAL C 130 -22.75 6.23 -22.40
C VAL C 130 -24.22 5.98 -22.80
N VAL C 131 -24.44 5.74 -24.07
CA VAL C 131 -25.79 5.45 -24.57
C VAL C 131 -26.40 4.25 -23.84
N GLU C 132 -25.65 3.17 -23.77
CA GLU C 132 -26.16 1.98 -23.13
C GLU C 132 -26.62 2.27 -21.69
N ARG C 133 -25.80 2.98 -20.92
CA ARG C 133 -26.08 3.20 -19.51
C ARG C 133 -27.18 4.24 -19.30
N LEU C 134 -27.22 5.25 -20.15
CA LEU C 134 -28.26 6.25 -20.07
C LEU C 134 -29.60 5.62 -20.46
N GLU C 135 -29.59 4.71 -21.42
CA GLU C 135 -30.83 4.05 -21.79
C GLU C 135 -31.31 3.09 -20.69
N LYS C 136 -30.37 2.48 -19.97
CA LYS C 136 -30.75 1.64 -18.83
C LYS C 136 -31.37 2.47 -17.70
N LEU C 137 -30.73 3.60 -17.37
CA LEU C 137 -31.26 4.51 -16.38
C LEU C 137 -32.70 4.97 -16.75
N ARG C 138 -32.83 5.36 -18.01
CA ARG C 138 -34.11 5.88 -18.47
C ARG C 138 -35.16 4.80 -18.29
N ALA C 139 -34.90 3.60 -18.82
CA ALA C 139 -35.83 2.45 -18.69
C ALA C 139 -36.27 2.24 -17.23
N ASN C 140 -35.32 2.37 -16.30
CA ASN C 140 -35.57 2.20 -14.90
C ASN C 140 -36.12 3.45 -14.22
N GLY C 141 -36.33 4.49 -14.99
CA GLY C 141 -36.75 5.76 -14.43
C GLY C 141 -35.69 6.49 -13.59
N GLY C 142 -34.43 6.07 -13.73
CA GLY C 142 -33.33 6.73 -13.03
C GLY C 142 -32.50 5.72 -12.27
N GLY C 143 -31.70 6.21 -11.33
CA GLY C 143 -30.75 5.31 -10.67
C GLY C 143 -29.55 6.13 -10.25
N ASP C 144 -28.44 5.49 -9.89
CA ASP C 144 -27.27 6.29 -9.49
C ASP C 144 -26.38 6.52 -10.71
N ILE C 145 -26.38 7.72 -11.25
CA ILE C 145 -25.63 7.96 -12.51
C ILE C 145 -24.10 7.83 -12.30
N VAL C 146 -23.62 7.99 -11.06
CA VAL C 146 -22.20 7.69 -10.80
C VAL C 146 -21.98 6.18 -10.85
N THR C 147 -22.73 5.44 -10.05
CA THR C 147 -22.50 4.00 -10.05
C THR C 147 -22.70 3.37 -11.42
N GLU C 148 -23.72 3.81 -12.18
CA GLU C 148 -24.09 3.14 -13.44
C GLU C 148 -23.30 3.65 -14.65
N LEU C 149 -22.61 4.76 -14.47
CA LEU C 149 -21.98 5.39 -15.64
C LEU C 149 -20.71 6.15 -15.31
N PHE C 150 -20.80 7.14 -14.42
CA PHE C 150 -19.64 8.06 -14.30
C PHE C 150 -18.45 7.40 -13.60
N LYS C 151 -18.70 6.37 -12.79
CA LYS C 151 -17.61 5.61 -12.17
C LYS C 151 -16.91 4.70 -13.17
N PRO C 152 -17.66 3.80 -13.85
CA PRO C 152 -17.00 2.87 -14.75
C PRO C 152 -16.44 3.46 -16.07
N LEU C 153 -17.06 4.53 -16.54
CA LEU C 153 -16.69 5.04 -17.86
C LEU C 153 -15.19 5.38 -18.03
N PRO C 154 -14.62 6.19 -17.12
CA PRO C 154 -13.22 6.65 -17.36
C PRO C 154 -12.20 5.51 -17.39
N SER C 155 -12.54 4.36 -16.79
CA SER C 155 -11.55 3.29 -16.73
C SER C 155 -11.30 2.75 -18.12
N MET C 156 -12.34 2.65 -18.93
CA MET C 156 -12.16 2.23 -20.32
C MET C 156 -11.22 3.17 -21.13
N VAL C 157 -11.29 4.47 -20.86
CA VAL C 157 -10.44 5.42 -21.58
C VAL C 157 -9.00 5.29 -21.12
N VAL C 158 -8.80 5.24 -19.81
CA VAL C 158 -7.45 4.90 -19.27
C VAL C 158 -6.92 3.58 -19.88
N ALA C 159 -7.79 2.56 -19.96
CA ALA C 159 -7.38 1.25 -20.56
C ALA C 159 -6.86 1.43 -21.98
N HIS C 160 -7.59 2.21 -22.77
CA HIS C 160 -7.20 2.56 -24.12
C HIS C 160 -5.80 3.21 -24.19
N TYR C 161 -5.54 4.18 -23.32
CA TYR C 161 -4.30 4.96 -23.41
C TYR C 161 -3.14 4.15 -22.90
N LEU C 162 -3.42 3.06 -22.19
CA LEU C 162 -2.39 2.13 -21.71
C LEU C 162 -2.21 0.93 -22.67
N GLY C 163 -2.98 0.95 -23.75
CA GLY C 163 -2.92 -0.17 -24.73
C GLY C 163 -3.41 -1.51 -24.20
N VAL C 164 -4.32 -1.50 -23.24
CA VAL C 164 -4.84 -2.77 -22.72
C VAL C 164 -5.83 -3.28 -23.76
N PRO C 165 -5.65 -4.53 -24.20
CA PRO C 165 -6.65 -5.10 -25.14
C PRO C 165 -8.09 -5.03 -24.61
N GLU C 166 -9.06 -4.68 -25.46
CA GLU C 166 -10.45 -4.57 -24.99
C GLU C 166 -11.05 -5.75 -24.22
N GLU C 167 -10.53 -6.95 -24.51
N GLU C 167 -10.60 -6.97 -24.49
CA GLU C 167 -10.98 -8.20 -23.91
CA GLU C 167 -11.21 -8.10 -23.79
C GLU C 167 -10.60 -8.32 -22.43
C GLU C 167 -10.73 -8.22 -22.35
N ASP C 168 -9.67 -7.47 -22.01
CA ASP C 168 -9.19 -7.42 -20.63
C ASP C 168 -9.73 -6.19 -19.85
N TRP C 169 -10.65 -5.42 -20.44
CA TRP C 169 -11.16 -4.21 -19.80
C TRP C 169 -11.94 -4.41 -18.52
N THR C 170 -12.79 -5.41 -18.48
CA THR C 170 -13.57 -5.69 -17.30
C THR C 170 -12.66 -6.04 -16.12
N GLN C 171 -11.69 -6.88 -16.40
CA GLN C 171 -10.70 -7.26 -15.43
C GLN C 171 -9.93 -6.04 -14.91
N PHE C 172 -9.42 -5.26 -15.87
CA PHE C 172 -8.74 -4.01 -15.59
C PHE C 172 -9.58 -3.00 -14.79
N ASP C 173 -10.87 -2.83 -15.13
CA ASP C 173 -11.76 -1.98 -14.33
C ASP C 173 -11.93 -2.49 -12.93
N GLY C 174 -11.94 -3.81 -12.77
CA GLY C 174 -12.00 -4.32 -11.44
C GLY C 174 -10.85 -3.85 -10.56
N TRP C 175 -9.62 -4.01 -11.06
CA TRP C 175 -8.44 -3.57 -10.31
C TRP C 175 -8.51 -2.08 -10.07
N THR C 176 -8.88 -1.36 -11.12
CA THR C 176 -8.89 0.08 -11.04
C THR C 176 -9.81 0.60 -9.92
N GLN C 177 -11.01 0.07 -9.84
CA GLN C 177 -11.97 0.57 -8.82
C GLN C 177 -11.44 0.35 -7.40
N ALA C 178 -10.76 -0.77 -7.20
CA ALA C 178 -10.25 -1.05 -5.87
C ALA C 178 -9.18 -0.05 -5.52
N ILE C 179 -8.28 0.23 -6.48
CA ILE C 179 -7.19 1.14 -6.28
C ILE C 179 -7.73 2.55 -6.02
N VAL C 180 -8.71 2.94 -6.82
CA VAL C 180 -9.20 4.31 -6.76
C VAL C 180 -9.86 4.55 -5.39
N ALA C 181 -10.58 3.55 -4.89
CA ALA C 181 -11.19 3.65 -3.56
C ALA C 181 -10.11 3.77 -2.46
N ALA C 182 -9.13 2.87 -2.49
CA ALA C 182 -8.02 2.86 -1.52
C ALA C 182 -7.20 4.14 -1.48
N GLY C 191 -4.42 -0.94 1.13
CA GLY C 191 -5.82 -0.82 0.87
C GLY C 191 -6.31 -1.56 -0.38
N ALA C 192 -5.40 -1.88 -1.30
CA ALA C 192 -5.79 -2.49 -2.58
C ALA C 192 -4.76 -3.54 -2.97
N LEU C 193 -4.29 -4.30 -1.99
CA LEU C 193 -3.12 -5.13 -2.20
C LEU C 193 -3.32 -6.09 -3.39
N ASP C 194 -4.45 -6.82 -3.43
CA ASP C 194 -4.68 -7.67 -4.59
C ASP C 194 -4.70 -6.92 -5.92
N ALA C 195 -5.37 -5.78 -5.94
CA ALA C 195 -5.54 -5.09 -7.21
C ALA C 195 -4.19 -4.59 -7.72
N VAL C 196 -3.35 -4.10 -6.79
CA VAL C 196 -2.01 -3.62 -7.11
C VAL C 196 -1.19 -4.78 -7.67
N GLY C 197 -1.23 -5.92 -6.98
CA GLY C 197 -0.47 -7.08 -7.42
C GLY C 197 -0.93 -7.48 -8.79
N SER C 198 -2.23 -7.51 -9.02
CA SER C 198 -2.79 -7.93 -10.31
C SER C 198 -2.30 -7.01 -11.44
N MET C 199 -2.40 -5.72 -11.20
CA MET C 199 -1.98 -4.77 -12.21
C MET C 199 -0.49 -4.84 -12.48
N MET C 200 0.32 -4.92 -11.44
N MET C 200 0.32 -4.93 -11.45
CA MET C 200 1.75 -5.10 -11.62
CA MET C 200 1.76 -5.05 -11.66
C MET C 200 2.00 -6.33 -12.48
C MET C 200 2.12 -6.37 -12.37
N ALA C 201 1.40 -7.45 -12.09
CA ALA C 201 1.66 -8.68 -12.84
C ALA C 201 1.23 -8.54 -14.32
N TYR C 202 0.05 -7.99 -14.51
CA TYR C 202 -0.53 -7.86 -15.84
C TYR C 202 0.34 -6.95 -16.72
N PHE C 203 0.70 -5.79 -16.18
CA PHE C 203 1.47 -4.83 -17.01
C PHE C 203 2.91 -5.28 -17.24
N THR C 204 3.50 -5.98 -16.28
CA THR C 204 4.83 -6.56 -16.54
C THR C 204 4.76 -7.42 -17.79
N GLY C 205 3.71 -8.24 -17.89
CA GLY C 205 3.53 -9.06 -19.09
C GLY C 205 3.23 -8.25 -20.36
N LEU C 206 2.44 -7.20 -20.23
CA LEU C 206 2.04 -6.39 -21.40
C LEU C 206 3.23 -5.61 -21.91
N ILE C 207 4.04 -5.13 -20.99
CA ILE C 207 5.29 -4.44 -21.37
C ILE C 207 6.23 -5.33 -22.22
N GLU C 208 6.35 -6.57 -21.81
CA GLU C 208 7.18 -7.55 -22.50
C GLU C 208 6.63 -7.79 -23.88
N ARG C 209 5.31 -8.00 -23.95
CA ARG C 209 4.62 -8.15 -25.23
C ARG C 209 4.78 -6.95 -26.20
N ARG C 210 4.76 -5.74 -25.68
CA ARG C 210 4.95 -4.55 -26.53
C ARG C 210 6.35 -4.40 -27.17
N ARG C 211 7.29 -5.18 -26.67
CA ARG C 211 8.64 -5.22 -27.28
C ARG C 211 8.57 -5.73 -28.73
N THR C 212 7.68 -6.66 -28.98
CA THR C 212 7.58 -7.25 -30.32
C THR C 212 6.29 -6.93 -31.02
N GLU C 213 5.25 -6.54 -30.28
CA GLU C 213 3.97 -6.17 -30.89
C GLU C 213 3.56 -4.75 -30.48
N PRO C 214 4.29 -3.75 -30.97
CA PRO C 214 4.13 -2.39 -30.52
C PRO C 214 2.89 -1.74 -31.12
N ALA C 215 2.10 -1.02 -30.32
CA ALA C 215 1.01 -0.24 -30.89
C ALA C 215 1.25 1.28 -30.76
N ASP C 216 0.20 2.09 -30.79
CA ASP C 216 0.36 3.56 -30.82
C ASP C 216 0.24 4.16 -29.43
N ASP C 217 0.10 3.31 -28.44
CA ASP C 217 -0.22 3.80 -27.10
C ASP C 217 1.02 4.24 -26.31
N ALA C 218 0.80 4.84 -25.13
CA ALA C 218 1.91 5.37 -24.39
C ALA C 218 2.84 4.28 -23.89
N ILE C 219 2.32 3.13 -23.50
CA ILE C 219 3.25 2.08 -23.07
C ILE C 219 4.13 1.60 -24.23
N SER C 220 3.50 1.29 -25.35
CA SER C 220 4.23 0.88 -26.53
C SER C 220 5.30 1.88 -26.87
N HIS C 221 4.97 3.18 -26.79
CA HIS C 221 5.99 4.19 -27.04
C HIS C 221 7.17 4.23 -26.09
N LEU C 222 6.93 4.01 -24.80
CA LEU C 222 8.02 3.94 -23.87
C LEU C 222 8.87 2.73 -24.25
N VAL C 223 8.20 1.61 -24.52
CA VAL C 223 8.91 0.37 -24.82
C VAL C 223 9.70 0.50 -26.12
N ALA C 224 9.04 0.99 -27.17
CA ALA C 224 9.73 1.20 -28.46
C ALA C 224 10.90 2.19 -28.39
N ALA C 225 10.80 3.15 -27.49
CA ALA C 225 11.82 4.16 -27.33
C ALA C 225 12.90 3.65 -26.39
N GLY C 226 12.79 2.38 -26.04
CA GLY C 226 13.85 1.67 -25.30
C GLY C 226 13.78 1.67 -23.78
N VAL C 227 12.76 2.33 -23.24
CA VAL C 227 12.65 2.38 -21.79
C VAL C 227 12.50 0.97 -21.23
N GLY C 228 13.39 0.64 -20.30
CA GLY C 228 13.40 -0.67 -19.69
C GLY C 228 14.23 -1.71 -20.47
N GLY C 231 16.85 2.99 -19.32
CA GLY C 231 15.78 2.48 -18.47
C GLY C 231 16.00 1.01 -18.14
N ASP C 232 16.67 0.70 -17.03
CA ASP C 232 16.96 -0.69 -16.67
C ASP C 232 15.68 -1.51 -16.50
N THR C 233 15.69 -2.46 -15.59
CA THR C 233 14.43 -2.84 -15.01
C THR C 233 13.95 -1.66 -14.13
N ALA C 234 14.72 -0.57 -14.16
CA ALA C 234 14.33 0.66 -13.45
C ALA C 234 13.35 1.28 -14.40
N GLY C 235 13.65 1.05 -15.68
CA GLY C 235 12.81 1.45 -16.78
C GLY C 235 11.46 0.80 -16.66
N THR C 236 11.44 -0.47 -16.28
CA THR C 236 10.15 -1.16 -16.14
C THR C 236 9.37 -0.62 -14.96
N LEU C 237 10.04 -0.36 -13.84
CA LEU C 237 9.33 0.22 -12.71
C LEU C 237 8.81 1.58 -13.13
N SER C 238 9.60 2.35 -13.89
CA SER C 238 9.08 3.66 -14.38
C SER C 238 7.81 3.52 -15.26
N ILE C 239 7.76 2.48 -16.09
CA ILE C 239 6.52 2.26 -16.83
C ILE C 239 5.35 1.80 -15.90
N LEU C 240 5.63 0.94 -14.90
CA LEU C 240 4.59 0.53 -13.95
C LEU C 240 4.12 1.74 -13.13
N ALA C 241 5.07 2.59 -12.75
CA ALA C 241 4.77 3.84 -12.05
C ALA C 241 3.86 4.71 -12.90
N PHE C 242 4.18 4.86 -14.18
CA PHE C 242 3.23 5.56 -15.10
C PHE C 242 1.83 4.92 -15.18
N THR C 243 1.72 3.59 -15.27
CA THR C 243 0.42 2.91 -15.23
C THR C 243 -0.36 3.34 -14.00
N PHE C 244 0.29 3.37 -12.84
CA PHE C 244 -0.39 3.83 -11.63
C PHE C 244 -0.78 5.31 -11.63
N THR C 245 0.08 6.15 -12.16
CA THR C 245 -0.26 7.54 -12.37
C THR C 245 -1.54 7.65 -13.19
N MET C 246 -1.63 6.88 -14.27
CA MET C 246 -2.82 6.92 -15.15
C MET C 246 -4.08 6.40 -14.40
N VAL C 247 -3.94 5.32 -13.66
CA VAL C 247 -5.09 4.80 -12.92
C VAL C 247 -5.51 5.73 -11.77
N THR C 248 -4.58 6.20 -10.97
CA THR C 248 -4.93 7.00 -9.79
C THR C 248 -5.31 8.42 -10.15
N GLY C 249 -4.94 8.89 -11.35
CA GLY C 249 -5.23 10.29 -11.73
C GLY C 249 -6.31 10.46 -12.80
N GLY C 250 -6.59 9.37 -13.52
CA GLY C 250 -7.41 9.47 -14.70
C GLY C 250 -8.87 9.06 -14.54
N ASN C 251 -9.24 8.58 -13.32
CA ASN C 251 -10.56 7.96 -13.13
C ASN C 251 -11.41 8.85 -12.26
N ASP C 252 -11.03 8.99 -10.99
CA ASP C 252 -11.83 9.76 -10.01
C ASP C 252 -12.03 11.21 -10.45
N THR C 253 -11.01 11.76 -11.09
CA THR C 253 -11.07 13.13 -11.61
C THR C 253 -12.21 13.29 -12.64
N VAL C 254 -12.23 12.39 -13.62
CA VAL C 254 -13.28 12.39 -14.63
C VAL C 254 -14.66 12.18 -13.99
N THR C 255 -14.77 11.24 -13.03
CA THR C 255 -16.01 11.02 -12.30
C THR C 255 -16.44 12.32 -11.58
N GLY C 256 -15.49 13.04 -11.03
CA GLY C 256 -15.76 14.33 -10.43
C GLY C 256 -16.27 15.39 -11.43
N MET C 257 -15.67 15.44 -12.62
CA MET C 257 -16.11 16.37 -13.65
C MET C 257 -17.57 16.03 -14.04
N LEU C 258 -17.83 14.74 -14.32
CA LEU C 258 -19.14 14.34 -14.78
C LEU C 258 -20.23 14.51 -13.70
N GLY C 259 -19.95 13.92 -12.54
CA GLY C 259 -20.83 13.96 -11.36
C GLY C 259 -21.05 15.39 -10.88
N GLY C 260 -19.96 16.17 -10.77
CA GLY C 260 -20.02 17.55 -10.31
C GLY C 260 -20.82 18.44 -11.27
N SER C 261 -20.83 18.12 -12.56
CA SER C 261 -21.62 18.91 -13.56
C SER C 261 -23.16 18.75 -13.41
N MET C 262 -23.60 17.63 -12.85
CA MET C 262 -25.04 17.35 -12.81
C MET C 262 -25.83 18.42 -12.00
N PRO C 263 -25.39 18.72 -10.75
CA PRO C 263 -26.13 19.77 -10.01
C PRO C 263 -26.05 21.12 -10.73
N LEU C 264 -24.92 21.41 -11.35
CA LEU C 264 -24.71 22.74 -11.94
C LEU C 264 -25.68 22.92 -13.08
N LEU C 265 -25.84 21.87 -13.87
CA LEU C 265 -26.71 21.87 -15.03
C LEU C 265 -28.16 21.87 -14.56
N HIS C 266 -28.44 21.02 -13.58
CA HIS C 266 -29.82 20.91 -13.07
C HIS C 266 -30.40 22.22 -12.56
N ARG C 267 -29.58 23.03 -11.90
CA ARG C 267 -30.01 24.26 -11.24
C ARG C 267 -30.24 25.39 -12.24
N ARG C 268 -29.82 25.18 -13.48
CA ARG C 268 -29.75 26.29 -14.44
C ARG C 268 -30.43 25.91 -15.76
N PRO C 269 -31.75 25.72 -15.72
CA PRO C 269 -32.38 25.32 -16.98
C PRO C 269 -32.14 26.33 -18.13
N ASP C 270 -31.86 27.61 -17.84
CA ASP C 270 -31.50 28.54 -18.95
C ASP C 270 -30.23 28.14 -19.68
N GLN C 271 -29.29 27.60 -18.92
CA GLN C 271 -28.03 27.20 -19.53
C GLN C 271 -28.23 25.91 -20.31
N ARG C 272 -29.00 24.96 -19.80
CA ARG C 272 -29.33 23.77 -20.58
C ARG C 272 -30.03 24.18 -21.86
N ARG C 273 -30.87 25.22 -21.76
CA ARG C 273 -31.56 25.75 -22.93
C ARG C 273 -30.54 26.26 -23.96
N LEU C 274 -29.58 27.08 -23.56
CA LEU C 274 -28.61 27.57 -24.53
C LEU C 274 -28.02 26.39 -25.30
N LEU C 275 -27.81 25.24 -24.63
CA LEU C 275 -27.18 24.07 -25.28
C LEU C 275 -28.14 23.13 -25.97
N LEU C 276 -29.39 23.16 -25.56
CA LEU C 276 -30.43 22.36 -26.25
C LEU C 276 -30.79 22.97 -27.63
N ASP C 277 -30.73 24.29 -27.69
CA ASP C 277 -30.96 25.05 -28.92
C ASP C 277 -29.71 25.06 -29.79
N ASP C 278 -28.53 25.18 -29.18
CA ASP C 278 -27.25 25.26 -29.92
C ASP C 278 -26.20 24.31 -29.29
N PRO C 279 -26.27 23.06 -29.70
CA PRO C 279 -25.41 21.97 -29.22
C PRO C 279 -23.94 22.19 -29.55
N GLU C 280 -23.66 23.17 -30.41
CA GLU C 280 -22.30 23.41 -30.83
C GLU C 280 -21.68 24.21 -29.74
N GLY C 281 -22.51 24.64 -28.79
CA GLY C 281 -21.98 25.38 -27.68
C GLY C 281 -21.44 24.41 -26.66
N ILE C 282 -21.57 23.12 -26.94
CA ILE C 282 -21.20 22.10 -25.95
C ILE C 282 -19.70 22.02 -25.68
N PRO C 283 -18.87 22.02 -26.74
CA PRO C 283 -17.46 22.12 -26.45
C PRO C 283 -17.15 23.27 -25.51
N ASP C 284 -17.77 24.42 -25.72
CA ASP C 284 -17.51 25.56 -24.84
C ASP C 284 -18.06 25.32 -23.45
N ALA C 285 -19.17 24.61 -23.38
CA ALA C 285 -19.83 24.41 -22.13
C ALA C 285 -18.92 23.54 -21.26
N VAL C 286 -18.25 22.59 -21.91
CA VAL C 286 -17.30 21.69 -21.22
C VAL C 286 -16.18 22.46 -20.48
N GLU C 287 -15.66 23.55 -21.07
CA GLU C 287 -14.63 24.32 -20.37
C GLU C 287 -15.19 25.03 -19.17
N GLU C 288 -16.43 25.53 -19.26
CA GLU C 288 -17.06 26.16 -18.12
C GLU C 288 -17.27 25.14 -17.00
N LEU C 289 -17.70 23.95 -17.37
CA LEU C 289 -17.90 22.89 -16.38
C LEU C 289 -16.56 22.43 -15.75
N LEU C 290 -15.50 22.36 -16.56
CA LEU C 290 -14.17 22.03 -16.04
C LEU C 290 -13.72 23.11 -15.11
N ARG C 291 -14.03 24.36 -15.45
CA ARG C 291 -13.70 25.48 -14.56
C ARG C 291 -14.34 25.38 -13.17
N LEU C 292 -15.67 25.11 -13.12
CA LEU C 292 -16.45 25.15 -11.88
C LEU C 292 -16.32 23.86 -11.12
N THR C 293 -16.14 22.75 -11.82
CA THR C 293 -15.94 21.49 -11.09
C THR C 293 -14.50 21.27 -10.58
N SER C 294 -13.52 21.70 -11.39
CA SER C 294 -12.08 21.59 -11.07
C SER C 294 -11.75 20.39 -10.22
N PRO C 295 -11.98 19.18 -10.77
CA PRO C 295 -11.93 18.00 -9.88
C PRO C 295 -10.65 17.92 -9.04
N VAL C 296 -9.49 18.25 -9.64
CA VAL C 296 -8.33 18.51 -8.82
C VAL C 296 -8.45 19.94 -8.29
N GLN C 297 -8.98 20.03 -7.07
CA GLN C 297 -9.25 21.33 -6.43
C GLN C 297 -7.95 22.00 -5.92
N GLY C 298 -7.02 21.15 -5.50
CA GLY C 298 -5.64 21.63 -5.15
C GLY C 298 -4.56 20.56 -5.20
N LEU C 299 -3.33 21.00 -5.44
CA LEU C 299 -2.15 20.12 -5.26
C LEU C 299 -1.00 20.99 -4.74
N ALA C 300 -0.09 20.37 -4.01
CA ALA C 300 0.99 21.17 -3.38
C ALA C 300 2.28 21.15 -4.22
N ARG C 301 3.15 22.10 -3.87
CA ARG C 301 4.52 22.17 -4.36
C ARG C 301 5.40 22.52 -3.16
N THR C 302 6.73 22.38 -3.32
CA THR C 302 7.65 22.70 -2.24
C THR C 302 8.55 23.83 -2.79
N THR C 303 8.57 24.96 -2.11
CA THR C 303 9.51 26.03 -2.47
C THR C 303 11.00 25.58 -2.36
N THR C 304 11.81 25.97 -3.35
CA THR C 304 13.24 25.60 -3.44
C THR C 304 14.10 26.81 -3.03
N ARG C 305 13.46 27.95 -2.81
CA ARG C 305 14.09 29.13 -2.22
C ARG C 305 12.97 30.03 -1.65
N ASP C 306 13.36 31.05 -0.88
CA ASP C 306 12.43 32.12 -0.47
C ASP C 306 11.75 32.72 -1.68
N VAL C 307 10.43 32.93 -1.58
CA VAL C 307 9.73 33.61 -2.63
C VAL C 307 8.72 34.53 -1.96
N THR C 308 8.61 35.74 -2.50
CA THR C 308 7.74 36.77 -1.94
C THR C 308 6.59 37.01 -2.89
N ILE C 309 5.37 36.73 -2.44
CA ILE C 309 4.21 36.99 -3.28
C ILE C 309 3.45 38.12 -2.61
N GLY C 310 3.32 39.22 -3.31
CA GLY C 310 2.77 40.45 -2.72
C GLY C 310 3.62 40.98 -1.59
N ASP C 311 3.12 40.83 -0.37
CA ASP C 311 3.86 41.29 0.79
C ASP C 311 3.97 40.17 1.81
N THR C 312 3.93 38.93 1.33
CA THR C 312 4.23 37.78 2.17
C THR C 312 5.46 37.06 1.59
N THR C 313 6.40 36.69 2.45
CA THR C 313 7.54 35.89 2.00
C THR C 313 7.41 34.44 2.42
N ILE C 314 7.22 33.53 1.45
CA ILE C 314 7.24 32.11 1.81
C ILE C 314 8.69 31.64 1.85
N PRO C 315 9.11 31.02 2.94
CA PRO C 315 10.48 30.54 3.11
C PRO C 315 10.74 29.38 2.18
N ALA C 316 12.01 29.26 1.80
CA ALA C 316 12.55 28.02 1.23
C ALA C 316 12.19 26.76 2.03
N GLY C 317 11.78 25.70 1.34
CA GLY C 317 11.56 24.45 1.99
C GLY C 317 10.14 24.21 2.53
N ARG C 318 9.20 25.09 2.24
CA ARG C 318 7.85 24.89 2.74
C ARG C 318 6.92 24.41 1.62
N ARG C 319 5.93 23.60 1.99
CA ARG C 319 4.88 23.24 1.03
C ARG C 319 3.96 24.41 0.81
N VAL C 320 3.51 24.51 -0.43
CA VAL C 320 2.53 25.50 -0.85
C VAL C 320 1.41 24.81 -1.60
N LEU C 321 0.19 24.92 -1.06
CA LEU C 321 -1.00 24.37 -1.71
C LEU C 321 -1.52 25.28 -2.81
N LEU C 322 -1.51 24.78 -4.04
CA LEU C 322 -2.01 25.54 -5.17
C LEU C 322 -3.50 25.22 -5.34
N LEU C 323 -4.38 26.15 -4.92
CA LEU C 323 -5.85 25.89 -5.02
C LEU C 323 -6.38 26.14 -6.42
N TYR C 324 -6.12 25.20 -7.35
CA TYR C 324 -6.66 25.30 -8.68
C TYR C 324 -8.17 25.63 -8.62
N GLY C 325 -8.88 24.97 -7.69
CA GLY C 325 -10.36 25.11 -7.60
C GLY C 325 -10.76 26.53 -7.22
N SER C 326 -9.85 27.23 -6.54
CA SER C 326 -10.10 28.63 -6.13
C SER C 326 -9.72 29.59 -7.23
N ALA C 327 -8.56 29.34 -7.83
CA ALA C 327 -8.05 30.06 -8.98
C ALA C 327 -9.11 30.14 -10.06
N ASN C 328 -9.75 28.99 -10.31
CA ASN C 328 -10.77 28.88 -11.32
C ASN C 328 -12.04 29.67 -10.96
N ARG C 329 -12.17 30.05 -9.70
CA ARG C 329 -13.31 30.87 -9.24
C ARG C 329 -12.90 32.31 -8.86
N ASP C 330 -11.64 32.65 -9.08
CA ASP C 330 -11.13 33.97 -8.73
C ASP C 330 -11.87 35.09 -9.42
N GLU C 331 -12.62 35.82 -8.61
CA GLU C 331 -13.32 36.99 -9.09
C GLU C 331 -12.42 38.02 -9.80
N ARG C 332 -11.15 38.12 -9.42
CA ARG C 332 -10.24 39.02 -10.17
C ARG C 332 -9.95 38.53 -11.56
N GLN C 333 -10.12 37.23 -11.81
CA GLN C 333 -9.80 36.72 -13.13
C GLN C 333 -11.10 36.51 -13.87
N TYR C 334 -12.13 36.10 -13.14
CA TYR C 334 -13.42 35.79 -13.77
C TYR C 334 -14.61 36.73 -13.46
N GLY C 335 -14.40 37.76 -12.65
CA GLY C 335 -15.48 38.76 -12.49
C GLY C 335 -16.38 38.48 -11.31
N PRO C 336 -17.26 39.44 -10.98
CA PRO C 336 -18.02 39.24 -9.77
C PRO C 336 -18.95 38.04 -9.88
N ASP C 337 -19.27 37.66 -11.12
CA ASP C 337 -20.10 36.46 -11.42
C ASP C 337 -19.34 35.13 -11.54
N ALA C 338 -18.13 35.06 -10.98
CA ALA C 338 -17.25 33.91 -11.24
C ALA C 338 -17.82 32.67 -10.55
N ALA C 339 -18.70 32.89 -9.57
CA ALA C 339 -19.34 31.82 -8.87
C ALA C 339 -20.36 31.03 -9.69
N GLU C 340 -20.73 31.56 -10.85
CA GLU C 340 -21.96 31.15 -11.56
C GLU C 340 -21.69 30.44 -12.87
N LEU C 341 -22.54 29.49 -13.23
CA LEU C 341 -22.45 28.84 -14.52
C LEU C 341 -22.77 29.79 -15.67
N ASP C 342 -21.82 29.94 -16.58
CA ASP C 342 -22.09 30.60 -17.80
C ASP C 342 -21.45 29.87 -18.94
N VAL C 343 -22.26 29.11 -19.67
CA VAL C 343 -21.72 28.23 -20.67
C VAL C 343 -21.18 29.00 -21.87
N THR C 344 -21.34 30.33 -21.85
CA THR C 344 -20.71 31.18 -22.88
C THR C 344 -19.50 31.98 -22.38
N ARG C 345 -19.11 31.79 -21.12
CA ARG C 345 -17.91 32.46 -20.61
C ARG C 345 -16.70 32.26 -21.54
N CYS C 346 -16.44 31.03 -22.00
CA CYS C 346 -15.17 30.74 -22.67
C CYS C 346 -14.11 31.21 -21.68
N PRO C 347 -13.97 30.51 -20.54
CA PRO C 347 -13.08 31.14 -19.57
C PRO C 347 -11.62 31.10 -20.07
N ARG C 348 -10.82 32.02 -19.57
CA ARG C 348 -9.42 32.06 -19.97
C ARG C 348 -8.55 31.45 -18.93
N ASN C 349 -7.61 30.62 -19.39
CA ASN C 349 -6.50 30.21 -18.55
C ASN C 349 -7.04 29.48 -17.35
N ILE C 350 -7.95 28.56 -17.60
CA ILE C 350 -8.39 27.74 -16.49
C ILE C 350 -7.22 26.92 -15.95
N LEU C 351 -7.32 26.53 -14.66
CA LEU C 351 -6.27 25.78 -13.96
C LEU C 351 -6.67 24.33 -13.74
N THR C 352 -7.74 23.89 -14.38
CA THR C 352 -8.26 22.54 -14.09
C THR C 352 -7.22 21.44 -14.41
N PHE C 353 -6.47 21.66 -15.47
CA PHE C 353 -5.40 20.71 -15.86
C PHE C 353 -4.00 21.24 -15.49
N SER C 354 -3.98 22.15 -14.55
CA SER C 354 -2.74 22.87 -14.16
C SER C 354 -2.20 23.68 -15.33
N HIS C 355 -0.92 24.06 -15.23
CA HIS C 355 -0.29 24.88 -16.21
C HIS C 355 1.20 24.68 -16.08
N GLY C 356 1.91 24.63 -17.22
CA GLY C 356 3.38 24.46 -17.24
C GLY C 356 3.80 23.05 -17.53
N ALA C 357 4.96 22.66 -17.00
CA ALA C 357 5.57 21.36 -17.30
C ALA C 357 4.60 20.19 -17.20
N HIS C 358 3.76 20.22 -16.17
CA HIS C 358 2.94 19.04 -15.84
C HIS C 358 1.51 19.10 -16.37
N HIS C 359 1.19 20.12 -17.20
CA HIS C 359 -0.16 20.24 -17.78
C HIS C 359 -0.72 18.87 -18.15
N CYS C 360 -1.93 18.55 -17.66
CA CYS C 360 -2.51 17.20 -17.79
C CYS C 360 -2.37 16.64 -19.18
N LEU C 361 -1.74 15.50 -19.32
CA LEU C 361 -1.64 14.86 -20.67
C LEU C 361 -2.98 14.30 -21.13
N GLY C 362 -3.87 14.02 -20.18
CA GLY C 362 -5.19 13.48 -20.53
C GLY C 362 -6.25 14.56 -20.76
N ALA C 363 -5.84 15.84 -20.83
CA ALA C 363 -6.79 16.92 -20.97
C ALA C 363 -7.83 16.71 -22.09
N ALA C 364 -7.39 16.24 -23.28
CA ALA C 364 -8.27 16.06 -24.42
C ALA C 364 -9.20 14.86 -24.21
N ALA C 365 -8.66 13.81 -23.59
CA ALA C 365 -9.47 12.65 -23.24
C ALA C 365 -10.56 13.00 -22.23
N ALA C 366 -10.24 13.81 -21.23
CA ALA C 366 -11.21 14.24 -20.25
C ALA C 366 -12.28 15.15 -20.93
N ARG C 367 -11.82 16.13 -21.73
CA ARG C 367 -12.74 17.00 -22.46
C ARG C 367 -13.71 16.15 -23.31
N MET C 368 -13.18 15.14 -23.99
CA MET C 368 -13.99 14.30 -24.82
C MET C 368 -15.06 13.53 -24.04
N GLN C 369 -14.68 12.95 -22.90
CA GLN C 369 -15.68 12.24 -22.11
C GLN C 369 -16.79 13.17 -21.66
N CYS C 370 -16.44 14.36 -21.21
CA CYS C 370 -17.44 15.37 -20.85
C CYS C 370 -18.34 15.67 -22.05
N ARG C 371 -17.72 15.93 -23.19
CA ARG C 371 -18.53 16.35 -24.35
C ARG C 371 -19.52 15.25 -24.72
N VAL C 372 -19.06 13.99 -24.79
CA VAL C 372 -19.96 12.89 -25.17
C VAL C 372 -21.09 12.70 -24.14
N ALA C 373 -20.74 12.68 -22.86
CA ALA C 373 -21.70 12.51 -21.78
C ALA C 373 -22.73 13.61 -21.84
N LEU C 374 -22.26 14.85 -21.93
CA LEU C 374 -23.22 15.98 -21.91
C LEU C 374 -24.17 15.95 -23.12
N THR C 375 -23.60 15.67 -24.28
CA THR C 375 -24.38 15.60 -25.51
C THR C 375 -25.47 14.56 -25.35
N GLU C 376 -25.10 13.38 -24.86
CA GLU C 376 -26.05 12.26 -24.77
C GLU C 376 -27.06 12.47 -23.63
N LEU C 377 -26.62 13.09 -22.54
CA LEU C 377 -27.55 13.42 -21.47
C LEU C 377 -28.69 14.29 -22.00
N LEU C 378 -28.30 15.31 -22.74
CA LEU C 378 -29.27 16.27 -23.27
C LEU C 378 -30.13 15.63 -24.38
N ALA C 379 -29.52 14.77 -25.18
CA ALA C 379 -30.26 14.09 -26.23
C ALA C 379 -31.30 13.13 -25.67
N ARG C 380 -30.93 12.44 -24.60
CA ARG C 380 -31.72 11.29 -24.16
C ARG C 380 -32.44 11.50 -22.83
N CYS C 381 -31.85 12.27 -21.93
CA CYS C 381 -32.38 12.42 -20.59
C CYS C 381 -32.50 13.91 -20.29
N PRO C 382 -33.12 14.65 -21.20
CA PRO C 382 -33.18 16.08 -20.95
C PRO C 382 -34.03 16.45 -19.72
N ASP C 383 -35.15 15.75 -19.50
CA ASP C 383 -35.93 15.95 -18.28
C ASP C 383 -35.43 15.01 -17.19
N PHE C 384 -34.57 15.52 -16.33
CA PHE C 384 -33.88 14.70 -15.30
C PHE C 384 -33.80 15.53 -14.02
N GLU C 385 -33.72 14.89 -12.86
CA GLU C 385 -33.60 15.67 -11.64
C GLU C 385 -32.45 15.12 -10.83
N VAL C 386 -31.81 16.02 -10.10
CA VAL C 386 -30.80 15.63 -9.18
C VAL C 386 -31.03 16.45 -7.93
N ALA C 387 -30.84 15.85 -6.77
CA ALA C 387 -30.88 16.62 -5.53
C ALA C 387 -29.50 16.71 -4.95
N GLU C 388 -28.97 17.93 -4.92
CA GLU C 388 -27.66 18.20 -4.36
C GLU C 388 -27.49 17.62 -2.94
N SER C 389 -28.54 17.84 -2.14
CA SER C 389 -28.68 17.35 -0.78
C SER C 389 -28.42 15.86 -0.62
N ARG C 390 -28.67 15.09 -1.67
CA ARG C 390 -28.49 13.65 -1.59
C ARG C 390 -27.19 13.14 -2.27
N ILE C 391 -26.38 14.05 -2.79
CA ILE C 391 -25.09 13.67 -3.34
C ILE C 391 -24.14 13.34 -2.21
N VAL C 392 -23.40 12.24 -2.33
CA VAL C 392 -22.41 11.86 -1.36
C VAL C 392 -21.03 12.01 -2.00
N TRP C 393 -20.16 12.74 -1.31
CA TRP C 393 -18.83 13.09 -1.81
C TRP C 393 -17.82 12.12 -1.26
N SER C 394 -16.83 11.81 -2.09
CA SER C 394 -15.69 11.05 -1.66
C SER C 394 -14.89 11.85 -0.64
N GLY C 395 -14.26 11.12 0.28
CA GLY C 395 -13.28 11.69 1.17
C GLY C 395 -12.03 12.04 0.36
N GLY C 396 -11.13 12.78 0.98
CA GLY C 396 -9.84 13.12 0.37
C GLY C 396 -9.79 14.58 0.12
N SER C 397 -8.65 15.18 0.46
CA SER C 397 -8.60 16.64 0.46
C SER C 397 -8.19 17.32 -0.86
N TYR C 398 -7.91 16.53 -1.90
CA TYR C 398 -7.33 17.08 -3.13
C TYR C 398 -8.25 17.02 -4.35
N VAL C 399 -8.95 15.90 -4.46
CA VAL C 399 -9.88 15.70 -5.55
C VAL C 399 -11.32 15.70 -5.03
N ARG C 400 -12.16 16.49 -5.68
CA ARG C 400 -13.57 16.63 -5.34
C ARG C 400 -14.43 15.86 -6.32
N ARG C 401 -15.01 14.73 -5.89
CA ARG C 401 -15.81 13.91 -6.81
C ARG C 401 -16.88 13.18 -6.03
N PRO C 402 -18.08 13.04 -6.59
CA PRO C 402 -19.14 12.31 -5.90
C PRO C 402 -19.00 10.79 -6.01
N LEU C 403 -19.35 10.13 -4.90
CA LEU C 403 -19.51 8.69 -4.79
C LEU C 403 -20.89 8.28 -5.27
N SER C 404 -21.83 9.19 -5.11
CA SER C 404 -23.22 8.87 -5.46
C SER C 404 -23.90 10.15 -5.94
N VAL C 405 -24.54 10.06 -7.09
CA VAL C 405 -25.47 11.12 -7.51
C VAL C 405 -26.79 10.46 -7.92
N PRO C 406 -27.76 10.45 -7.00
CA PRO C 406 -29.11 9.97 -7.31
C PRO C 406 -29.70 10.83 -8.47
N PHE C 407 -30.27 10.13 -9.43
CA PHE C 407 -30.64 10.70 -10.70
C PHE C 407 -32.03 10.16 -11.04
N ARG C 408 -32.98 11.06 -11.26
CA ARG C 408 -34.30 10.60 -11.68
C ARG C 408 -34.61 11.11 -13.07
N VAL C 409 -35.22 10.26 -13.88
CA VAL C 409 -35.64 10.69 -15.22
C VAL C 409 -36.95 10.05 -15.69
N SER D 12 -48.34 -5.02 16.52
CA SER D 12 -47.08 -4.35 16.98
C SER D 12 -46.31 -3.79 15.79
N HIS D 13 -45.70 -2.65 16.03
CA HIS D 13 -44.82 -1.98 15.08
C HIS D 13 -43.34 -2.23 15.38
N GLU D 14 -43.07 -2.94 16.47
CA GLU D 14 -41.72 -3.23 16.87
C GLU D 14 -41.08 -4.27 15.93
N PHE D 15 -39.80 -4.07 15.61
CA PHE D 15 -39.13 -5.03 14.75
C PHE D 15 -39.06 -6.37 15.43
N GLN D 16 -39.40 -7.42 14.70
CA GLN D 16 -39.26 -8.80 15.19
C GLN D 16 -39.16 -9.71 13.97
N LEU D 17 -38.47 -10.84 14.11
CA LEU D 17 -38.41 -11.83 13.04
C LEU D 17 -39.80 -12.43 12.91
N ALA D 18 -40.30 -12.57 11.68
CA ALA D 18 -41.67 -13.04 11.45
C ALA D 18 -41.89 -14.46 11.89
N THR D 19 -43.15 -14.75 12.22
CA THR D 19 -43.59 -16.08 12.45
C THR D 19 -44.91 -16.22 11.66
N ALA D 20 -45.42 -17.44 11.64
CA ALA D 20 -46.67 -17.72 10.96
C ALA D 20 -47.73 -16.76 11.50
N GLU D 21 -47.61 -16.41 12.79
CA GLU D 21 -48.58 -15.51 13.42
C GLU D 21 -48.47 -14.04 12.96
N THR D 22 -47.28 -13.61 12.57
CA THR D 22 -47.07 -12.22 12.15
C THR D 22 -46.94 -12.01 10.64
N TRP D 23 -46.89 -13.10 9.88
CA TRP D 23 -46.82 -12.95 8.42
C TRP D 23 -48.04 -12.29 7.73
N PRO D 24 -49.25 -12.34 8.35
CA PRO D 24 -50.42 -11.76 7.64
C PRO D 24 -50.24 -10.28 7.33
N ASN D 25 -49.61 -9.55 8.25
CA ASN D 25 -49.52 -8.10 8.09
C ASN D 25 -48.23 -7.49 8.68
N PRO D 26 -47.07 -7.78 8.07
CA PRO D 26 -45.85 -7.11 8.62
C PRO D 26 -45.65 -5.66 8.13
N TRP D 27 -46.55 -5.16 7.29
CA TRP D 27 -46.27 -3.94 6.53
C TRP D 27 -46.16 -2.69 7.43
N PRO D 28 -47.02 -2.60 8.49
CA PRO D 28 -46.93 -1.45 9.41
C PRO D 28 -45.55 -1.43 10.08
N MET D 29 -45.05 -2.60 10.46
N MET D 29 -45.07 -2.63 10.43
CA MET D 29 -43.72 -2.60 11.07
CA MET D 29 -43.73 -2.75 11.03
C MET D 29 -42.67 -2.18 10.03
C MET D 29 -42.69 -2.23 10.04
N TYR D 30 -42.73 -2.70 8.81
CA TYR D 30 -41.77 -2.21 7.79
C TYR D 30 -41.83 -0.69 7.65
N ARG D 31 -43.05 -0.14 7.64
CA ARG D 31 -43.26 1.31 7.51
C ARG D 31 -42.62 2.10 8.63
N ALA D 32 -42.81 1.63 9.86
CA ALA D 32 -42.22 2.28 11.05
C ALA D 32 -40.70 2.30 10.90
N LEU D 33 -40.10 1.19 10.49
CA LEU D 33 -38.66 1.19 10.24
C LEU D 33 -38.21 2.19 9.17
N ARG D 34 -38.88 2.20 8.02
CA ARG D 34 -38.44 3.05 6.90
C ARG D 34 -38.51 4.51 7.33
N ASP D 35 -39.50 4.79 8.14
CA ASP D 35 -39.81 6.23 8.46
C ASP D 35 -38.99 6.72 9.64
N HIS D 36 -38.80 5.83 10.62
CA HIS D 36 -38.20 6.24 11.86
C HIS D 36 -36.84 5.62 12.19
N ASP D 37 -36.45 4.55 11.49
CA ASP D 37 -35.17 3.89 11.84
C ASP D 37 -34.71 3.06 10.66
N PRO D 38 -34.37 3.72 9.51
CA PRO D 38 -34.06 2.91 8.28
C PRO D 38 -32.80 2.03 8.37
N VAL D 39 -31.93 2.34 9.33
CA VAL D 39 -30.72 1.51 9.60
C VAL D 39 -30.84 1.09 11.06
N HIS D 40 -31.66 0.07 11.28
CA HIS D 40 -32.14 -0.23 12.62
C HIS D 40 -31.21 -1.23 13.28
N HIS D 41 -30.81 -0.92 14.51
CA HIS D 41 -29.95 -1.81 15.28
C HIS D 41 -30.79 -2.74 16.17
N VAL D 42 -30.65 -4.06 15.97
CA VAL D 42 -31.32 -5.06 16.78
C VAL D 42 -30.31 -5.64 17.79
N VAL D 43 -30.61 -5.43 19.08
CA VAL D 43 -29.81 -6.02 20.16
C VAL D 43 -30.65 -7.06 20.92
N PRO D 44 -30.48 -8.35 20.60
CA PRO D 44 -31.42 -9.31 21.22
C PRO D 44 -31.19 -9.34 22.74
N PRO D 45 -32.24 -9.06 23.54
CA PRO D 45 -32.05 -8.95 24.96
C PRO D 45 -31.36 -10.18 25.54
N GLN D 46 -31.77 -11.38 25.15
CA GLN D 46 -31.16 -12.60 25.69
C GLN D 46 -29.75 -12.92 25.12
N ARG D 47 -29.33 -12.19 24.10
CA ARG D 47 -27.95 -12.36 23.55
C ARG D 47 -27.48 -11.12 22.80
N PRO D 48 -27.11 -10.07 23.54
CA PRO D 48 -26.70 -8.82 22.91
C PRO D 48 -25.40 -8.94 22.10
N GLU D 49 -24.61 -10.02 22.30
CA GLU D 49 -23.43 -10.33 21.47
C GLU D 49 -23.82 -10.63 20.04
N TYR D 50 -25.07 -10.98 19.82
CA TYR D 50 -25.51 -11.35 18.48
C TYR D 50 -26.33 -10.22 17.90
N ASP D 51 -25.96 -8.98 18.21
CA ASP D 51 -26.64 -7.83 17.64
C ASP D 51 -26.44 -7.79 16.09
N TYR D 52 -27.39 -7.17 15.41
CA TYR D 52 -27.33 -7.04 13.97
C TYR D 52 -28.11 -5.82 13.52
N TYR D 53 -28.13 -5.58 12.22
CA TYR D 53 -28.82 -4.40 11.70
C TYR D 53 -29.83 -4.82 10.67
N VAL D 54 -30.73 -3.88 10.39
CA VAL D 54 -31.84 -4.12 9.44
C VAL D 54 -31.96 -2.90 8.52
N LEU D 55 -31.95 -3.14 7.21
CA LEU D 55 -32.16 -2.09 6.19
C LEU D 55 -33.54 -2.32 5.58
N SER D 56 -34.35 -1.26 5.56
CA SER D 56 -35.73 -1.33 5.16
C SER D 56 -36.04 -0.38 3.97
N ARG D 57 -35.17 0.59 3.69
CA ARG D 57 -35.44 1.50 2.57
C ARG D 57 -34.97 0.94 1.23
N HIS D 58 -35.72 1.29 0.18
CA HIS D 58 -35.36 0.78 -1.17
C HIS D 58 -33.89 1.14 -1.59
N ALA D 59 -33.48 2.41 -1.42
CA ALA D 59 -32.19 2.87 -1.89
C ALA D 59 -31.08 2.10 -1.16
N ASP D 60 -31.25 1.90 0.15
CA ASP D 60 -30.25 1.24 0.99
C ASP D 60 -30.16 -0.24 0.65
N VAL D 61 -31.32 -0.90 0.49
CA VAL D 61 -31.27 -2.34 0.18
C VAL D 61 -30.71 -2.57 -1.23
N TRP D 62 -31.07 -1.72 -2.19
CA TRP D 62 -30.62 -1.88 -3.55
C TRP D 62 -29.14 -1.77 -3.60
N SER D 63 -28.56 -0.70 -3.05
N SER D 63 -28.60 -0.68 -3.03
CA SER D 63 -27.09 -0.62 -3.06
CA SER D 63 -27.16 -0.52 -2.94
C SER D 63 -26.36 -1.68 -2.21
C SER D 63 -26.45 -1.71 -2.27
N ALA D 64 -26.93 -2.11 -1.09
CA ALA D 64 -26.27 -3.13 -0.27
C ALA D 64 -26.27 -4.47 -1.02
N ALA D 65 -27.39 -4.79 -1.68
CA ALA D 65 -27.46 -6.07 -2.46
C ALA D 65 -26.41 -6.09 -3.54
N ARG D 66 -26.29 -4.96 -4.23
CA ARG D 66 -25.30 -4.82 -5.34
C ARG D 66 -23.85 -4.95 -4.83
N ASP D 67 -23.58 -4.33 -3.68
CA ASP D 67 -22.19 -4.22 -3.14
C ASP D 67 -21.78 -5.47 -2.37
N HIS D 68 -21.49 -6.52 -3.13
CA HIS D 68 -21.06 -7.78 -2.52
C HIS D 68 -19.71 -7.65 -1.79
N GLN D 69 -18.90 -6.64 -2.17
CA GLN D 69 -17.59 -6.52 -1.52
C GLN D 69 -17.74 -6.09 -0.07
N THR D 70 -18.71 -5.23 0.17
CA THR D 70 -18.95 -4.70 1.49
C THR D 70 -19.93 -5.58 2.23
N PHE D 71 -20.93 -6.05 1.50
CA PHE D 71 -21.99 -6.94 2.08
C PHE D 71 -21.87 -8.38 1.61
N SER D 72 -21.13 -9.16 2.35
CA SER D 72 -20.72 -10.49 1.90
C SER D 72 -21.81 -11.52 2.14
N SER D 73 -21.92 -12.51 1.24
CA SER D 73 -22.85 -13.65 1.45
C SER D 73 -22.18 -14.91 2.04
N ALA D 74 -20.86 -14.82 2.21
CA ALA D 74 -20.02 -15.95 2.52
C ALA D 74 -20.13 -16.54 3.96
N GLN D 75 -20.74 -15.78 4.90
CA GLN D 75 -20.93 -16.31 6.24
C GLN D 75 -22.35 -16.84 6.44
N GLY D 76 -23.19 -16.77 5.40
CA GLY D 76 -24.60 -17.25 5.53
C GLY D 76 -25.58 -16.08 5.33
N LEU D 77 -26.87 -16.42 5.28
CA LEU D 77 -27.90 -15.48 4.87
C LEU D 77 -29.00 -15.20 5.91
N THR D 78 -28.85 -15.71 7.15
CA THR D 78 -29.76 -15.43 8.23
C THR D 78 -29.09 -14.43 9.19
N VAL D 79 -29.83 -13.97 10.18
CA VAL D 79 -29.19 -13.13 11.20
C VAL D 79 -28.44 -13.89 12.30
N ASN D 80 -28.40 -15.21 12.19
N ASN D 80 -28.41 -15.21 12.18
CA ASN D 80 -27.75 -16.05 13.20
CA ASN D 80 -27.76 -16.06 13.17
C ASN D 80 -26.26 -16.21 12.96
C ASN D 80 -26.26 -16.21 12.95
N TYR D 81 -25.45 -15.65 13.85
CA TYR D 81 -23.99 -15.77 13.71
C TYR D 81 -23.62 -17.25 13.88
N GLY D 82 -22.56 -17.67 13.21
CA GLY D 82 -22.09 -19.07 13.34
C GLY D 82 -22.76 -20.02 12.34
N GLU D 83 -23.70 -19.50 11.57
CA GLU D 83 -24.50 -20.24 10.59
C GLU D 83 -23.73 -21.27 9.72
N LEU D 84 -22.72 -20.82 9.03
CA LEU D 84 -22.05 -21.68 8.06
C LEU D 84 -21.52 -22.93 8.76
N GLU D 85 -20.90 -22.74 9.93
CA GLU D 85 -20.16 -23.81 10.57
C GLU D 85 -21.17 -24.67 11.29
N MET D 86 -22.14 -24.01 11.92
CA MET D 86 -23.19 -24.70 12.69
C MET D 86 -24.03 -25.64 11.84
N ILE D 87 -24.32 -25.23 10.60
CA ILE D 87 -25.04 -26.08 9.65
C ILE D 87 -24.11 -27.06 8.89
N GLY D 88 -22.81 -26.74 8.79
CA GLY D 88 -21.87 -27.67 8.18
C GLY D 88 -21.69 -27.39 6.71
N LEU D 89 -21.64 -26.10 6.36
CA LEU D 89 -21.56 -25.74 4.93
C LEU D 89 -20.24 -25.00 4.57
N HIS D 90 -19.27 -25.01 5.47
CA HIS D 90 -18.03 -24.23 5.16
C HIS D 90 -17.27 -24.72 3.90
N ASP D 91 -17.01 -26.01 3.83
CA ASP D 91 -16.12 -26.52 2.84
C ASP D 91 -16.63 -26.42 1.42
N THR D 92 -17.91 -26.66 1.23
CA THR D 92 -18.53 -26.62 -0.08
C THR D 92 -19.87 -25.93 0.10
N PRO D 93 -19.85 -24.61 0.16
CA PRO D 93 -21.13 -23.90 0.34
C PRO D 93 -21.94 -23.81 -0.96
N PRO D 94 -23.26 -23.60 -0.83
CA PRO D 94 -24.08 -23.38 -2.02
C PRO D 94 -23.67 -22.02 -2.63
N MET D 95 -24.05 -21.83 -3.88
CA MET D 95 -23.64 -20.63 -4.61
C MET D 95 -24.19 -19.34 -4.00
N VAL D 96 -25.32 -19.39 -3.30
CA VAL D 96 -25.87 -18.16 -2.68
C VAL D 96 -25.09 -17.75 -1.45
N MET D 97 -24.18 -18.63 -1.01
CA MET D 97 -23.25 -18.26 0.08
C MET D 97 -21.80 -18.20 -0.39
N GLN D 98 -21.59 -17.89 -1.66
CA GLN D 98 -20.24 -17.61 -2.19
C GLN D 98 -20.22 -16.16 -2.65
N ASP D 99 -19.06 -15.55 -2.55
CA ASP D 99 -18.88 -14.19 -3.07
C ASP D 99 -18.00 -14.34 -4.31
N PRO D 100 -18.05 -13.35 -5.23
CA PRO D 100 -17.06 -13.25 -6.32
C PRO D 100 -15.70 -13.07 -5.71
N PRO D 101 -14.66 -13.63 -6.32
CA PRO D 101 -14.55 -14.32 -7.61
C PRO D 101 -15.01 -15.77 -7.53
N VAL D 102 -15.03 -16.39 -6.35
CA VAL D 102 -15.33 -17.82 -6.33
C VAL D 102 -16.74 -18.10 -6.93
N HIS D 103 -17.69 -17.26 -6.58
CA HIS D 103 -19.08 -17.40 -7.10
C HIS D 103 -19.19 -17.26 -8.63
N THR D 104 -18.29 -16.44 -9.19
CA THR D 104 -18.35 -16.04 -10.58
C THR D 104 -18.28 -17.16 -11.55
N GLU D 105 -17.28 -18.04 -11.43
CA GLU D 105 -17.11 -19.14 -12.39
C GLU D 105 -18.25 -20.16 -12.31
N PHE D 106 -18.63 -20.52 -11.08
CA PHE D 106 -19.72 -21.48 -10.92
C PHE D 106 -20.99 -20.92 -11.52
N ARG D 107 -21.29 -19.67 -11.23
CA ARG D 107 -22.49 -19.08 -11.80
C ARG D 107 -22.46 -19.08 -13.34
N LYS D 108 -21.26 -18.79 -13.90
CA LYS D 108 -21.09 -18.76 -15.36
C LYS D 108 -21.53 -20.10 -15.93
N LEU D 109 -21.12 -21.17 -15.25
CA LEU D 109 -21.38 -22.53 -15.76
C LEU D 109 -22.86 -22.86 -15.65
N VAL D 110 -23.51 -22.55 -14.52
CA VAL D 110 -24.92 -22.96 -14.43
C VAL D 110 -25.84 -22.08 -15.21
N SER D 111 -25.42 -20.84 -15.45
N SER D 111 -25.45 -20.84 -15.47
CA SER D 111 -26.24 -19.86 -16.19
CA SER D 111 -26.37 -19.92 -16.18
C SER D 111 -26.61 -20.34 -17.58
C SER D 111 -26.65 -20.37 -17.61
N ARG D 112 -25.78 -21.21 -18.14
CA ARG D 112 -25.99 -21.79 -19.44
C ARG D 112 -27.29 -22.58 -19.48
N GLY D 113 -27.74 -23.03 -18.30
CA GLY D 113 -29.01 -23.76 -18.15
C GLY D 113 -30.22 -22.88 -17.91
N PHE D 114 -30.01 -21.56 -17.89
CA PHE D 114 -31.10 -20.63 -17.71
C PHE D 114 -31.22 -19.65 -18.88
N THR D 115 -31.80 -20.10 -19.97
CA THR D 115 -31.97 -19.26 -21.17
C THR D 115 -33.45 -19.22 -21.58
N PRO D 116 -33.80 -18.31 -22.49
CA PRO D 116 -35.19 -18.29 -22.94
C PRO D 116 -35.67 -19.65 -23.37
N ARG D 117 -34.82 -20.42 -24.02
CA ARG D 117 -35.31 -21.73 -24.41
C ARG D 117 -35.79 -22.59 -23.24
N GLN D 118 -35.10 -22.57 -22.09
CA GLN D 118 -35.54 -23.43 -20.99
C GLN D 118 -36.89 -23.03 -20.43
N VAL D 119 -37.18 -21.75 -20.37
CA VAL D 119 -38.47 -21.32 -19.83
C VAL D 119 -39.53 -21.73 -20.86
N GLU D 120 -39.18 -21.60 -22.14
CA GLU D 120 -40.15 -21.85 -23.24
C GLU D 120 -40.59 -23.30 -23.35
N THR D 121 -39.63 -24.20 -23.17
CA THR D 121 -39.88 -25.61 -23.32
C THR D 121 -40.78 -26.22 -22.25
N VAL D 122 -40.80 -25.62 -21.06
CA VAL D 122 -41.64 -26.15 -19.98
C VAL D 122 -43.00 -25.42 -19.86
N GLU D 123 -43.13 -24.27 -20.52
CA GLU D 123 -44.38 -23.51 -20.33
C GLU D 123 -45.66 -24.32 -20.65
N PRO D 124 -45.67 -25.08 -21.77
CA PRO D 124 -46.85 -25.91 -22.01
C PRO D 124 -47.16 -26.92 -20.93
N THR D 125 -46.13 -27.52 -20.31
CA THR D 125 -46.42 -28.49 -19.29
C THR D 125 -47.01 -27.75 -18.08
N VAL D 126 -46.51 -26.56 -17.78
CA VAL D 126 -47.01 -25.80 -16.62
C VAL D 126 -48.49 -25.47 -16.82
N ARG D 127 -48.81 -25.06 -18.04
CA ARG D 127 -50.19 -24.66 -18.37
C ARG D 127 -51.18 -25.84 -18.26
N LYS D 128 -50.79 -26.98 -18.80
CA LYS D 128 -51.62 -28.18 -18.73
C LYS D 128 -51.93 -28.58 -17.27
N PHE D 129 -50.93 -28.48 -16.39
CA PHE D 129 -51.12 -28.79 -14.97
C PHE D 129 -52.05 -27.82 -14.24
N VAL D 130 -51.82 -26.52 -14.43
CA VAL D 130 -52.71 -25.48 -13.88
C VAL D 130 -54.21 -25.75 -14.25
N VAL D 131 -54.46 -25.92 -15.53
CA VAL D 131 -55.81 -26.27 -16.04
C VAL D 131 -56.38 -27.50 -15.34
N GLU D 132 -55.62 -28.58 -15.31
N GLU D 132 -55.61 -28.58 -15.29
CA GLU D 132 -56.05 -29.80 -14.65
CA GLU D 132 -56.10 -29.80 -14.66
C GLU D 132 -56.53 -29.51 -13.23
C GLU D 132 -56.50 -29.57 -13.21
N ARG D 133 -55.74 -28.73 -12.49
CA ARG D 133 -56.03 -28.54 -11.10
C ARG D 133 -57.14 -27.52 -10.88
N LEU D 134 -57.15 -26.45 -11.67
CA LEU D 134 -58.24 -25.49 -11.61
C LEU D 134 -59.57 -26.16 -12.00
N GLU D 135 -59.51 -27.12 -12.91
CA GLU D 135 -60.75 -27.83 -13.31
C GLU D 135 -61.22 -28.80 -12.23
N LYS D 136 -60.28 -29.40 -11.51
CA LYS D 136 -60.66 -30.21 -10.38
C LYS D 136 -61.25 -29.32 -9.28
N LEU D 137 -60.60 -28.18 -8.98
CA LEU D 137 -61.16 -27.23 -8.02
C LEU D 137 -62.60 -26.86 -8.43
N ARG D 138 -62.75 -26.36 -9.66
CA ARG D 138 -64.04 -25.94 -10.18
C ARG D 138 -65.15 -26.97 -9.97
N ALA D 139 -64.86 -28.21 -10.36
CA ALA D 139 -65.80 -29.34 -10.26
C ALA D 139 -66.28 -29.54 -8.81
N ASN D 140 -65.39 -29.27 -7.85
CA ASN D 140 -65.73 -29.45 -6.44
C ASN D 140 -66.28 -28.21 -5.79
N GLY D 141 -66.45 -27.14 -6.57
CA GLY D 141 -66.80 -25.84 -6.03
C GLY D 141 -65.74 -25.28 -5.09
N GLY D 142 -64.50 -25.74 -5.24
CA GLY D 142 -63.33 -25.11 -4.61
C GLY D 142 -62.48 -26.18 -3.98
N GLY D 143 -61.64 -25.78 -3.03
CA GLY D 143 -60.70 -26.70 -2.38
C GLY D 143 -59.56 -25.81 -1.90
N ASP D 144 -58.47 -26.40 -1.41
CA ASP D 144 -57.27 -25.60 -1.03
C ASP D 144 -56.38 -25.39 -2.27
N ILE D 145 -56.33 -24.16 -2.75
CA ILE D 145 -55.60 -23.91 -4.01
C ILE D 145 -54.07 -24.05 -3.87
N VAL D 146 -53.56 -23.93 -2.65
CA VAL D 146 -52.14 -24.14 -2.40
C VAL D 146 -51.89 -25.63 -2.52
N THR D 147 -52.60 -26.44 -1.73
CA THR D 147 -52.30 -27.88 -1.71
C THR D 147 -52.60 -28.54 -3.07
N GLU D 148 -53.67 -28.09 -3.72
CA GLU D 148 -54.05 -28.65 -5.02
C GLU D 148 -53.24 -28.18 -6.22
N LEU D 149 -52.65 -26.99 -6.15
CA LEU D 149 -52.01 -26.41 -7.33
C LEU D 149 -50.69 -25.65 -7.04
N PHE D 150 -50.72 -24.67 -6.15
CA PHE D 150 -49.57 -23.76 -6.04
C PHE D 150 -48.37 -24.41 -5.31
N LYS D 151 -48.65 -25.42 -4.50
CA LYS D 151 -47.61 -26.23 -3.89
C LYS D 151 -46.93 -27.15 -4.90
N PRO D 152 -47.70 -28.08 -5.56
CA PRO D 152 -47.05 -29.04 -6.46
C PRO D 152 -46.44 -28.42 -7.74
N LEU D 153 -47.03 -27.34 -8.23
CA LEU D 153 -46.65 -26.75 -9.51
C LEU D 153 -45.14 -26.40 -9.64
N PRO D 154 -44.57 -25.65 -8.68
CA PRO D 154 -43.17 -25.17 -8.90
C PRO D 154 -42.16 -26.33 -8.95
N SER D 155 -42.51 -27.44 -8.31
CA SER D 155 -41.59 -28.58 -8.26
C SER D 155 -41.30 -29.14 -9.68
N MET D 156 -42.32 -29.18 -10.52
CA MET D 156 -42.16 -29.62 -11.91
C MET D 156 -41.20 -28.70 -12.65
N VAL D 157 -41.30 -27.41 -12.42
CA VAL D 157 -40.37 -26.47 -13.07
C VAL D 157 -38.89 -26.64 -12.61
N VAL D 158 -38.69 -26.77 -11.31
CA VAL D 158 -37.37 -27.10 -10.75
C VAL D 158 -36.85 -28.41 -11.39
N ALA D 159 -37.69 -29.45 -11.44
CA ALA D 159 -37.27 -30.74 -12.07
C ALA D 159 -36.80 -30.54 -13.49
N HIS D 160 -37.55 -29.80 -14.29
CA HIS D 160 -37.12 -29.41 -15.64
C HIS D 160 -35.73 -28.75 -15.67
N TYR D 161 -35.51 -27.77 -14.78
CA TYR D 161 -34.24 -27.02 -14.79
C TYR D 161 -33.05 -27.83 -14.32
N LEU D 162 -33.36 -28.91 -13.59
CA LEU D 162 -32.37 -29.90 -13.13
C LEU D 162 -32.17 -31.04 -14.10
N GLY D 163 -32.88 -31.03 -15.22
CA GLY D 163 -32.72 -32.17 -16.15
C GLY D 163 -33.29 -33.49 -15.67
N VAL D 164 -34.26 -33.46 -14.75
CA VAL D 164 -34.84 -34.71 -14.23
C VAL D 164 -35.85 -35.19 -15.28
N PRO D 165 -35.71 -36.43 -15.74
CA PRO D 165 -36.67 -37.00 -16.69
C PRO D 165 -38.12 -36.96 -16.17
N GLU D 166 -39.06 -36.55 -17.04
CA GLU D 166 -40.48 -36.46 -16.61
C GLU D 166 -41.05 -37.69 -15.88
N GLU D 167 -40.52 -38.88 -16.18
CA GLU D 167 -41.05 -40.12 -15.54
C GLU D 167 -40.69 -40.16 -14.06
N ASP D 168 -39.69 -39.35 -13.70
CA ASP D 168 -39.23 -39.31 -12.30
C ASP D 168 -39.75 -38.15 -11.49
N TRP D 169 -40.62 -37.35 -12.08
CA TRP D 169 -41.08 -36.14 -11.46
C TRP D 169 -41.93 -36.39 -10.24
N THR D 170 -42.72 -37.47 -10.25
CA THR D 170 -43.56 -37.75 -9.10
C THR D 170 -42.71 -38.09 -7.85
N GLN D 171 -41.71 -38.95 -8.03
CA GLN D 171 -40.84 -39.33 -6.95
C GLN D 171 -40.02 -38.12 -6.49
N PHE D 172 -39.48 -37.39 -7.46
CA PHE D 172 -38.77 -36.14 -7.15
C PHE D 172 -39.61 -35.12 -6.37
N ASP D 173 -40.89 -34.93 -6.76
CA ASP D 173 -41.85 -34.04 -6.02
C ASP D 173 -42.03 -34.54 -4.58
N GLY D 174 -42.10 -35.86 -4.41
CA GLY D 174 -42.18 -36.39 -3.09
C GLY D 174 -41.01 -35.96 -2.23
N TRP D 175 -39.78 -36.14 -2.72
CA TRP D 175 -38.58 -35.72 -1.90
C TRP D 175 -38.61 -34.20 -1.67
N THR D 176 -39.01 -33.49 -2.70
CA THR D 176 -39.03 -32.03 -2.62
C THR D 176 -39.92 -31.53 -1.49
N GLN D 177 -41.13 -32.03 -1.43
CA GLN D 177 -42.11 -31.61 -0.43
C GLN D 177 -41.62 -31.88 1.02
N ALA D 178 -40.98 -33.04 1.25
CA ALA D 178 -40.38 -33.31 2.56
C ALA D 178 -39.29 -32.32 2.93
N ILE D 179 -38.42 -32.02 1.96
CA ILE D 179 -37.33 -31.10 2.20
C ILE D 179 -37.85 -29.68 2.47
N VAL D 180 -38.82 -29.23 1.68
CA VAL D 180 -39.32 -27.85 1.78
C VAL D 180 -39.99 -27.65 3.11
N ALA D 181 -40.78 -28.62 3.53
CA ALA D 181 -41.40 -28.59 4.86
C ALA D 181 -40.31 -28.49 5.95
N ALA D 182 -39.35 -29.41 5.90
CA ALA D 182 -38.24 -29.40 6.86
C ALA D 182 -37.49 -28.06 6.95
N ASN D 183 -37.23 -27.43 5.81
CA ASN D 183 -36.48 -26.19 5.79
C ASN D 183 -37.33 -25.00 6.33
N ALA D 184 -38.63 -25.25 6.56
CA ALA D 184 -39.51 -24.26 7.20
C ALA D 184 -38.86 -23.75 8.49
N GLY D 191 -34.56 -33.57 9.79
CA GLY D 191 -35.76 -32.99 9.27
C GLY D 191 -36.33 -33.80 8.12
N ALA D 192 -35.49 -34.16 7.16
CA ALA D 192 -35.94 -34.83 5.94
C ALA D 192 -34.94 -35.89 5.52
N LEU D 193 -34.43 -36.64 6.50
CA LEU D 193 -33.28 -37.50 6.28
C LEU D 193 -33.52 -38.44 5.10
N ASP D 194 -34.66 -39.12 5.07
CA ASP D 194 -34.88 -39.99 3.93
C ASP D 194 -34.91 -39.28 2.60
N ALA D 195 -35.61 -38.15 2.55
CA ALA D 195 -35.84 -37.54 1.27
C ALA D 195 -34.52 -36.96 0.78
N VAL D 196 -33.68 -36.48 1.71
CA VAL D 196 -32.34 -36.01 1.42
C VAL D 196 -31.48 -37.15 0.86
N GLY D 197 -31.52 -38.29 1.54
CA GLY D 197 -30.74 -39.39 1.07
C GLY D 197 -31.16 -39.80 -0.31
N SER D 198 -32.48 -39.92 -0.50
CA SER D 198 -33.04 -40.31 -1.79
C SER D 198 -32.58 -39.38 -2.92
N MET D 199 -32.70 -38.09 -2.65
CA MET D 199 -32.31 -37.09 -3.64
C MET D 199 -30.82 -37.11 -3.95
N MET D 200 -30.00 -37.18 -2.91
N MET D 200 -29.99 -37.19 -2.92
CA MET D 200 -28.53 -37.31 -3.08
CA MET D 200 -28.55 -37.28 -3.16
C MET D 200 -28.23 -38.53 -3.93
C MET D 200 -28.20 -38.55 -3.93
N ALA D 201 -28.87 -39.66 -3.66
CA ALA D 201 -28.51 -40.92 -4.34
C ALA D 201 -28.95 -40.79 -5.82
N TYR D 202 -30.11 -40.18 -6.01
CA TYR D 202 -30.66 -40.03 -7.36
C TYR D 202 -29.80 -39.11 -8.20
N PHE D 203 -29.51 -37.93 -7.66
CA PHE D 203 -28.66 -36.99 -8.37
C PHE D 203 -27.24 -37.46 -8.63
N THR D 204 -26.63 -38.19 -7.69
CA THR D 204 -25.32 -38.77 -7.94
C THR D 204 -25.37 -39.63 -9.19
N GLY D 205 -26.44 -40.43 -9.34
CA GLY D 205 -26.65 -41.22 -10.56
C GLY D 205 -26.90 -40.40 -11.83
N LEU D 206 -27.74 -39.37 -11.71
CA LEU D 206 -28.06 -38.49 -12.84
C LEU D 206 -26.79 -37.77 -13.31
N ILE D 207 -25.96 -37.35 -12.37
CA ILE D 207 -24.69 -36.67 -12.69
C ILE D 207 -23.76 -37.58 -13.53
N GLU D 208 -23.68 -38.82 -13.12
CA GLU D 208 -22.89 -39.79 -13.84
C GLU D 208 -23.43 -39.98 -15.23
N ARG D 209 -24.75 -40.09 -15.37
CA ARG D 209 -25.40 -40.27 -16.67
C ARG D 209 -25.16 -39.10 -17.62
N ARG D 210 -25.19 -37.88 -17.10
CA ARG D 210 -24.95 -36.68 -17.90
C ARG D 210 -23.55 -36.57 -18.50
N ARG D 211 -22.64 -37.41 -18.02
N ARG D 211 -22.65 -37.43 -18.03
CA ARG D 211 -21.31 -37.42 -18.62
CA ARG D 211 -21.28 -37.45 -18.58
C ARG D 211 -21.46 -37.84 -20.08
C ARG D 211 -21.25 -38.05 -19.99
N THR D 212 -22.24 -38.89 -20.30
CA THR D 212 -22.40 -39.49 -21.64
C THR D 212 -23.66 -39.06 -22.40
N GLU D 213 -24.65 -38.48 -21.73
CA GLU D 213 -25.87 -38.04 -22.39
C GLU D 213 -26.19 -36.66 -21.89
N PRO D 214 -25.46 -35.66 -22.40
CA PRO D 214 -25.70 -34.29 -21.99
C PRO D 214 -27.06 -33.85 -22.46
N ALA D 215 -27.64 -32.87 -21.78
CA ALA D 215 -28.84 -32.24 -22.23
C ALA D 215 -28.57 -30.74 -22.03
N ASP D 216 -29.59 -29.89 -22.03
CA ASP D 216 -29.34 -28.43 -22.10
C ASP D 216 -29.46 -27.82 -20.71
N ASP D 217 -29.71 -28.68 -19.75
CA ASP D 217 -29.99 -28.19 -18.39
C ASP D 217 -28.75 -27.78 -17.59
N ALA D 218 -28.94 -27.18 -16.40
CA ALA D 218 -27.80 -26.65 -15.64
C ALA D 218 -26.88 -27.78 -15.15
N ILE D 219 -27.47 -28.87 -14.73
CA ILE D 219 -26.66 -30.01 -14.31
C ILE D 219 -25.72 -30.50 -15.43
N SER D 220 -26.29 -30.74 -16.59
CA SER D 220 -25.53 -31.20 -17.75
C SER D 220 -24.43 -30.23 -18.01
N HIS D 221 -24.70 -28.94 -17.84
CA HIS D 221 -23.63 -27.95 -18.04
C HIS D 221 -22.46 -27.96 -17.10
N LEU D 222 -22.73 -28.19 -15.81
CA LEU D 222 -21.63 -28.36 -14.86
C LEU D 222 -20.84 -29.65 -15.22
N VAL D 223 -21.57 -30.72 -15.58
CA VAL D 223 -20.88 -32.02 -15.78
C VAL D 223 -19.93 -32.01 -17.00
N ALA D 224 -20.43 -31.42 -18.08
CA ALA D 224 -19.65 -31.23 -19.30
C ALA D 224 -18.40 -30.39 -19.06
N ALA D 225 -18.44 -29.55 -18.03
CA ALA D 225 -17.32 -28.69 -17.71
C ALA D 225 -16.35 -29.37 -16.76
N GLY D 226 -16.59 -30.66 -16.50
CA GLY D 226 -15.66 -31.48 -15.71
C GLY D 226 -15.87 -31.49 -14.20
N VAL D 227 -16.86 -30.74 -13.72
CA VAL D 227 -17.05 -30.60 -12.28
C VAL D 227 -17.31 -31.99 -11.74
N GLY D 231 -14.25 -31.46 -9.36
CA GLY D 231 -13.31 -31.71 -8.22
C GLY D 231 -13.62 -32.94 -7.38
N ASP D 232 -13.63 -34.11 -8.03
CA ASP D 232 -14.06 -35.36 -7.42
C ASP D 232 -15.14 -35.26 -6.33
N THR D 233 -15.02 -35.89 -5.15
CA THR D 233 -16.23 -35.92 -4.29
C THR D 233 -16.73 -34.48 -4.01
N ALA D 234 -15.78 -33.57 -3.75
CA ALA D 234 -16.13 -32.16 -3.50
C ALA D 234 -16.78 -31.52 -4.74
N GLY D 235 -16.30 -31.91 -5.92
CA GLY D 235 -16.92 -31.45 -7.18
C GLY D 235 -18.40 -31.91 -7.29
N THR D 236 -18.63 -33.19 -6.99
CA THR D 236 -19.97 -33.78 -7.03
C THR D 236 -20.81 -33.07 -6.02
N LEU D 237 -20.19 -32.79 -4.89
CA LEU D 237 -20.88 -32.13 -3.80
C LEU D 237 -21.35 -30.77 -4.25
N SER D 238 -20.52 -30.04 -5.00
CA SER D 238 -20.98 -28.70 -5.45
C SER D 238 -22.25 -28.75 -6.35
N ILE D 239 -22.33 -29.81 -7.17
CA ILE D 239 -23.50 -30.02 -8.01
C ILE D 239 -24.70 -30.41 -7.14
N LEU D 240 -24.49 -31.29 -6.15
CA LEU D 240 -25.54 -31.63 -5.20
C LEU D 240 -25.98 -30.40 -4.43
N ALA D 241 -25.04 -29.55 -4.05
CA ALA D 241 -25.39 -28.34 -3.32
C ALA D 241 -26.24 -27.41 -4.20
N PHE D 242 -25.93 -27.33 -5.50
CA PHE D 242 -26.80 -26.57 -6.43
C PHE D 242 -28.19 -27.19 -6.50
N THR D 243 -28.29 -28.54 -6.59
CA THR D 243 -29.60 -29.21 -6.59
C THR D 243 -30.44 -28.77 -5.40
N PHE D 244 -29.82 -28.75 -4.22
CA PHE D 244 -30.50 -28.28 -3.01
C PHE D 244 -30.87 -26.80 -2.98
N THR D 245 -29.97 -25.96 -3.49
CA THR D 245 -30.32 -24.58 -3.71
C THR D 245 -31.60 -24.45 -4.56
N MET D 246 -31.67 -25.21 -5.63
CA MET D 246 -32.84 -25.15 -6.53
C MET D 246 -34.11 -25.64 -5.82
N VAL D 247 -34.02 -26.76 -5.14
CA VAL D 247 -35.12 -27.30 -4.43
C VAL D 247 -35.56 -26.37 -3.28
N THR D 248 -34.63 -25.87 -2.48
CA THR D 248 -35.04 -25.10 -1.29
C THR D 248 -35.40 -23.65 -1.59
N GLY D 249 -34.95 -23.15 -2.74
CA GLY D 249 -35.25 -21.78 -3.17
C GLY D 249 -36.29 -21.62 -4.28
N GLY D 250 -36.62 -22.68 -5.00
CA GLY D 250 -37.40 -22.54 -6.18
C GLY D 250 -38.85 -22.99 -6.03
N ASN D 251 -39.19 -23.53 -4.86
CA ASN D 251 -40.53 -24.09 -4.60
C ASN D 251 -41.36 -23.18 -3.72
N ASP D 252 -40.98 -23.03 -2.46
CA ASP D 252 -41.80 -22.24 -1.52
C ASP D 252 -42.00 -20.79 -1.94
N THR D 253 -40.98 -20.25 -2.58
CA THR D 253 -41.05 -18.87 -3.10
C THR D 253 -42.16 -18.70 -4.14
N VAL D 254 -42.22 -19.61 -5.09
CA VAL D 254 -43.22 -19.52 -6.12
C VAL D 254 -44.61 -19.72 -5.50
N THR D 255 -44.70 -20.66 -4.54
CA THR D 255 -45.94 -20.88 -3.80
C THR D 255 -46.35 -19.59 -3.08
N GLY D 256 -45.39 -18.86 -2.55
CA GLY D 256 -45.74 -17.62 -1.90
C GLY D 256 -46.19 -16.55 -2.86
N MET D 257 -45.59 -16.52 -4.06
CA MET D 257 -45.99 -15.52 -5.08
C MET D 257 -47.43 -15.82 -5.51
N LEU D 258 -47.69 -17.07 -5.88
CA LEU D 258 -49.05 -17.48 -6.32
C LEU D 258 -50.12 -17.36 -5.25
N GLY D 259 -49.87 -18.01 -4.11
CA GLY D 259 -50.78 -18.03 -2.96
C GLY D 259 -50.99 -16.62 -2.41
N GLY D 260 -49.89 -15.87 -2.26
CA GLY D 260 -49.98 -14.46 -1.75
C GLY D 260 -50.67 -13.49 -2.68
N SER D 261 -50.74 -13.81 -3.96
CA SER D 261 -51.42 -12.87 -4.91
C SER D 261 -52.96 -13.04 -4.78
N MET D 262 -53.41 -14.18 -4.27
CA MET D 262 -54.85 -14.46 -4.25
C MET D 262 -55.68 -13.41 -3.45
N PRO D 263 -55.27 -13.12 -2.20
CA PRO D 263 -56.03 -12.09 -1.47
C PRO D 263 -55.90 -10.74 -2.13
N LEU D 264 -54.70 -10.42 -2.66
CA LEU D 264 -54.48 -9.12 -3.28
C LEU D 264 -55.50 -8.93 -4.42
N LEU D 265 -55.64 -9.96 -5.23
CA LEU D 265 -56.53 -9.87 -6.36
C LEU D 265 -57.99 -9.95 -5.92
N HIS D 266 -58.28 -10.82 -4.96
CA HIS D 266 -59.65 -10.93 -4.46
C HIS D 266 -60.20 -9.57 -3.94
N ARG D 267 -59.39 -8.84 -3.20
CA ARG D 267 -59.80 -7.56 -2.61
C ARG D 267 -60.01 -6.39 -3.59
N ARG D 268 -59.59 -6.57 -4.84
CA ARG D 268 -59.57 -5.49 -5.83
C ARG D 268 -60.23 -5.92 -7.16
N PRO D 269 -61.58 -6.00 -7.17
CA PRO D 269 -62.24 -6.30 -8.44
C PRO D 269 -61.84 -5.34 -9.57
N ASP D 270 -61.50 -4.10 -9.27
CA ASP D 270 -61.18 -3.14 -10.32
C ASP D 270 -59.93 -3.55 -11.07
N GLN D 271 -58.99 -4.10 -10.33
CA GLN D 271 -57.72 -4.52 -10.86
C GLN D 271 -57.97 -5.84 -11.62
N ARG D 272 -58.81 -6.74 -11.11
CA ARG D 272 -59.04 -7.98 -11.89
C ARG D 272 -59.72 -7.53 -13.16
N ARG D 273 -60.62 -6.56 -13.07
CA ARG D 273 -61.34 -6.17 -14.27
C ARG D 273 -60.36 -5.70 -15.37
N LEU D 274 -59.31 -4.95 -15.00
CA LEU D 274 -58.35 -4.46 -15.95
C LEU D 274 -57.76 -5.63 -16.75
N LEU D 275 -57.50 -6.72 -16.05
CA LEU D 275 -56.90 -7.93 -16.67
C LEU D 275 -57.91 -8.86 -17.35
N LEU D 276 -59.14 -8.85 -16.88
CA LEU D 276 -60.27 -9.56 -17.56
C LEU D 276 -60.54 -8.97 -18.96
N ASP D 277 -60.48 -7.64 -19.03
CA ASP D 277 -60.76 -6.87 -20.25
C ASP D 277 -59.55 -6.82 -21.16
N ASP D 278 -58.37 -6.92 -20.56
CA ASP D 278 -57.12 -6.86 -21.30
C ASP D 278 -56.07 -7.82 -20.70
N PRO D 279 -56.16 -9.08 -21.10
CA PRO D 279 -55.20 -10.07 -20.60
C PRO D 279 -53.74 -9.74 -20.95
N GLU D 280 -53.48 -8.87 -21.93
CA GLU D 280 -52.10 -8.56 -22.30
C GLU D 280 -51.48 -7.72 -21.19
N GLY D 281 -52.29 -7.26 -20.26
CA GLY D 281 -51.76 -6.56 -19.11
C GLY D 281 -51.14 -7.47 -18.07
N ILE D 282 -51.29 -8.78 -18.24
CA ILE D 282 -50.92 -9.76 -17.21
C ILE D 282 -49.41 -9.73 -16.92
N PRO D 283 -48.58 -9.59 -17.95
CA PRO D 283 -47.15 -9.56 -17.59
C PRO D 283 -46.82 -8.39 -16.69
N ASP D 284 -47.36 -7.20 -16.96
CA ASP D 284 -47.11 -6.10 -16.05
C ASP D 284 -47.67 -6.37 -14.68
N ALA D 285 -48.81 -7.03 -14.63
CA ALA D 285 -49.50 -7.30 -13.39
C ALA D 285 -48.58 -8.20 -12.57
N VAL D 286 -47.89 -9.10 -13.26
CA VAL D 286 -47.04 -10.10 -12.56
C VAL D 286 -45.92 -9.38 -11.83
N GLU D 287 -45.38 -8.33 -12.42
CA GLU D 287 -44.30 -7.55 -11.78
C GLU D 287 -44.83 -6.89 -10.52
N GLU D 288 -46.07 -6.38 -10.59
CA GLU D 288 -46.69 -5.71 -9.45
C GLU D 288 -47.00 -6.69 -8.32
N LEU D 289 -47.38 -7.90 -8.70
CA LEU D 289 -47.64 -8.89 -7.69
C LEU D 289 -46.35 -9.44 -7.04
N LEU D 290 -45.30 -9.57 -7.85
CA LEU D 290 -43.99 -9.96 -7.35
C LEU D 290 -43.50 -8.88 -6.42
N ARG D 291 -43.82 -7.60 -6.73
CA ARG D 291 -43.44 -6.52 -5.81
C ARG D 291 -44.09 -6.68 -4.44
N LEU D 292 -45.40 -6.91 -4.47
CA LEU D 292 -46.23 -6.86 -3.24
C LEU D 292 -46.09 -8.14 -2.42
N THR D 293 -45.92 -9.26 -3.07
CA THR D 293 -45.77 -10.51 -2.32
C THR D 293 -44.32 -10.77 -1.84
N SER D 294 -43.35 -10.34 -2.66
N SER D 294 -43.35 -10.36 -2.66
CA SER D 294 -41.91 -10.43 -2.33
CA SER D 294 -41.93 -10.45 -2.34
C SER D 294 -41.59 -11.67 -1.47
C SER D 294 -41.60 -11.68 -1.46
N PRO D 295 -41.78 -12.88 -2.03
CA PRO D 295 -41.76 -14.09 -1.23
C PRO D 295 -40.50 -14.23 -0.36
N VAL D 296 -39.32 -13.89 -0.92
CA VAL D 296 -38.15 -13.70 -0.07
C VAL D 296 -38.30 -12.27 0.46
N GLN D 297 -38.80 -12.17 1.69
CA GLN D 297 -39.05 -10.89 2.35
C GLN D 297 -37.76 -10.23 2.87
N GLY D 298 -36.80 -11.06 3.26
CA GLY D 298 -35.46 -10.58 3.70
C GLY D 298 -34.39 -11.68 3.63
N LEU D 299 -33.13 -11.29 3.40
CA LEU D 299 -31.99 -12.18 3.59
C LEU D 299 -30.83 -11.32 4.07
N ALA D 300 -29.94 -11.95 4.81
CA ALA D 300 -28.87 -11.20 5.47
C ALA D 300 -27.58 -11.20 4.65
N ARG D 301 -26.68 -10.30 5.09
CA ARG D 301 -25.32 -10.25 4.55
C ARG D 301 -24.46 -9.98 5.79
N THR D 302 -23.14 -10.12 5.64
CA THR D 302 -22.21 -9.77 6.73
C THR D 302 -21.27 -8.68 6.22
N THR D 303 -21.16 -7.60 6.98
CA THR D 303 -20.29 -6.50 6.54
C THR D 303 -18.83 -6.96 6.65
N THR D 304 -18.04 -6.62 5.61
CA THR D 304 -16.60 -6.92 5.55
C THR D 304 -15.73 -5.71 6.00
N ARG D 305 -16.37 -4.56 6.24
CA ARG D 305 -15.72 -3.34 6.76
C ARG D 305 -16.81 -2.44 7.34
N ASP D 306 -16.42 -1.40 8.08
CA ASP D 306 -17.37 -0.43 8.62
C ASP D 306 -18.08 0.18 7.42
N VAL D 307 -19.38 0.40 7.51
CA VAL D 307 -20.08 1.10 6.42
C VAL D 307 -21.06 2.10 7.02
N THR D 308 -21.06 3.31 6.50
CA THR D 308 -21.94 4.34 7.07
C THR D 308 -23.07 4.62 6.10
N ILE D 309 -24.28 4.45 6.60
CA ILE D 309 -25.50 4.76 5.84
C ILE D 309 -26.27 5.83 6.58
N GLY D 310 -26.32 7.03 6.01
CA GLY D 310 -26.85 8.19 6.71
C GLY D 310 -26.05 8.53 7.95
N ASP D 311 -26.74 8.62 9.08
CA ASP D 311 -26.10 8.97 10.32
C ASP D 311 -25.79 7.68 11.10
N THR D 312 -25.79 6.54 10.40
CA THR D 312 -25.51 5.31 11.16
C THR D 312 -24.32 4.53 10.61
N THR D 313 -23.36 4.21 11.45
CA THR D 313 -22.24 3.35 11.02
C THR D 313 -22.44 1.92 11.47
N ILE D 314 -22.51 0.99 10.53
CA ILE D 314 -22.53 -0.46 10.86
C ILE D 314 -21.07 -0.95 10.93
N PRO D 315 -20.66 -1.56 12.06
CA PRO D 315 -19.28 -2.02 12.23
C PRO D 315 -19.00 -3.17 11.27
N ALA D 316 -17.75 -3.26 10.86
CA ALA D 316 -17.18 -4.51 10.26
C ALA D 316 -17.60 -5.77 11.05
N GLY D 317 -17.97 -6.82 10.34
CA GLY D 317 -18.31 -8.07 10.97
C GLY D 317 -19.71 -8.28 11.55
N ARG D 318 -20.63 -7.39 11.28
CA ARG D 318 -21.99 -7.58 11.78
C ARG D 318 -22.89 -8.03 10.65
N ARG D 319 -23.91 -8.79 11.00
CA ARG D 319 -24.89 -9.12 10.00
C ARG D 319 -25.84 -7.95 9.77
N VAL D 320 -26.34 -7.90 8.56
CA VAL D 320 -27.33 -6.88 8.14
C VAL D 320 -28.43 -7.54 7.33
N LEU D 321 -29.67 -7.46 7.84
CA LEU D 321 -30.80 -8.01 7.15
C LEU D 321 -31.33 -7.05 6.06
N LEU D 322 -31.29 -7.50 4.79
CA LEU D 322 -31.84 -6.72 3.66
C LEU D 322 -33.30 -7.04 3.50
N LEU D 323 -34.16 -6.09 3.89
CA LEU D 323 -35.63 -6.34 3.83
C LEU D 323 -36.14 -6.03 2.42
N TYR D 324 -35.90 -6.97 1.50
CA TYR D 324 -36.48 -6.93 0.14
C TYR D 324 -37.95 -6.61 0.18
N GLY D 325 -38.65 -7.22 1.13
CA GLY D 325 -40.13 -7.01 1.26
C GLY D 325 -40.50 -5.57 1.57
N SER D 326 -39.64 -4.88 2.32
CA SER D 326 -39.86 -3.51 2.73
C SER D 326 -39.41 -2.55 1.60
N ALA D 327 -38.24 -2.84 1.01
CA ALA D 327 -37.67 -2.03 -0.11
C ALA D 327 -38.73 -1.97 -1.21
N ASN D 328 -39.36 -3.11 -1.46
CA ASN D 328 -40.42 -3.23 -2.47
C ASN D 328 -41.69 -2.41 -2.16
N ARG D 329 -41.81 -1.96 -0.92
CA ARG D 329 -42.97 -1.22 -0.47
C ARG D 329 -42.60 0.23 -0.04
N ASP D 330 -41.42 0.69 -0.43
CA ASP D 330 -40.93 2.01 0.00
C ASP D 330 -41.60 3.11 -0.85
N GLU D 331 -42.40 3.92 -0.16
CA GLU D 331 -43.07 5.07 -0.75
C GLU D 331 -42.04 6.01 -1.43
N ARG D 332 -40.77 5.94 -1.00
CA ARG D 332 -39.74 6.79 -1.58
C ARG D 332 -39.44 6.39 -2.99
N GLN D 333 -39.68 5.11 -3.28
CA GLN D 333 -39.41 4.56 -4.58
C GLN D 333 -40.68 4.40 -5.39
N TYR D 334 -41.74 3.96 -4.75
CA TYR D 334 -42.97 3.67 -5.49
C TYR D 334 -44.10 4.66 -5.26
N GLY D 335 -43.85 5.68 -4.45
CA GLY D 335 -44.90 6.72 -4.19
C GLY D 335 -45.90 6.43 -3.05
N PRO D 336 -46.77 7.39 -2.72
CA PRO D 336 -47.54 7.20 -1.48
C PRO D 336 -48.54 6.05 -1.51
N ASP D 337 -48.78 5.49 -2.68
CA ASP D 337 -49.66 4.36 -2.81
C ASP D 337 -48.90 3.03 -2.93
N ALA D 338 -47.66 3.02 -2.47
CA ALA D 338 -46.82 1.80 -2.49
C ALA D 338 -47.49 0.57 -1.91
N ALA D 339 -48.39 0.76 -0.93
CA ALA D 339 -48.99 -0.37 -0.27
C ALA D 339 -50.10 -1.05 -1.06
N GLU D 340 -50.51 -0.44 -2.17
CA GLU D 340 -51.73 -0.83 -2.88
C GLU D 340 -51.39 -1.49 -4.19
N LEU D 341 -52.28 -2.34 -4.65
CA LEU D 341 -52.11 -3.05 -5.91
C LEU D 341 -52.47 -2.10 -7.04
N ASP D 342 -51.54 -1.90 -7.97
CA ASP D 342 -51.82 -1.19 -9.18
C ASP D 342 -51.20 -1.98 -10.29
N VAL D 343 -52.01 -2.79 -10.97
CA VAL D 343 -51.41 -3.64 -12.02
C VAL D 343 -50.84 -2.86 -13.21
N THR D 344 -51.10 -1.54 -13.27
CA THR D 344 -50.54 -0.74 -14.34
C THR D 344 -49.32 0.08 -13.91
N ARG D 345 -48.91 -0.11 -12.67
CA ARG D 345 -47.74 0.59 -12.14
C ARG D 345 -46.44 0.41 -12.95
N CYS D 346 -46.17 -0.80 -13.45
CA CYS D 346 -44.87 -1.12 -14.08
C CYS D 346 -43.72 -0.73 -13.14
N PRO D 347 -43.71 -1.30 -11.95
CA PRO D 347 -42.71 -0.88 -10.92
C PRO D 347 -41.29 -1.21 -11.43
N ARG D 348 -40.35 -0.29 -11.24
CA ARG D 348 -39.00 -0.60 -11.67
C ARG D 348 -38.10 -0.93 -10.48
N ASN D 349 -37.00 -1.65 -10.79
CA ASN D 349 -36.02 -1.99 -9.79
C ASN D 349 -36.64 -2.65 -8.56
N ILE D 350 -37.56 -3.59 -8.79
CA ILE D 350 -38.08 -4.35 -7.69
C ILE D 350 -36.97 -5.21 -7.10
N LEU D 351 -37.13 -5.56 -5.82
CA LEU D 351 -36.08 -6.31 -5.08
C LEU D 351 -36.43 -7.77 -4.91
N THR D 352 -37.50 -8.23 -5.56
CA THR D 352 -37.99 -9.61 -5.31
C THR D 352 -36.96 -10.67 -5.61
N PHE D 353 -36.16 -10.39 -6.64
CA PHE D 353 -35.11 -11.30 -7.08
C PHE D 353 -33.72 -10.88 -6.67
N SER D 354 -33.64 -10.02 -5.66
CA SER D 354 -32.38 -9.33 -5.33
C SER D 354 -31.83 -8.50 -6.49
N HIS D 355 -30.54 -8.13 -6.39
CA HIS D 355 -29.95 -7.27 -7.40
C HIS D 355 -28.46 -7.50 -7.28
N GLY D 356 -27.77 -7.53 -8.41
CA GLY D 356 -26.32 -7.73 -8.35
C GLY D 356 -25.93 -9.17 -8.62
N ALA D 357 -24.83 -9.59 -7.99
CA ALA D 357 -24.19 -10.86 -8.40
C ALA D 357 -25.14 -12.04 -8.31
N HIS D 358 -25.97 -12.05 -7.28
CA HIS D 358 -26.83 -13.20 -6.97
C HIS D 358 -28.25 -13.11 -7.54
N HIS D 359 -28.52 -12.13 -8.38
CA HIS D 359 -29.86 -11.90 -8.88
C HIS D 359 -30.45 -13.25 -9.28
N CYS D 360 -31.68 -13.55 -8.84
CA CYS D 360 -32.24 -14.92 -9.01
C CYS D 360 -32.13 -15.45 -10.43
N LEU D 361 -31.53 -16.62 -10.58
CA LEU D 361 -31.41 -17.26 -11.87
C LEU D 361 -32.76 -17.74 -12.38
N GLY D 362 -33.69 -18.02 -11.47
CA GLY D 362 -35.02 -18.50 -11.87
C GLY D 362 -36.02 -17.36 -12.11
N ALA D 363 -35.55 -16.14 -12.20
CA ALA D 363 -36.47 -14.98 -12.30
C ALA D 363 -37.48 -15.14 -13.44
N ALA D 364 -37.01 -15.52 -14.63
CA ALA D 364 -37.87 -15.75 -15.82
C ALA D 364 -38.84 -16.93 -15.58
N ALA D 365 -38.32 -18.00 -14.96
CA ALA D 365 -39.18 -19.13 -14.70
C ALA D 365 -40.30 -18.84 -13.71
N ALA D 366 -40.02 -18.06 -12.67
CA ALA D 366 -41.01 -17.67 -11.67
C ALA D 366 -42.07 -16.77 -12.35
N ARG D 367 -41.58 -15.83 -13.13
CA ARG D 367 -42.44 -14.90 -13.88
C ARG D 367 -43.38 -15.68 -14.81
N MET D 368 -42.83 -16.67 -15.51
CA MET D 368 -43.66 -17.51 -16.38
C MET D 368 -44.78 -18.28 -15.65
N GLN D 369 -44.48 -18.86 -14.49
CA GLN D 369 -45.51 -19.54 -13.70
C GLN D 369 -46.59 -18.59 -13.21
N CYS D 370 -46.15 -17.45 -12.67
CA CYS D 370 -47.12 -16.44 -12.29
C CYS D 370 -48.05 -16.11 -13.47
N ARG D 371 -47.44 -15.84 -14.63
CA ARG D 371 -48.22 -15.40 -15.83
C ARG D 371 -49.23 -16.47 -16.20
N VAL D 372 -48.76 -17.71 -16.37
CA VAL D 372 -49.68 -18.82 -16.71
C VAL D 372 -50.80 -19.01 -15.67
N ALA D 373 -50.46 -18.89 -14.40
CA ALA D 373 -51.42 -19.15 -13.37
C ALA D 373 -52.48 -18.04 -13.41
N LEU D 374 -52.03 -16.81 -13.48
CA LEU D 374 -52.99 -15.71 -13.41
C LEU D 374 -53.90 -15.73 -14.65
N THR D 375 -53.33 -16.06 -15.81
CA THR D 375 -54.08 -16.19 -17.03
C THR D 375 -55.22 -17.22 -16.85
N GLU D 376 -54.91 -18.41 -16.37
CA GLU D 376 -55.95 -19.45 -16.26
C GLU D 376 -56.94 -19.24 -15.11
N LEU D 377 -56.45 -18.63 -14.03
CA LEU D 377 -57.33 -18.29 -12.95
C LEU D 377 -58.40 -17.31 -13.44
N LEU D 378 -57.95 -16.29 -14.18
CA LEU D 378 -58.86 -15.26 -14.69
C LEU D 378 -59.80 -15.85 -15.73
N ALA D 379 -59.33 -16.84 -16.50
CA ALA D 379 -60.13 -17.45 -17.59
C ALA D 379 -61.14 -18.48 -17.11
N ARG D 380 -60.82 -19.13 -16.01
CA ARG D 380 -61.62 -20.26 -15.56
C ARG D 380 -62.32 -20.02 -14.24
N CYS D 381 -61.78 -19.08 -13.44
CA CYS D 381 -62.31 -18.84 -12.10
C CYS D 381 -62.29 -17.36 -11.74
N PRO D 382 -62.82 -16.52 -12.64
CA PRO D 382 -62.96 -15.08 -12.37
C PRO D 382 -63.77 -14.84 -11.08
N ASP D 383 -64.85 -15.59 -10.90
CA ASP D 383 -65.61 -15.57 -9.64
C ASP D 383 -65.04 -16.54 -8.58
N PHE D 384 -63.86 -16.22 -8.05
CA PHE D 384 -63.27 -16.97 -6.91
C PHE D 384 -63.41 -16.23 -5.57
N GLU D 385 -63.42 -16.97 -4.47
CA GLU D 385 -63.35 -16.32 -3.17
C GLU D 385 -62.29 -16.92 -2.28
N VAL D 386 -61.56 -16.03 -1.63
CA VAL D 386 -60.61 -16.46 -0.65
C VAL D 386 -60.95 -15.68 0.60
N ALA D 387 -60.83 -16.31 1.76
CA ALA D 387 -60.92 -15.57 2.99
C ALA D 387 -59.52 -15.42 3.50
N GLU D 388 -59.08 -14.19 3.71
CA GLU D 388 -57.75 -13.96 4.30
C GLU D 388 -57.65 -14.50 5.71
N SER D 389 -58.76 -14.39 6.43
CA SER D 389 -58.90 -14.85 7.79
C SER D 389 -58.53 -16.31 7.86
N ARG D 390 -58.75 -17.02 6.75
CA ARG D 390 -58.58 -18.47 6.75
C ARG D 390 -57.25 -18.92 6.14
N ILE D 391 -56.46 -17.97 5.61
CA ILE D 391 -55.13 -18.33 5.12
C ILE D 391 -54.21 -18.77 6.27
N VAL D 392 -53.47 -19.87 6.08
CA VAL D 392 -52.48 -20.25 7.06
C VAL D 392 -51.08 -20.03 6.42
N TRP D 393 -50.22 -19.34 7.15
CA TRP D 393 -48.89 -18.94 6.67
C TRP D 393 -47.87 -19.92 7.24
N SER D 394 -46.89 -20.26 6.43
CA SER D 394 -45.81 -21.10 6.90
C SER D 394 -44.97 -20.35 7.94
N GLY D 395 -44.36 -21.09 8.87
CA GLY D 395 -43.34 -20.51 9.75
C GLY D 395 -42.07 -20.18 8.99
N GLY D 396 -41.14 -19.51 9.66
CA GLY D 396 -39.83 -19.20 9.08
C GLY D 396 -39.79 -17.72 8.85
N SER D 397 -38.66 -17.08 9.14
CA SER D 397 -38.61 -15.63 9.21
C SER D 397 -38.18 -14.96 7.91
N TYR D 398 -37.86 -15.75 6.88
CA TYR D 398 -37.24 -15.16 5.63
C TYR D 398 -38.12 -15.23 4.41
N VAL D 399 -38.84 -16.34 4.28
CA VAL D 399 -39.80 -16.52 3.18
C VAL D 399 -41.25 -16.49 3.64
N ARG D 400 -42.08 -15.64 2.98
CA ARG D 400 -43.52 -15.50 3.31
C ARG D 400 -44.34 -16.26 2.29
N ARG D 401 -44.98 -17.34 2.69
CA ARG D 401 -45.76 -18.16 1.78
C ARG D 401 -46.83 -18.91 2.57
N PRO D 402 -48.02 -19.05 1.99
CA PRO D 402 -49.13 -19.75 2.69
C PRO D 402 -49.01 -21.24 2.56
N LEU D 403 -49.37 -21.92 3.65
CA LEU D 403 -49.49 -23.40 3.69
C LEU D 403 -50.85 -23.75 3.11
N SER D 404 -51.77 -22.79 3.20
CA SER D 404 -53.19 -23.10 2.84
C SER D 404 -53.89 -21.83 2.44
N VAL D 405 -54.58 -21.88 1.31
CA VAL D 405 -55.45 -20.83 0.86
C VAL D 405 -56.77 -21.53 0.43
N PRO D 406 -57.71 -21.69 1.39
CA PRO D 406 -59.06 -22.18 1.15
C PRO D 406 -59.66 -21.36 0.03
N PHE D 407 -60.22 -22.03 -0.96
CA PHE D 407 -60.56 -21.38 -2.23
C PHE D 407 -61.97 -21.84 -2.66
N ARG D 408 -62.80 -20.89 -3.09
CA ARG D 408 -64.16 -21.23 -3.52
C ARG D 408 -64.44 -20.59 -4.86
N VAL D 409 -65.06 -21.38 -5.73
CA VAL D 409 -65.57 -20.95 -7.01
C VAL D 409 -67.04 -21.38 -7.08
#